data_8U1S
#
_entry.id   8U1S
#
_cell.length_a   1.00
_cell.length_b   1.00
_cell.length_c   1.00
_cell.angle_alpha   90.00
_cell.angle_beta   90.00
_cell.angle_gamma   90.00
#
_symmetry.space_group_name_H-M   'P 1'
#
loop_
_entity.id
_entity.type
_entity.pdbx_description
1 polymer Neuraminidase
2 polymer 'mAb-393 heavy chain'
3 polymer 'mAb-393 light chain'
4 non-polymer 2-acetamido-2-deoxy-beta-D-glucopyranose
#
loop_
_entity_poly.entity_id
_entity_poly.type
_entity_poly.pdbx_seq_one_letter_code
_entity_poly.pdbx_strand_id
1 'polypeptide(L)'
;MLPSTIQTLTLFLTSGGVLLSLYVSASLSYLLYSDILLKFSPTEITAPTMPLDCANASNVQAVNRSATKGVTLLLPGPEW
TYPRLSCPGSTFQKALLISPHRFGETKGNSAPLIIREPFVACGPNECKHFALTHYAAQPGGYYNGTRGDRNKLRHLISVK
LGKIPTVENSIFHMAAWSGSACHDGKEWTYIGVDGPDNNALLKVKYGEAYTDTYHSYANNILRTQESACNCIGGNCYLMI
TDGSASGVSECRFLKIREGRIIKEIFPTGRVKHTEECTCGFASNKTIECACRDNRYTAKRPFVKLNVETDTAEIRLMCTD
TYLDTPRPNDGSITGPCESDGDKGSGGIKGGFVHQRMKSKIGRWYSRTMSKTERMGMGLYVKYGGDPWADSDALAFSGVM
VPMKEPGWYSFGFEIKDKKCDVPCIGIEMVHDGGKETWHSAATAIYCLMGSGQLLWDTVTGVDMAL
;
A,B,C,D
2 'polypeptide(L)'
;QVQLQEAGPGLVKPSETLSLTCTVSGGSVSDTSYFWGWIRQPPGKGLEWIGSVSYTGDNYYNPSLRSRVAISLDAPKNRF
SLKLRSVTAADTAVYYCARRPTHFDFWKTFDYWGQGSLVTVSS
;
J,G,E,H
3 'polypeptide(L)'
;DIQMTQSPSTLSASVGDRVTITCRASQSISTWLAWYQQKPGEAPKLLIYKASNLESGVPSRFSGSGSGTEFTLTISSLQP
DDFATYYCQQYNIYSWTFGQGTKVEIK
;
K,I,F,L
#
loop_
_chem_comp.id
_chem_comp.type
_chem_comp.name
_chem_comp.formula
NAG D-saccharide, beta linking 2-acetamido-2-deoxy-beta-D-glucopyranose 'C8 H15 N O6'
#
# COMPACT_ATOMS: atom_id res chain seq x y z
N PRO A 78 -13.99 -12.51 -1.83
CA PRO A 78 -14.18 -12.72 -0.40
C PRO A 78 -15.10 -13.94 -0.16
N GLU A 79 -14.47 -15.14 -0.17
CA GLU A 79 -15.13 -16.44 0.05
C GLU A 79 -14.19 -17.31 0.87
N TRP A 80 -14.77 -18.24 1.58
CA TRP A 80 -14.04 -19.10 2.48
C TRP A 80 -13.04 -19.99 1.80
N THR A 81 -11.92 -20.26 2.45
CA THR A 81 -11.02 -21.22 1.85
C THR A 81 -11.48 -22.62 2.17
N TYR A 82 -11.04 -23.53 1.35
CA TYR A 82 -11.21 -24.95 1.53
C TYR A 82 -9.90 -25.60 1.23
N PRO A 83 -9.63 -26.79 1.73
CA PRO A 83 -8.54 -27.62 1.32
C PRO A 83 -8.71 -27.86 -0.15
N ARG A 84 -7.63 -27.92 -0.90
CA ARG A 84 -7.67 -28.18 -2.33
C ARG A 84 -6.62 -29.20 -2.66
N LEU A 85 -6.70 -29.84 -3.80
CA LEU A 85 -5.65 -30.78 -4.12
C LEU A 85 -4.36 -30.02 -4.32
N SER A 86 -3.27 -30.69 -3.98
CA SER A 86 -1.94 -30.15 -4.08
C SER A 86 -1.49 -30.00 -5.52
N CYS A 87 -0.60 -29.01 -5.75
CA CYS A 87 0.06 -28.71 -7.00
C CYS A 87 1.00 -29.86 -7.38
N PRO A 88 1.00 -30.33 -8.63
CA PRO A 88 1.82 -31.42 -9.07
C PRO A 88 3.27 -31.17 -8.73
N GLY A 89 3.93 -32.22 -8.31
CA GLY A 89 5.32 -32.20 -7.94
C GLY A 89 5.56 -33.40 -7.05
N SER A 90 6.81 -33.79 -6.89
CA SER A 90 7.15 -34.93 -6.07
C SER A 90 8.29 -34.66 -5.12
N THR A 91 8.94 -33.52 -5.22
CA THR A 91 10.06 -33.32 -4.32
C THR A 91 10.07 -31.96 -3.73
N PHE A 92 10.93 -31.75 -2.75
CA PHE A 92 11.10 -30.43 -2.15
C PHE A 92 12.41 -29.80 -2.45
N GLN A 93 12.42 -28.49 -2.60
CA GLN A 93 13.66 -27.75 -2.82
C GLN A 93 13.72 -26.49 -2.00
N LYS A 94 14.93 -26.01 -1.74
CA LYS A 94 15.02 -24.75 -1.02
C LYS A 94 14.31 -23.72 -1.83
N ALA A 95 13.41 -23.03 -1.19
CA ALA A 95 12.60 -22.04 -1.85
C ALA A 95 13.04 -20.62 -1.54
N LEU A 96 13.31 -20.35 -0.27
CA LEU A 96 13.61 -19.00 0.19
C LEU A 96 14.32 -18.96 1.55
N LEU A 97 15.34 -18.13 1.73
CA LEU A 97 15.90 -18.01 3.08
C LEU A 97 15.91 -16.59 3.62
N ILE A 98 15.30 -16.43 4.78
CA ILE A 98 15.30 -15.16 5.45
C ILE A 98 16.31 -15.22 6.56
N SER A 99 17.40 -14.50 6.43
CA SER A 99 18.47 -14.59 7.42
C SER A 99 19.10 -13.23 7.73
N PRO A 100 18.64 -12.43 8.76
CA PRO A 100 19.13 -11.09 9.12
C PRO A 100 20.65 -11.09 9.35
N LEU A 113 14.59 -6.88 14.09
CA LEU A 113 14.09 -7.40 15.36
C LEU A 113 14.72 -8.76 15.73
N ILE A 114 14.71 -9.07 17.06
CA ILE A 114 15.16 -10.35 17.61
C ILE A 114 13.92 -11.17 17.79
N ILE A 115 13.80 -12.20 16.98
CA ILE A 115 12.60 -13.00 16.99
C ILE A 115 12.92 -14.45 17.17
N ARG A 116 11.93 -15.19 17.61
CA ARG A 116 12.02 -16.63 17.80
C ARG A 116 10.76 -17.36 17.40
N GLU A 117 10.90 -18.66 17.20
CA GLU A 117 9.77 -19.55 16.93
C GLU A 117 8.88 -19.07 15.79
N PRO A 118 9.42 -18.93 14.59
CA PRO A 118 8.74 -18.47 13.42
C PRO A 118 7.78 -19.48 12.87
N PHE A 119 6.83 -18.99 12.12
CA PHE A 119 5.95 -19.84 11.35
C PHE A 119 5.39 -19.07 10.18
N VAL A 120 4.84 -19.76 9.21
CA VAL A 120 4.23 -19.09 8.09
C VAL A 120 2.82 -19.52 7.95
N ALA A 121 1.98 -18.57 7.62
CA ALA A 121 0.58 -18.83 7.35
C ALA A 121 0.29 -18.13 6.05
N CYS A 122 -0.59 -18.70 5.18
CA CYS A 122 -0.92 -18.11 3.88
C CYS A 122 -2.42 -18.05 3.66
N GLY A 123 -2.84 -16.93 3.12
CA GLY A 123 -4.21 -16.70 2.74
C GLY A 123 -4.32 -16.88 1.24
N PRO A 124 -5.46 -16.56 0.64
CA PRO A 124 -5.73 -16.70 -0.77
C PRO A 124 -4.72 -16.06 -1.70
N ASN A 125 -4.10 -14.94 -1.30
CA ASN A 125 -3.13 -14.29 -2.16
C ASN A 125 -1.90 -13.70 -1.49
N GLU A 126 -1.65 -14.02 -0.23
CA GLU A 126 -0.47 -13.49 0.45
C GLU A 126 -0.03 -14.44 1.54
N CYS A 127 1.28 -14.43 1.86
CA CYS A 127 1.86 -15.20 2.96
C CYS A 127 2.50 -14.25 3.91
N LYS A 128 2.36 -14.53 5.17
CA LYS A 128 2.97 -13.75 6.20
C LYS A 128 3.86 -14.60 7.04
N HIS A 129 4.93 -14.01 7.44
CA HIS A 129 5.92 -14.65 8.25
C HIS A 129 5.74 -14.16 9.64
N PHE A 130 5.34 -15.06 10.50
CA PHE A 130 5.02 -14.73 11.86
C PHE A 130 6.12 -15.17 12.75
N ALA A 131 6.34 -14.43 13.79
CA ALA A 131 7.32 -14.83 14.77
C ALA A 131 7.02 -14.12 16.03
N LEU A 132 7.65 -14.55 17.11
CA LEU A 132 7.43 -13.81 18.31
C LEU A 132 8.60 -12.90 18.55
N THR A 133 8.29 -11.70 19.00
CA THR A 133 9.31 -10.73 19.31
C THR A 133 9.81 -11.02 20.70
N HIS A 134 11.16 -11.15 20.85
CA HIS A 134 11.87 -11.44 22.10
C HIS A 134 11.74 -10.26 23.07
N ARG A 150 6.42 -16.05 29.33
CA ARG A 150 7.84 -15.99 29.67
C ARG A 150 8.28 -14.55 30.06
N ASN A 151 7.85 -13.55 29.28
CA ASN A 151 8.14 -12.12 29.43
C ASN A 151 6.96 -11.32 28.91
N LYS A 152 6.47 -10.39 29.72
CA LYS A 152 5.29 -9.57 29.42
C LYS A 152 5.41 -8.71 28.16
N LEU A 153 6.63 -8.50 27.67
CA LEU A 153 6.85 -7.68 26.50
C LEU A 153 6.85 -8.47 25.20
N ARG A 154 6.68 -9.78 25.29
CA ARG A 154 6.71 -10.61 24.09
C ARG A 154 5.49 -10.34 23.24
N HIS A 155 5.69 -10.28 21.94
CA HIS A 155 4.58 -10.03 21.00
C HIS A 155 4.53 -10.89 19.77
N LEU A 156 3.32 -11.08 19.28
CA LEU A 156 3.12 -11.76 18.02
C LEU A 156 3.13 -10.73 16.95
N ILE A 157 4.07 -10.90 16.02
CA ILE A 157 4.26 -9.96 14.94
C ILE A 157 4.28 -10.60 13.60
N SER A 158 4.09 -9.79 12.57
CA SER A 158 4.29 -10.34 11.25
C SER A 158 4.81 -9.37 10.21
N VAL A 159 5.46 -9.95 9.20
CA VAL A 159 5.88 -9.23 8.01
C VAL A 159 5.46 -10.02 6.80
N LYS A 160 5.34 -9.38 5.66
CA LYS A 160 5.02 -10.18 4.50
C LYS A 160 6.16 -11.14 4.24
N LEU A 161 5.84 -12.37 3.88
CA LEU A 161 6.90 -13.31 3.62
C LEU A 161 7.75 -12.74 2.49
N GLY A 162 9.05 -12.72 2.70
CA GLY A 162 9.99 -12.16 1.75
C GLY A 162 10.62 -10.89 2.31
N LYS A 163 10.03 -10.36 3.37
CA LYS A 163 10.57 -9.18 4.03
C LYS A 163 11.46 -9.60 5.15
N ILE A 164 12.39 -8.75 5.51
CA ILE A 164 13.22 -9.01 6.66
C ILE A 164 12.46 -8.50 7.88
N PRO A 165 12.28 -9.26 8.97
CA PRO A 165 11.63 -8.79 10.17
C PRO A 165 12.44 -7.72 10.89
N THR A 166 11.95 -6.49 10.77
CA THR A 166 12.51 -5.28 11.32
C THR A 166 11.38 -4.55 12.00
N VAL A 167 11.71 -3.51 12.77
CA VAL A 167 10.65 -2.76 13.45
C VAL A 167 9.83 -1.97 12.48
N GLU A 168 10.44 -1.48 11.42
CA GLU A 168 9.73 -0.70 10.44
C GLU A 168 8.73 -1.58 9.67
N ASN A 169 9.13 -2.81 9.39
CA ASN A 169 8.29 -3.74 8.62
C ASN A 169 7.24 -4.47 9.43
N SER A 170 7.53 -4.75 10.70
CA SER A 170 6.67 -5.57 11.52
C SER A 170 5.46 -4.93 12.12
N ILE A 171 4.33 -5.62 11.99
CA ILE A 171 3.09 -5.20 12.60
C ILE A 171 2.92 -6.04 13.86
N PHE A 172 2.53 -5.44 14.96
CA PHE A 172 2.32 -6.13 16.20
C PHE A 172 0.85 -6.47 16.35
N HIS A 173 0.53 -7.76 16.32
CA HIS A 173 -0.86 -8.18 16.34
C HIS A 173 -1.41 -8.27 17.73
N MET A 174 -0.57 -8.71 18.65
CA MET A 174 -1.00 -8.85 20.05
C MET A 174 0.12 -9.21 20.98
N ALA A 175 -0.05 -8.92 22.26
CA ALA A 175 0.91 -9.38 23.24
C ALA A 175 0.80 -10.89 23.34
N ALA A 176 1.93 -11.59 23.36
CA ALA A 176 1.92 -13.03 23.49
C ALA A 176 3.32 -13.66 23.71
N TRP A 177 3.42 -14.72 24.53
CA TRP A 177 4.64 -15.51 24.60
C TRP A 177 4.53 -16.69 23.66
N SER A 178 3.33 -16.93 23.13
CA SER A 178 3.07 -18.04 22.20
C SER A 178 1.96 -17.70 21.25
N GLY A 179 1.89 -18.34 20.09
CA GLY A 179 0.75 -18.01 19.24
C GLY A 179 0.68 -18.68 17.90
N SER A 180 -0.34 -18.33 17.14
CA SER A 180 -0.62 -18.94 15.85
C SER A 180 -1.36 -17.98 14.97
N ALA A 181 -1.56 -18.36 13.72
CA ALA A 181 -2.33 -17.50 12.83
C ALA A 181 -3.04 -18.37 11.82
N CYS A 182 -4.15 -17.85 11.23
CA CYS A 182 -4.96 -18.61 10.29
C CYS A 182 -5.57 -17.67 9.27
N HIS A 183 -6.08 -18.19 8.18
CA HIS A 183 -6.81 -17.30 7.27
C HIS A 183 -7.98 -18.09 6.79
N ASP A 184 -9.18 -17.57 6.97
CA ASP A 184 -10.35 -18.35 6.61
C ASP A 184 -10.91 -18.08 5.22
N GLY A 185 -10.26 -17.22 4.46
CA GLY A 185 -10.69 -16.83 3.12
C GLY A 185 -11.36 -15.47 3.09
N LYS A 186 -11.78 -14.98 4.23
CA LYS A 186 -12.35 -13.68 4.27
C LYS A 186 -11.44 -12.78 5.06
N GLU A 187 -10.84 -13.32 6.12
CA GLU A 187 -9.92 -12.53 6.93
C GLU A 187 -8.89 -13.39 7.69
N TRP A 188 -7.98 -12.70 8.36
CA TRP A 188 -6.95 -13.31 9.18
C TRP A 188 -7.33 -13.48 10.63
N THR A 189 -6.92 -14.58 11.20
CA THR A 189 -7.17 -14.79 12.61
C THR A 189 -5.81 -14.80 13.27
N TYR A 190 -5.67 -14.03 14.34
CA TYR A 190 -4.41 -13.96 15.06
C TYR A 190 -4.67 -14.47 16.44
N ILE A 191 -3.87 -15.40 16.88
CA ILE A 191 -4.13 -16.05 18.14
C ILE A 191 -2.91 -16.06 19.05
N GLY A 192 -3.11 -15.82 20.34
CA GLY A 192 -1.92 -15.93 21.19
C GLY A 192 -2.16 -15.91 22.67
N VAL A 193 -1.14 -16.25 23.41
CA VAL A 193 -1.24 -16.36 24.85
C VAL A 193 -0.25 -15.49 25.61
N ASP A 194 -0.76 -14.79 26.65
CA ASP A 194 0.00 -13.97 27.59
C ASP A 194 -0.65 -14.17 28.97
N ASN A 199 -1.05 -18.36 35.97
CA ASN A 199 -2.13 -18.67 35.05
C ASN A 199 -1.77 -17.99 33.71
N ALA A 200 -2.63 -18.16 32.68
CA ALA A 200 -2.46 -17.60 31.34
C ALA A 200 -3.78 -17.49 30.60
N LEU A 201 -3.85 -16.51 29.70
CA LEU A 201 -5.03 -16.36 28.87
C LEU A 201 -4.74 -16.42 27.37
N LEU A 202 -5.58 -17.14 26.65
CA LEU A 202 -5.54 -17.20 25.21
C LEU A 202 -6.49 -16.20 24.61
N LYS A 203 -5.99 -15.35 23.76
CA LYS A 203 -6.80 -14.34 23.12
C LYS A 203 -6.94 -14.62 21.66
N VAL A 204 -8.08 -14.28 21.10
CA VAL A 204 -8.28 -14.41 19.67
C VAL A 204 -8.65 -13.07 19.08
N LYS A 205 -7.95 -12.69 18.01
CA LYS A 205 -8.19 -11.46 17.29
C LYS A 205 -8.56 -11.76 15.85
N TYR A 206 -9.61 -11.16 15.36
CA TYR A 206 -10.03 -11.44 14.00
C TYR A 206 -9.94 -10.17 13.23
N GLY A 207 -9.05 -10.15 12.26
CA GLY A 207 -8.83 -8.91 11.56
C GLY A 207 -8.29 -7.91 12.57
N GLU A 208 -9.00 -6.79 12.73
CA GLU A 208 -8.61 -5.74 13.64
C GLU A 208 -9.15 -5.87 15.07
N ALA A 209 -10.21 -6.68 15.27
CA ALA A 209 -10.89 -6.71 16.57
C ALA A 209 -10.60 -7.91 17.43
N TYR A 210 -10.61 -7.69 18.73
CA TYR A 210 -10.43 -8.78 19.64
C TYR A 210 -11.79 -9.39 19.83
N THR A 211 -11.86 -10.71 19.84
CA THR A 211 -13.14 -11.38 19.95
C THR A 211 -13.24 -12.21 21.20
N ASP A 212 -13.04 -13.52 21.10
CA ASP A 212 -13.10 -14.30 22.33
C ASP A 212 -11.79 -14.53 22.98
N THR A 213 -11.87 -15.20 24.13
CA THR A 213 -10.74 -15.62 24.89
C THR A 213 -11.02 -17.00 25.46
N TYR A 214 -9.96 -17.64 25.94
CA TYR A 214 -10.03 -18.92 26.60
C TYR A 214 -9.03 -18.95 27.76
N HIS A 215 -9.45 -19.41 28.92
CA HIS A 215 -8.56 -19.44 30.09
C HIS A 215 -7.87 -20.76 30.24
N SER A 216 -6.64 -20.77 30.77
CA SER A 216 -5.97 -22.05 30.99
C SER A 216 -6.90 -22.94 31.75
N TYR A 217 -6.99 -24.18 31.27
CA TYR A 217 -7.88 -25.20 31.79
C TYR A 217 -7.18 -25.90 32.91
N ALA A 218 -5.90 -26.10 32.70
CA ALA A 218 -5.04 -26.75 33.66
C ALA A 218 -4.53 -25.77 34.68
N ASN A 219 -4.87 -24.48 34.50
CA ASN A 219 -4.35 -23.41 35.36
C ASN A 219 -2.85 -23.54 35.38
N ASN A 220 -2.30 -23.73 34.19
CA ASN A 220 -0.89 -23.97 33.99
C ASN A 220 -0.53 -23.36 32.67
N ILE A 221 0.73 -23.49 32.28
CA ILE A 221 1.17 -22.83 31.08
C ILE A 221 0.36 -23.27 29.91
N LEU A 222 -0.17 -22.27 29.22
CA LEU A 222 -0.99 -22.47 28.05
C LEU A 222 -0.23 -22.05 26.81
N ARG A 223 -0.21 -22.95 25.85
CA ARG A 223 0.43 -22.77 24.56
C ARG A 223 -0.46 -23.26 23.45
N THR A 224 -0.17 -22.84 22.23
CA THR A 224 -0.93 -23.29 21.08
C THR A 224 0.01 -23.81 20.04
N GLN A 225 -0.54 -24.35 18.98
CA GLN A 225 0.30 -24.77 17.88
C GLN A 225 1.12 -23.60 17.49
N GLU A 226 2.43 -23.73 17.38
CA GLU A 226 3.21 -22.59 16.95
C GLU A 226 3.29 -22.67 15.42
N SER A 227 2.15 -22.50 14.77
CA SER A 227 2.03 -22.73 13.34
C SER A 227 0.81 -22.11 12.75
N ALA A 228 0.69 -22.21 11.46
CA ALA A 228 -0.57 -21.82 10.90
C ALA A 228 -1.60 -22.83 11.41
N CYS A 229 -2.87 -22.42 11.65
CA CYS A 229 -3.94 -23.36 12.03
C CYS A 229 -4.68 -23.74 10.73
N ASN A 230 -5.69 -24.58 10.84
CA ASN A 230 -6.36 -25.07 9.64
C ASN A 230 -7.86 -24.73 9.55
N CYS A 231 -8.27 -23.94 8.50
CA CYS A 231 -9.64 -23.45 8.34
C CYS A 231 -10.34 -24.11 7.16
N ILE A 232 -11.59 -24.54 7.41
CA ILE A 232 -12.46 -25.05 6.34
C ILE A 232 -13.74 -24.25 6.37
N GLY A 233 -14.06 -23.57 5.30
CA GLY A 233 -15.26 -22.80 5.39
C GLY A 233 -14.88 -21.75 6.39
N GLY A 234 -15.79 -21.35 7.24
CA GLY A 234 -15.42 -20.31 8.19
C GLY A 234 -14.91 -20.88 9.50
N ASN A 235 -14.78 -22.19 9.60
CA ASN A 235 -14.40 -22.83 10.84
C ASN A 235 -12.90 -23.16 10.92
N CYS A 236 -12.17 -22.47 11.82
CA CYS A 236 -10.73 -22.61 12.01
C CYS A 236 -10.47 -23.53 13.18
N TYR A 237 -9.63 -24.53 12.97
CA TYR A 237 -9.32 -25.45 14.04
C TYR A 237 -7.95 -25.24 14.61
N LEU A 238 -7.94 -24.87 15.87
CA LEU A 238 -6.73 -24.57 16.59
C LEU A 238 -6.40 -25.58 17.67
N MET A 239 -5.19 -26.09 17.71
CA MET A 239 -4.83 -26.94 18.83
C MET A 239 -4.30 -26.07 19.95
N ILE A 240 -4.78 -26.30 21.17
CA ILE A 240 -4.27 -25.60 22.36
C ILE A 240 -3.82 -26.65 23.36
N THR A 241 -2.89 -26.32 24.24
CA THR A 241 -2.47 -27.32 25.20
C THR A 241 -1.96 -26.76 26.53
N ASP A 242 -2.16 -27.51 27.60
CA ASP A 242 -1.65 -27.10 28.90
C ASP A 242 -1.42 -28.24 29.91
N GLY A 243 -0.90 -27.88 31.08
CA GLY A 243 -0.65 -28.85 32.17
C GLY A 243 0.82 -29.03 32.57
N SER A 244 1.72 -28.50 31.76
CA SER A 244 3.18 -28.51 31.92
C SER A 244 3.87 -29.59 31.15
N ALA A 245 4.99 -29.19 30.55
CA ALA A 245 5.82 -30.04 29.72
C ALA A 245 6.48 -31.16 30.50
N SER A 246 6.59 -31.00 31.80
CA SER A 246 7.27 -32.01 32.60
C SER A 246 6.40 -33.22 32.92
N GLY A 247 5.10 -33.15 32.67
CA GLY A 247 4.20 -34.24 33.02
C GLY A 247 3.10 -34.43 32.01
N VAL A 248 1.88 -34.57 32.53
CA VAL A 248 0.72 -34.76 31.71
C VAL A 248 0.26 -33.43 31.16
N SER A 249 0.08 -33.38 29.85
CA SER A 249 -0.27 -32.16 29.15
C SER A 249 -1.34 -32.47 28.12
N GLU A 250 -2.54 -31.97 28.36
CA GLU A 250 -3.68 -32.31 27.54
C GLU A 250 -3.99 -31.26 26.49
N CYS A 251 -4.24 -31.70 25.27
CA CYS A 251 -4.58 -30.76 24.23
C CYS A 251 -6.02 -30.82 23.89
N ARG A 252 -6.55 -29.71 23.43
CA ARG A 252 -7.91 -29.61 22.94
C ARG A 252 -7.93 -28.89 21.63
N PHE A 253 -8.93 -29.16 20.83
CA PHE A 253 -9.07 -28.40 19.61
C PHE A 253 -10.19 -27.41 19.70
N LEU A 254 -9.89 -26.16 19.43
CA LEU A 254 -10.92 -25.16 19.49
C LEU A 254 -11.39 -24.86 18.11
N LYS A 255 -12.70 -24.89 17.94
CA LYS A 255 -13.29 -24.56 16.68
C LYS A 255 -13.66 -23.09 16.77
N ILE A 256 -12.99 -22.29 15.98
CA ILE A 256 -13.14 -20.85 15.98
C ILE A 256 -13.83 -20.33 14.74
N ARG A 257 -14.89 -19.58 14.94
CA ARG A 257 -15.67 -19.03 13.84
C ARG A 257 -15.73 -17.52 13.93
N GLU A 258 -15.07 -16.86 13.00
CA GLU A 258 -14.98 -15.40 12.94
C GLU A 258 -14.48 -14.82 14.26
N GLY A 259 -13.52 -15.49 14.86
CA GLY A 259 -12.91 -15.07 16.10
C GLY A 259 -13.61 -15.57 17.36
N ARG A 260 -14.76 -16.22 17.22
CA ARG A 260 -15.47 -16.69 18.40
C ARG A 260 -15.18 -18.16 18.62
N ILE A 261 -15.14 -18.59 19.87
CA ILE A 261 -14.89 -19.99 20.10
C ILE A 261 -16.23 -20.65 20.25
N ILE A 262 -16.55 -21.51 19.30
CA ILE A 262 -17.86 -22.13 19.28
C ILE A 262 -17.86 -23.52 19.86
N LYS A 263 -16.77 -24.25 19.68
CA LYS A 263 -16.72 -25.59 20.24
C LYS A 263 -15.36 -26.00 20.74
N GLU A 264 -15.32 -26.66 21.87
CA GLU A 264 -14.07 -27.20 22.36
C GLU A 264 -14.12 -28.71 22.25
N ILE A 265 -13.17 -29.26 21.50
CA ILE A 265 -13.08 -30.67 21.20
C ILE A 265 -12.04 -31.39 22.03
N PHE A 266 -12.52 -32.34 22.83
CA PHE A 266 -11.65 -33.11 23.70
C PHE A 266 -11.36 -34.44 23.03
N PRO A 267 -10.09 -34.75 22.75
CA PRO A 267 -9.66 -35.95 22.07
C PRO A 267 -9.74 -37.17 22.92
N THR A 268 -9.85 -38.30 22.24
CA THR A 268 -9.73 -39.63 22.83
C THR A 268 -8.41 -40.24 22.41
N GLY A 269 -8.10 -41.43 22.89
CA GLY A 269 -6.82 -42.05 22.54
C GLY A 269 -5.72 -41.69 23.51
N ARG A 270 -4.51 -41.59 23.00
CA ARG A 270 -3.36 -41.35 23.83
C ARG A 270 -3.28 -39.86 23.98
N VAL A 271 -3.70 -39.37 25.11
CA VAL A 271 -3.82 -37.94 25.30
C VAL A 271 -3.00 -37.43 26.45
N LYS A 272 -2.30 -38.31 27.16
CA LYS A 272 -1.56 -37.85 28.32
C LYS A 272 -0.55 -36.76 27.99
N HIS A 273 0.00 -36.73 26.79
CA HIS A 273 0.92 -35.65 26.50
C HIS A 273 0.96 -35.29 25.03
N THR A 274 0.36 -34.15 24.69
CA THR A 274 0.35 -33.65 23.31
C THR A 274 0.70 -32.16 23.26
N GLU A 275 1.77 -31.78 22.55
CA GLU A 275 2.13 -30.36 22.49
C GLU A 275 2.63 -29.86 21.13
N GLU A 276 2.49 -28.56 20.89
CA GLU A 276 3.09 -27.96 19.70
C GLU A 276 2.84 -28.74 18.41
N CYS A 277 1.57 -29.01 18.12
CA CYS A 277 1.09 -29.80 16.98
C CYS A 277 1.19 -29.05 15.67
N THR A 278 1.77 -29.70 14.68
CA THR A 278 1.83 -29.12 13.37
C THR A 278 0.74 -29.80 12.61
N CYS A 279 -0.26 -29.04 12.13
CA CYS A 279 -1.47 -29.57 11.51
C CYS A 279 -1.59 -29.14 10.06
N GLY A 280 -2.29 -29.99 9.30
CA GLY A 280 -2.61 -29.69 7.91
C GLY A 280 -3.77 -30.56 7.47
N PHE A 281 -4.27 -30.32 6.28
CA PHE A 281 -5.41 -31.11 5.86
C PHE A 281 -5.05 -32.34 5.13
N ALA A 282 -5.66 -33.43 5.51
CA ALA A 282 -5.40 -34.63 4.75
C ALA A 282 -6.41 -34.67 3.66
N SER A 283 -7.59 -34.15 3.95
CA SER A 283 -8.67 -34.16 2.97
C SER A 283 -9.69 -33.15 3.42
N ASN A 284 -10.76 -32.93 2.62
CA ASN A 284 -11.88 -32.04 2.93
C ASN A 284 -12.64 -32.47 4.22
N LYS A 285 -12.47 -33.74 4.67
CA LYS A 285 -13.09 -34.34 5.84
C LYS A 285 -12.20 -34.35 7.08
N THR A 286 -10.90 -34.05 6.94
CA THR A 286 -10.08 -34.19 8.11
C THR A 286 -8.76 -33.45 8.16
N ILE A 287 -8.40 -33.13 9.39
CA ILE A 287 -7.17 -32.47 9.75
C ILE A 287 -6.30 -33.43 10.51
N GLU A 288 -5.06 -33.55 10.12
CA GLU A 288 -4.17 -34.44 10.82
C GLU A 288 -3.03 -33.61 11.39
N CYS A 289 -2.47 -34.03 12.56
CA CYS A 289 -1.36 -33.27 13.18
C CYS A 289 -0.22 -34.14 13.73
N ALA A 290 1.01 -33.73 13.44
CA ALA A 290 2.21 -34.40 13.96
C ALA A 290 2.69 -33.60 15.17
N CYS A 291 2.55 -34.16 16.39
CA CYS A 291 2.77 -33.43 17.66
C CYS A 291 4.07 -33.76 18.39
N ARG A 292 4.49 -32.83 19.23
CA ARG A 292 5.64 -32.95 20.10
C ARG A 292 5.26 -33.76 21.30
N ASP A 293 6.21 -34.52 21.83
CA ASP A 293 5.90 -35.20 23.09
C ASP A 293 7.08 -35.18 24.03
N ASN A 294 7.01 -34.33 25.05
CA ASN A 294 8.13 -34.20 25.95
C ASN A 294 7.92 -35.30 26.96
N ARG A 295 8.83 -35.45 27.91
CA ARG A 295 8.73 -36.42 29.00
C ARG A 295 8.67 -37.91 28.65
N TYR A 296 7.76 -38.33 27.76
CA TYR A 296 7.53 -39.74 27.53
C TYR A 296 8.14 -40.45 26.34
N THR A 297 8.33 -39.82 25.19
CA THR A 297 8.77 -40.62 24.04
C THR A 297 9.37 -39.90 22.86
N ALA A 298 10.12 -40.64 22.06
CA ALA A 298 10.70 -40.14 20.82
C ALA A 298 9.72 -40.20 19.65
N LYS A 299 8.61 -40.87 19.86
CA LYS A 299 7.63 -41.00 18.80
C LYS A 299 6.64 -39.86 18.89
N ARG A 300 6.37 -39.22 17.78
CA ARG A 300 5.40 -38.14 17.81
C ARG A 300 4.00 -38.75 17.86
N PRO A 301 3.07 -38.22 18.65
CA PRO A 301 1.66 -38.51 18.61
C PRO A 301 1.12 -38.02 17.33
N PHE A 302 0.13 -38.70 16.82
CA PHE A 302 -0.48 -38.24 15.60
C PHE A 302 -1.96 -38.11 15.80
N VAL A 303 -2.45 -36.93 15.51
CA VAL A 303 -3.83 -36.59 15.75
C VAL A 303 -4.66 -36.67 14.52
N LYS A 304 -5.81 -37.30 14.59
CA LYS A 304 -6.71 -37.23 13.49
C LYS A 304 -7.98 -36.54 13.96
N LEU A 305 -8.33 -35.44 13.33
CA LEU A 305 -9.52 -34.67 13.65
C LEU A 305 -10.55 -34.72 12.55
N ASN A 306 -11.70 -35.26 12.90
CA ASN A 306 -12.82 -35.38 11.98
C ASN A 306 -13.62 -34.11 12.03
N VAL A 307 -13.63 -33.36 10.94
CA VAL A 307 -14.26 -32.05 10.98
C VAL A 307 -15.74 -32.13 10.68
N GLU A 308 -16.22 -33.29 10.27
CA GLU A 308 -17.64 -33.41 10.04
C GLU A 308 -18.29 -33.74 11.36
N THR A 309 -17.55 -34.44 12.20
CA THR A 309 -18.05 -34.85 13.51
C THR A 309 -17.35 -34.16 14.68
N ASP A 310 -16.38 -33.27 14.44
CA ASP A 310 -15.69 -32.53 15.51
C ASP A 310 -15.20 -33.47 16.57
N THR A 311 -14.60 -34.53 16.10
CA THR A 311 -14.10 -35.56 16.96
C THR A 311 -12.63 -35.81 16.75
N ALA A 312 -11.88 -35.82 17.83
CA ALA A 312 -10.46 -36.03 17.69
C ALA A 312 -10.04 -37.30 18.37
N GLU A 313 -9.05 -37.93 17.78
CA GLU A 313 -8.42 -39.11 18.33
C GLU A 313 -6.93 -39.08 18.14
N ILE A 314 -6.19 -39.46 19.17
CA ILE A 314 -4.76 -39.44 19.07
C ILE A 314 -4.14 -40.78 19.30
N ARG A 315 -3.24 -41.20 18.44
CA ARG A 315 -2.55 -42.44 18.72
C ARG A 315 -1.10 -42.17 18.45
N LEU A 316 -0.22 -42.96 18.99
CA LEU A 316 1.18 -42.70 18.75
C LEU A 316 1.53 -43.13 17.34
N MET A 317 2.36 -42.37 16.61
CA MET A 317 2.73 -42.82 15.26
C MET A 317 3.39 -44.16 15.41
N CYS A 318 3.11 -45.11 14.50
CA CYS A 318 3.67 -46.46 14.54
C CYS A 318 5.01 -46.53 13.83
N THR A 319 5.27 -45.62 12.88
CA THR A 319 6.50 -45.73 12.10
C THR A 319 7.71 -45.90 12.96
N ASP A 320 8.62 -46.77 12.52
CA ASP A 320 9.81 -47.07 13.27
C ASP A 320 10.87 -46.00 13.12
N THR A 321 10.57 -44.97 12.37
CA THR A 321 11.45 -43.85 12.18
C THR A 321 11.09 -42.89 13.28
N TYR A 322 12.02 -42.54 14.13
CA TYR A 322 11.58 -41.71 15.23
C TYR A 322 11.77 -40.29 14.80
N LEU A 323 10.76 -39.48 15.04
CA LEU A 323 10.81 -38.10 14.59
C LEU A 323 11.10 -37.04 15.64
N ASP A 324 11.01 -37.33 16.93
CA ASP A 324 11.26 -36.21 17.84
C ASP A 324 12.75 -36.18 18.13
N THR A 325 13.18 -35.22 18.92
CA THR A 325 14.59 -35.11 19.29
C THR A 325 14.74 -34.74 20.75
N PRO A 326 15.52 -35.46 21.55
CA PRO A 326 16.34 -36.63 21.35
C PRO A 326 15.57 -37.86 20.97
N ARG A 327 16.24 -38.79 20.33
CA ARG A 327 15.62 -40.06 19.98
C ARG A 327 16.62 -41.20 20.06
N PRO A 328 16.17 -42.43 20.32
CA PRO A 328 16.91 -43.66 20.26
C PRO A 328 17.06 -44.00 18.79
N ASN A 329 17.87 -44.98 18.47
CA ASN A 329 18.06 -45.36 17.08
C ASN A 329 16.77 -45.84 16.45
N ASP A 330 16.55 -45.50 15.18
CA ASP A 330 15.34 -45.92 14.49
C ASP A 330 15.20 -47.43 14.55
N GLY A 331 13.99 -47.89 14.83
CA GLY A 331 13.68 -49.31 14.94
C GLY A 331 14.01 -49.91 16.31
N SER A 332 14.51 -49.07 17.24
CA SER A 332 14.98 -49.56 18.56
C SER A 332 13.97 -49.35 19.69
N ILE A 333 12.67 -49.62 19.47
CA ILE A 333 11.65 -49.56 20.56
C ILE A 333 10.83 -50.83 20.39
N THR A 334 11.37 -51.95 20.86
CA THR A 334 10.67 -53.24 20.64
C THR A 334 9.37 -53.26 21.42
N GLY A 335 8.39 -52.48 20.99
CA GLY A 335 7.08 -52.53 21.63
C GLY A 335 6.00 -52.50 20.57
N PRO A 336 4.73 -52.58 20.96
CA PRO A 336 3.55 -52.43 20.13
C PRO A 336 3.64 -51.01 19.63
N CYS A 337 2.87 -50.63 18.57
CA CYS A 337 2.92 -49.28 17.96
C CYS A 337 2.75 -48.18 19.00
N GLU A 338 1.89 -48.44 19.96
CA GLU A 338 1.55 -47.52 21.02
C GLU A 338 2.58 -47.29 22.12
N SER A 339 3.65 -48.10 22.21
CA SER A 339 4.51 -47.93 23.36
C SER A 339 5.39 -46.71 23.36
N ASP A 340 5.80 -46.32 24.56
CA ASP A 340 6.73 -45.25 24.83
C ASP A 340 8.13 -45.77 24.97
N GLY A 341 9.03 -45.34 24.11
CA GLY A 341 10.37 -45.85 24.19
C GLY A 341 11.24 -44.99 25.05
N ASP A 342 12.53 -45.02 24.80
CA ASP A 342 13.44 -44.29 25.65
C ASP A 342 13.61 -42.84 25.24
N LYS A 343 14.41 -42.13 26.03
CA LYS A 343 14.76 -40.72 25.83
C LYS A 343 13.56 -39.79 25.68
N GLY A 344 12.54 -39.96 26.52
CA GLY A 344 11.37 -39.10 26.43
C GLY A 344 11.61 -37.61 26.71
N SER A 345 12.56 -37.29 27.59
CA SER A 345 12.81 -35.89 27.96
C SER A 345 13.34 -35.04 26.81
N GLY A 346 12.85 -33.81 26.71
CA GLY A 346 13.28 -32.90 25.65
C GLY A 346 12.27 -33.04 24.53
N GLY A 347 12.62 -32.63 23.33
CA GLY A 347 11.67 -32.68 22.22
C GLY A 347 11.60 -31.36 21.52
N ILE A 348 11.05 -31.37 20.30
CA ILE A 348 10.92 -30.17 19.50
C ILE A 348 9.83 -30.32 18.42
N LYS A 349 9.14 -29.22 18.09
CA LYS A 349 8.08 -29.19 17.07
C LYS A 349 8.63 -29.66 15.73
N GLY A 350 7.93 -30.58 15.08
CA GLY A 350 8.37 -31.09 13.79
C GLY A 350 7.63 -30.46 12.64
N GLY A 351 8.23 -30.49 11.46
CA GLY A 351 7.56 -29.98 10.28
C GLY A 351 6.66 -31.08 9.81
N PHE A 352 5.58 -30.71 9.17
CA PHE A 352 4.67 -31.68 8.63
C PHE A 352 3.67 -31.09 7.67
N VAL A 353 3.64 -31.63 6.47
CA VAL A 353 2.67 -31.20 5.48
C VAL A 353 2.06 -32.38 4.76
N HIS A 354 0.91 -32.15 4.16
CA HIS A 354 0.30 -33.18 3.36
C HIS A 354 0.35 -32.85 1.91
N GLN A 355 0.47 -33.88 1.11
CA GLN A 355 0.39 -33.72 -0.30
C GLN A 355 -0.88 -34.42 -0.75
N ARG A 356 -1.87 -33.65 -1.11
CA ARG A 356 -3.17 -34.21 -1.43
C ARG A 356 -3.34 -34.42 -2.90
N MET A 357 -3.25 -35.65 -3.35
CA MET A 357 -3.35 -35.96 -4.74
C MET A 357 -4.71 -36.55 -4.93
N LYS A 358 -5.20 -36.61 -6.15
CA LYS A 358 -6.53 -37.15 -6.34
C LYS A 358 -6.74 -38.55 -5.73
N SER A 359 -5.77 -39.44 -5.88
CA SER A 359 -5.93 -40.79 -5.36
C SER A 359 -5.14 -41.16 -4.11
N LYS A 360 -4.11 -40.40 -3.76
CA LYS A 360 -3.25 -40.74 -2.62
C LYS A 360 -2.90 -39.54 -1.77
N ILE A 361 -2.68 -39.76 -0.48
CA ILE A 361 -2.22 -38.68 0.37
C ILE A 361 -0.78 -38.91 0.79
N GLY A 362 0.09 -37.99 0.42
CA GLY A 362 1.48 -38.10 0.79
C GLY A 362 1.68 -37.41 2.10
N ARG A 363 2.62 -37.87 2.90
CA ARG A 363 2.89 -37.19 4.15
C ARG A 363 4.38 -36.91 4.28
N TRP A 364 4.71 -35.64 4.48
CA TRP A 364 6.09 -35.21 4.57
C TRP A 364 6.41 -34.79 5.99
N TYR A 365 7.58 -35.16 6.52
CA TYR A 365 7.97 -34.85 7.90
C TYR A 365 9.39 -34.33 8.03
N SER A 366 9.65 -33.48 9.02
CA SER A 366 11.05 -33.11 9.23
C SER A 366 11.60 -33.78 10.46
N ARG A 367 12.92 -33.92 10.52
CA ARG A 367 13.61 -34.44 11.71
C ARG A 367 15.00 -33.82 11.83
N THR A 368 15.53 -33.66 13.03
CA THR A 368 16.90 -33.13 13.10
C THR A 368 17.86 -34.22 12.72
N MET A 369 19.10 -33.86 12.43
CA MET A 369 20.03 -34.92 12.13
C MET A 369 20.56 -35.47 13.43
N SER A 370 20.77 -34.56 14.37
CA SER A 370 21.26 -34.93 15.69
C SER A 370 20.20 -35.75 16.42
N LYS A 371 20.64 -36.81 17.08
CA LYS A 371 19.71 -37.58 17.93
C LYS A 371 19.87 -36.95 19.30
N THR A 372 20.84 -36.04 19.40
CA THR A 372 21.11 -35.35 20.68
C THR A 372 20.71 -33.89 20.53
N GLU A 373 21.64 -33.02 20.07
CA GLU A 373 21.35 -31.56 19.95
C GLU A 373 20.25 -31.31 18.91
N ARG A 374 19.78 -30.06 18.79
CA ARG A 374 18.80 -29.76 17.71
C ARG A 374 19.65 -29.27 16.54
N MET A 375 20.30 -30.17 15.82
CA MET A 375 21.25 -29.75 14.74
C MET A 375 20.84 -30.34 13.39
N GLY A 376 21.07 -29.63 12.30
CA GLY A 376 20.69 -30.06 10.95
C GLY A 376 19.20 -30.25 10.82
N MET A 377 18.75 -30.64 9.65
CA MET A 377 17.35 -30.96 9.49
C MET A 377 17.15 -31.76 8.21
N GLY A 378 16.59 -32.95 8.33
CA GLY A 378 16.35 -33.82 7.20
C GLY A 378 14.90 -33.86 6.83
N LEU A 379 14.62 -34.26 5.60
CA LEU A 379 13.25 -34.40 5.13
C LEU A 379 12.91 -35.85 4.81
N TYR A 380 11.80 -36.32 5.39
CA TYR A 380 11.30 -37.67 5.20
C TYR A 380 9.92 -37.74 4.59
N VAL A 381 9.66 -38.77 3.79
CA VAL A 381 8.34 -38.91 3.19
C VAL A 381 7.80 -40.33 3.10
N LYS A 382 6.49 -40.44 3.25
CA LYS A 382 5.82 -41.70 3.00
C LYS A 382 4.58 -41.39 2.23
N TYR A 383 4.28 -42.21 1.24
CA TYR A 383 3.08 -41.99 0.48
C TYR A 383 2.00 -42.98 0.78
N GLY A 384 0.84 -42.48 1.15
CA GLY A 384 -0.28 -43.33 1.50
C GLY A 384 -0.08 -43.92 2.88
N GLY A 385 -0.82 -44.96 3.16
CA GLY A 385 -0.74 -45.60 4.46
C GLY A 385 -1.61 -44.94 5.50
N ASP A 386 -1.42 -45.39 6.73
CA ASP A 386 -2.18 -44.97 7.88
C ASP A 386 -1.23 -45.06 9.08
N PRO A 387 -0.56 -43.97 9.49
CA PRO A 387 0.55 -43.95 10.42
C PRO A 387 0.25 -44.54 11.77
N TRP A 388 -1.01 -44.56 12.17
CA TRP A 388 -1.34 -45.12 13.45
C TRP A 388 -1.14 -46.62 13.51
N ALA A 389 -1.11 -47.26 12.36
CA ALA A 389 -0.98 -48.69 12.31
C ALA A 389 0.03 -49.11 11.28
N ASP A 390 1.02 -48.26 11.03
CA ASP A 390 2.00 -48.56 10.00
C ASP A 390 3.44 -48.31 10.44
N SER A 391 4.14 -49.40 10.70
CA SER A 391 5.50 -49.40 11.23
C SER A 391 6.58 -49.12 10.21
N ASP A 392 6.24 -49.11 8.93
CA ASP A 392 7.29 -48.93 7.94
C ASP A 392 7.98 -47.60 8.09
N ALA A 393 9.27 -47.62 7.78
CA ALA A 393 10.12 -46.44 7.83
C ALA A 393 9.75 -45.43 6.79
N LEU A 394 10.03 -44.18 7.10
CA LEU A 394 9.78 -43.10 6.15
C LEU A 394 10.98 -43.05 5.21
N ALA A 395 10.75 -42.71 3.95
CA ALA A 395 11.85 -42.59 3.02
C ALA A 395 12.62 -41.33 3.28
N PHE A 396 13.91 -41.35 3.06
CA PHE A 396 14.70 -40.13 3.20
C PHE A 396 14.75 -39.40 1.88
N SER A 397 14.30 -38.15 1.88
CA SER A 397 14.26 -37.38 0.65
C SER A 397 15.50 -36.52 0.50
N GLY A 398 16.05 -36.11 1.61
CA GLY A 398 17.25 -35.27 1.54
C GLY A 398 17.50 -34.43 2.77
N VAL A 399 18.56 -33.63 2.70
CA VAL A 399 18.98 -32.79 3.79
C VAL A 399 18.54 -31.36 3.56
N MET A 400 17.74 -30.81 4.45
CA MET A 400 17.31 -29.45 4.26
C MET A 400 18.38 -28.53 4.83
N VAL A 401 18.90 -28.92 5.98
CA VAL A 401 19.91 -28.16 6.70
C VAL A 401 21.09 -29.08 7.11
N PRO A 402 22.35 -28.72 6.81
CA PRO A 402 23.58 -29.42 7.15
C PRO A 402 23.75 -29.58 8.64
N MET A 403 24.48 -30.60 9.05
CA MET A 403 24.67 -30.90 10.46
C MET A 403 25.49 -29.90 11.22
N LYS A 404 26.17 -29.01 10.52
CA LYS A 404 26.97 -28.01 11.20
C LYS A 404 26.17 -26.74 11.45
N GLU A 405 24.94 -26.71 10.97
CA GLU A 405 24.10 -25.54 11.12
C GLU A 405 22.98 -25.83 12.12
N PRO A 406 22.54 -24.84 12.90
CA PRO A 406 21.43 -24.94 13.80
C PRO A 406 20.20 -25.32 13.02
N GLY A 407 19.35 -26.12 13.62
CA GLY A 407 18.11 -26.56 13.03
C GLY A 407 17.23 -26.89 14.20
N TRP A 408 16.30 -26.01 14.47
CA TRP A 408 15.44 -26.12 15.61
C TRP A 408 14.03 -26.53 15.26
N TYR A 409 13.12 -25.60 15.36
CA TYR A 409 11.72 -25.86 15.16
C TYR A 409 11.40 -25.87 13.69
N SER A 410 10.49 -26.71 13.26
CA SER A 410 10.06 -26.61 11.88
C SER A 410 8.56 -26.67 11.80
N PHE A 411 8.03 -26.15 10.73
CA PHE A 411 6.58 -26.06 10.57
C PHE A 411 6.08 -26.23 9.17
N GLY A 412 4.85 -26.67 9.05
CA GLY A 412 4.26 -26.77 7.74
C GLY A 412 3.37 -25.58 7.44
N PHE A 413 3.20 -25.31 6.15
CA PHE A 413 2.26 -24.31 5.68
C PHE A 413 1.94 -24.63 4.24
N GLU A 414 0.92 -24.01 3.68
CA GLU A 414 0.68 -24.27 2.26
C GLU A 414 0.47 -22.98 1.53
N ILE A 415 1.11 -22.86 0.37
CA ILE A 415 0.97 -21.63 -0.38
C ILE A 415 -0.16 -21.77 -1.35
N LYS A 416 -1.05 -20.79 -1.40
CA LYS A 416 -2.15 -20.92 -2.31
C LYS A 416 -1.79 -20.44 -3.70
N ASP A 417 -1.90 -21.33 -4.68
CA ASP A 417 -1.66 -21.00 -6.07
C ASP A 417 -3.02 -20.62 -6.61
N LYS A 418 -3.12 -20.26 -7.87
CA LYS A 418 -4.45 -19.87 -8.34
C LYS A 418 -5.42 -21.03 -8.34
N LYS A 419 -4.97 -22.26 -8.68
CA LYS A 419 -5.90 -23.41 -8.79
C LYS A 419 -5.42 -24.68 -8.05
N CYS A 420 -4.43 -24.57 -7.16
CA CYS A 420 -3.96 -25.67 -6.31
C CYS A 420 -3.13 -25.16 -5.12
N ASP A 421 -2.85 -26.04 -4.17
CA ASP A 421 -2.04 -25.64 -3.01
C ASP A 421 -0.62 -26.22 -3.04
N VAL A 422 0.37 -25.49 -2.53
CA VAL A 422 1.73 -26.03 -2.51
C VAL A 422 2.26 -26.32 -1.11
N PRO A 423 2.45 -27.57 -0.72
CA PRO A 423 2.98 -27.95 0.56
C PRO A 423 4.38 -27.35 0.72
N CYS A 424 4.66 -26.73 1.89
CA CYS A 424 5.96 -26.15 2.25
C CYS A 424 6.31 -26.40 3.71
N ILE A 425 7.59 -26.58 3.99
CA ILE A 425 8.10 -26.73 5.34
C ILE A 425 9.14 -25.68 5.68
N GLY A 426 8.96 -24.97 6.78
CA GLY A 426 9.95 -23.99 7.17
C GLY A 426 10.79 -24.47 8.35
N ILE A 427 12.03 -24.00 8.45
CA ILE A 427 12.94 -24.36 9.53
C ILE A 427 13.57 -23.18 10.27
N GLU A 428 13.51 -23.18 11.61
CA GLU A 428 14.15 -22.14 12.43
C GLU A 428 15.63 -22.42 12.63
N MET A 429 16.48 -21.41 12.42
CA MET A 429 17.91 -21.58 12.62
C MET A 429 18.55 -20.48 13.49
N VAL A 430 18.80 -20.79 14.77
CA VAL A 430 19.31 -19.85 15.80
C VAL A 430 20.79 -19.53 15.50
N ALA A 441 16.81 -15.76 14.91
CA ALA A 441 16.87 -17.03 14.22
C ALA A 441 16.34 -16.86 12.78
N ALA A 442 17.10 -17.40 11.79
CA ALA A 442 16.78 -17.36 10.36
C ALA A 442 15.72 -18.39 10.01
N THR A 443 14.94 -18.13 8.96
CA THR A 443 13.94 -19.11 8.57
C THR A 443 14.17 -19.63 7.15
N ALA A 444 14.34 -20.93 7.01
CA ALA A 444 14.51 -21.48 5.67
C ALA A 444 13.22 -22.09 5.21
N ILE A 445 12.86 -21.85 3.98
CA ILE A 445 11.65 -22.44 3.44
C ILE A 445 11.98 -23.43 2.35
N TYR A 446 11.40 -24.62 2.45
CA TYR A 446 11.52 -25.66 1.42
C TYR A 446 10.11 -25.93 0.92
N CYS A 447 9.93 -26.14 -0.41
CA CYS A 447 8.60 -26.37 -1.01
C CYS A 447 8.55 -27.45 -2.06
N LEU A 448 7.35 -27.99 -2.26
CA LEU A 448 7.10 -29.04 -3.23
C LEU A 448 7.01 -28.53 -4.65
N MET A 449 8.15 -28.23 -5.22
CA MET A 449 8.20 -27.69 -6.57
C MET A 449 8.90 -28.63 -7.54
N GLY A 450 8.19 -29.08 -8.56
CA GLY A 450 8.80 -29.99 -9.52
C GLY A 450 9.09 -31.37 -8.94
N SER A 451 10.13 -32.01 -9.47
CA SER A 451 10.52 -33.38 -9.14
C SER A 451 12.04 -33.50 -9.11
N GLY A 452 12.56 -34.63 -8.60
CA GLY A 452 14.00 -34.88 -8.50
C GLY A 452 14.46 -34.89 -7.04
N GLN A 453 15.73 -35.02 -6.81
CA GLN A 453 16.22 -35.10 -5.45
C GLN A 453 16.22 -33.73 -4.82
N LEU A 454 16.07 -33.65 -3.50
CA LEU A 454 16.21 -32.36 -2.85
C LEU A 454 17.70 -32.03 -2.94
N LEU A 455 18.05 -30.79 -3.35
CA LEU A 455 19.44 -30.34 -3.50
C LEU A 455 19.73 -29.27 -2.46
N GLN B 3 39.69 -38.71 -46.60
CA GLN B 3 38.76 -39.34 -47.53
C GLN B 3 37.42 -39.67 -46.82
N LEU B 4 36.45 -40.23 -47.60
CA LEU B 4 35.18 -40.77 -47.11
C LEU B 4 34.49 -41.55 -48.23
N GLN B 5 33.48 -42.32 -47.85
CA GLN B 5 32.61 -43.02 -48.81
C GLN B 5 31.14 -43.17 -48.43
N GLU B 6 30.24 -42.86 -49.38
CA GLU B 6 28.79 -43.02 -49.25
C GLU B 6 28.32 -44.46 -49.33
N ALA B 7 27.34 -44.81 -48.50
CA ALA B 7 26.70 -46.12 -48.56
C ALA B 7 25.26 -46.07 -48.06
N GLY B 8 24.43 -46.99 -48.53
CA GLY B 8 23.06 -47.06 -48.04
C GLY B 8 22.12 -47.42 -49.18
N PRO B 9 20.81 -47.50 -48.93
CA PRO B 9 19.81 -47.91 -49.89
C PRO B 9 19.87 -47.04 -51.12
N GLY B 10 19.82 -47.68 -52.28
CA GLY B 10 19.83 -46.94 -53.54
C GLY B 10 18.42 -46.74 -54.03
N LEU B 11 17.47 -47.24 -53.25
CA LEU B 11 16.06 -47.19 -53.60
C LEU B 11 15.15 -47.10 -52.40
N VAL B 12 14.28 -46.11 -52.45
CA VAL B 12 13.24 -45.85 -51.47
C VAL B 12 11.96 -45.64 -52.28
N LYS B 13 10.81 -45.62 -51.66
CA LYS B 13 9.58 -45.35 -52.40
C LYS B 13 8.91 -44.15 -51.75
N PRO B 14 7.91 -43.50 -52.36
CA PRO B 14 7.26 -42.33 -51.82
C PRO B 14 6.81 -42.61 -50.39
N SER B 15 7.00 -41.60 -49.56
CA SER B 15 6.72 -41.54 -48.12
C SER B 15 7.71 -42.29 -47.24
N GLU B 16 8.73 -42.89 -47.82
CA GLU B 16 9.76 -43.59 -47.05
C GLU B 16 10.85 -42.67 -46.55
N THR B 17 11.80 -43.25 -45.82
CA THR B 17 12.89 -42.47 -45.31
C THR B 17 14.21 -42.87 -45.95
N LEU B 18 14.94 -41.89 -46.43
CA LEU B 18 16.25 -42.07 -47.01
C LEU B 18 17.20 -42.01 -45.86
N SER B 19 18.14 -42.93 -45.78
CA SER B 19 19.05 -42.97 -44.64
C SER B 19 20.51 -43.21 -45.02
N LEU B 20 21.04 -42.44 -45.95
CA LEU B 20 22.39 -42.70 -46.40
C LEU B 20 23.41 -42.37 -45.33
N THR B 21 24.47 -43.15 -45.28
CA THR B 21 25.52 -43.00 -44.30
C THR B 21 26.89 -42.92 -44.99
N CYS B 22 27.85 -42.14 -44.42
CA CYS B 22 29.23 -42.05 -44.93
C CYS B 22 30.25 -42.39 -43.87
N THR B 23 31.28 -43.10 -44.29
CA THR B 23 32.38 -43.44 -43.41
C THR B 23 33.55 -42.50 -43.64
N VAL B 24 34.09 -41.95 -42.55
CA VAL B 24 35.24 -41.06 -42.58
C VAL B 24 36.54 -41.84 -42.53
N SER B 25 37.51 -41.47 -43.36
CA SER B 25 38.78 -42.17 -43.36
C SER B 25 39.99 -41.23 -43.45
N GLY B 26 40.92 -41.36 -42.49
CA GLY B 26 42.09 -40.50 -42.49
C GLY B 26 41.82 -39.13 -41.86
N GLY B 27 40.83 -39.08 -40.99
CA GLY B 27 40.41 -37.87 -40.29
C GLY B 27 39.29 -38.29 -39.37
N SER B 28 38.66 -37.34 -38.69
CA SER B 28 37.62 -37.77 -37.78
C SER B 28 36.47 -36.81 -37.59
N VAL B 29 35.34 -37.42 -37.27
CA VAL B 29 34.09 -36.74 -37.02
C VAL B 29 34.20 -35.86 -35.81
N SER B 30 34.91 -36.32 -34.81
CA SER B 30 35.10 -35.62 -33.55
C SER B 30 35.96 -34.35 -33.65
N ASP B 31 36.60 -34.12 -34.78
CA ASP B 31 37.42 -32.93 -34.92
C ASP B 31 36.49 -31.73 -35.01
N THR B 32 36.63 -30.81 -34.07
CA THR B 32 35.73 -29.67 -33.94
C THR B 32 35.92 -28.63 -35.01
N SER B 33 36.99 -28.77 -35.77
CA SER B 33 37.27 -27.84 -36.85
C SER B 33 36.47 -28.17 -38.09
N TYR B 34 35.74 -29.26 -38.13
CA TYR B 34 35.03 -29.51 -39.37
C TYR B 34 33.53 -29.55 -39.29
N PHE B 35 32.95 -29.07 -40.38
CA PHE B 35 31.55 -29.27 -40.67
C PHE B 35 31.46 -30.37 -41.65
N TRP B 36 30.46 -31.17 -41.52
CA TRP B 36 30.29 -32.26 -42.45
C TRP B 36 28.91 -32.16 -42.99
N GLY B 37 28.71 -32.50 -44.22
CA GLY B 37 27.36 -32.36 -44.67
C GLY B 37 27.07 -32.99 -45.99
N TRP B 38 25.86 -32.73 -46.44
CA TRP B 38 25.36 -33.34 -47.64
C TRP B 38 24.89 -32.36 -48.67
N ILE B 39 25.18 -32.72 -49.91
CA ILE B 39 24.79 -32.02 -51.11
C ILE B 39 24.15 -32.98 -52.07
N ARG B 40 23.12 -32.56 -52.76
CA ARG B 40 22.54 -33.48 -53.72
C ARG B 40 22.42 -32.90 -55.10
N GLN B 41 22.39 -33.78 -56.07
CA GLN B 41 22.24 -33.35 -57.45
C GLN B 41 21.22 -34.17 -58.22
N PRO B 42 19.98 -33.69 -58.35
CA PRO B 42 18.89 -34.36 -59.04
C PRO B 42 19.35 -34.56 -60.48
N PRO B 43 18.90 -35.58 -61.20
CA PRO B 43 19.30 -35.82 -62.56
C PRO B 43 19.00 -34.60 -63.44
N GLY B 44 20.02 -34.20 -64.19
CA GLY B 44 19.95 -33.08 -65.13
C GLY B 44 20.03 -31.71 -64.46
N LYS B 45 20.22 -31.69 -63.15
CA LYS B 45 20.24 -30.44 -62.40
C LYS B 45 21.61 -30.10 -61.86
N GLY B 46 21.73 -28.89 -61.34
CA GLY B 46 22.97 -28.45 -60.72
C GLY B 46 22.95 -28.90 -59.28
N LEU B 47 23.84 -28.36 -58.48
CA LEU B 47 23.94 -28.82 -57.11
C LEU B 47 22.96 -28.10 -56.19
N GLU B 48 22.44 -28.83 -55.21
CA GLU B 48 21.58 -28.29 -54.15
C GLU B 48 22.14 -28.64 -52.80
N TRP B 49 22.41 -27.65 -51.97
CA TRP B 49 22.95 -27.97 -50.66
C TRP B 49 21.85 -28.48 -49.75
N ILE B 50 22.11 -29.52 -48.95
CA ILE B 50 21.08 -29.99 -48.03
C ILE B 50 21.33 -29.47 -46.65
N GLY B 51 22.54 -29.61 -46.18
CA GLY B 51 22.83 -29.20 -44.82
C GLY B 51 24.20 -29.61 -44.34
N SER B 52 24.59 -29.09 -43.19
CA SER B 52 25.87 -29.42 -42.59
C SER B 52 25.81 -29.32 -41.10
N VAL B 53 26.53 -30.18 -40.44
CA VAL B 53 26.58 -30.20 -38.99
C VAL B 53 27.99 -30.28 -38.50
N SER B 54 28.22 -29.99 -37.24
CA SER B 54 29.57 -30.15 -36.74
C SER B 54 29.59 -30.68 -35.34
N TYR B 55 30.75 -31.13 -34.90
CA TYR B 55 30.86 -31.69 -33.56
C TYR B 55 31.11 -30.59 -32.53
N THR B 56 30.22 -29.63 -32.54
CA THR B 56 30.20 -28.51 -31.64
C THR B 56 28.77 -28.42 -31.19
N GLY B 57 27.92 -29.08 -31.98
CA GLY B 57 26.47 -29.04 -31.82
C GLY B 57 25.80 -28.18 -32.88
N ASP B 58 26.57 -27.39 -33.59
CA ASP B 58 26.07 -26.51 -34.64
C ASP B 58 25.42 -27.32 -35.73
N ASN B 59 24.32 -26.82 -36.26
CA ASN B 59 23.67 -27.51 -37.33
C ASN B 59 22.85 -26.61 -38.22
N TYR B 60 23.09 -26.71 -39.52
CA TYR B 60 22.36 -25.92 -40.47
C TYR B 60 21.74 -26.74 -41.55
N TYR B 61 20.56 -26.35 -41.95
CA TYR B 61 19.93 -27.08 -43.02
C TYR B 61 19.35 -26.13 -44.00
N ASN B 62 19.25 -26.60 -45.22
CA ASN B 62 18.60 -25.85 -46.25
C ASN B 62 17.17 -25.68 -45.82
N PRO B 63 16.69 -24.46 -45.59
CA PRO B 63 15.40 -24.14 -45.02
C PRO B 63 14.25 -24.62 -45.86
N SER B 64 14.49 -24.90 -47.14
CA SER B 64 13.39 -25.35 -47.98
C SER B 64 12.95 -26.77 -47.66
N LEU B 65 13.83 -27.58 -47.06
CA LEU B 65 13.44 -28.93 -46.71
C LEU B 65 13.81 -29.21 -45.28
N ARG B 66 14.07 -28.18 -44.50
CA ARG B 66 14.56 -28.39 -43.14
C ARG B 66 13.66 -29.28 -42.33
N SER B 67 12.36 -29.15 -42.57
CA SER B 67 11.35 -29.89 -41.85
C SER B 67 11.40 -31.39 -42.09
N ARG B 68 12.13 -31.85 -43.11
CA ARG B 68 12.21 -33.27 -43.38
C ARG B 68 13.63 -33.82 -43.19
N VAL B 69 14.59 -33.03 -42.71
CA VAL B 69 15.96 -33.53 -42.65
C VAL B 69 16.61 -33.55 -41.28
N ALA B 70 17.32 -34.64 -41.00
CA ALA B 70 18.03 -34.75 -39.74
C ALA B 70 19.46 -35.25 -39.88
N ILE B 71 20.30 -34.46 -40.54
CA ILE B 71 21.67 -34.87 -40.71
C ILE B 71 22.23 -34.89 -39.33
N SER B 72 22.83 -36.01 -39.00
CA SER B 72 23.39 -36.27 -37.69
C SER B 72 24.80 -36.84 -37.75
N LEU B 73 25.54 -36.73 -36.64
CA LEU B 73 26.89 -37.31 -36.56
C LEU B 73 26.97 -38.47 -35.59
N ASP B 74 27.83 -39.44 -35.89
CA ASP B 74 28.15 -40.50 -34.94
C ASP B 74 29.66 -40.58 -34.84
N ALA B 75 30.21 -39.87 -33.85
CA ALA B 75 31.65 -39.82 -33.77
C ALA B 75 32.27 -41.17 -33.46
N PRO B 76 31.79 -41.99 -32.50
CA PRO B 76 32.38 -43.29 -32.19
C PRO B 76 32.55 -44.19 -33.40
N LYS B 77 31.62 -44.11 -34.37
CA LYS B 77 31.71 -44.95 -35.56
C LYS B 77 32.38 -44.21 -36.71
N ASN B 78 32.75 -42.97 -36.44
CA ASN B 78 33.40 -42.06 -37.34
C ASN B 78 32.61 -41.94 -38.66
N ARG B 79 31.29 -41.74 -38.53
CA ARG B 79 30.43 -41.67 -39.71
C ARG B 79 29.32 -40.59 -39.68
N PHE B 80 28.79 -40.25 -40.86
CA PHE B 80 27.71 -39.26 -41.02
C PHE B 80 26.45 -39.91 -41.44
N SER B 81 25.32 -39.33 -41.08
CA SER B 81 24.06 -39.90 -41.54
C SER B 81 23.03 -38.87 -41.98
N LEU B 82 22.55 -39.04 -43.19
CA LEU B 82 21.54 -38.18 -43.78
C LEU B 82 20.21 -38.83 -43.70
N LYS B 83 19.29 -38.19 -43.03
CA LYS B 83 17.99 -38.78 -42.89
C LYS B 83 16.93 -37.89 -43.48
N LEU B 84 16.30 -38.35 -44.55
CA LEU B 84 15.27 -37.55 -45.20
C LEU B 84 13.98 -38.29 -45.18
N ARG B 85 13.04 -37.76 -44.45
CA ARG B 85 11.78 -38.43 -44.28
C ARG B 85 10.76 -37.97 -45.27
N SER B 86 9.73 -38.78 -45.44
CA SER B 86 8.63 -38.49 -46.31
C SER B 86 9.09 -38.15 -47.71
N VAL B 87 9.92 -39.00 -48.31
CA VAL B 87 10.42 -38.68 -49.66
C VAL B 87 9.23 -38.53 -50.61
N THR B 88 9.29 -37.51 -51.47
CA THR B 88 8.19 -37.16 -52.38
C THR B 88 8.46 -37.57 -53.80
N ALA B 89 9.62 -38.16 -53.97
CA ALA B 89 10.25 -38.58 -55.21
C ALA B 89 10.82 -37.41 -56.01
N ALA B 90 10.68 -36.20 -55.49
CA ALA B 90 11.31 -35.04 -56.08
C ALA B 90 12.73 -34.97 -55.55
N ASP B 91 12.99 -35.92 -54.67
CA ASP B 91 14.20 -36.12 -53.94
C ASP B 91 15.12 -37.11 -54.67
N THR B 92 14.74 -37.57 -55.87
CA THR B 92 15.68 -38.45 -56.57
C THR B 92 16.91 -37.61 -56.87
N ALA B 93 18.07 -38.10 -56.48
CA ALA B 93 19.30 -37.34 -56.68
C ALA B 93 20.52 -38.13 -56.36
N VAL B 94 21.66 -37.63 -56.79
CA VAL B 94 22.88 -38.21 -56.29
C VAL B 94 23.17 -37.51 -55.01
N TYR B 95 23.37 -38.24 -53.94
CA TYR B 95 23.68 -37.61 -52.69
C TYR B 95 25.15 -37.74 -52.44
N TYR B 96 25.79 -36.69 -51.96
CA TYR B 96 27.21 -36.75 -51.69
C TYR B 96 27.51 -36.26 -50.29
N CYS B 97 28.53 -36.84 -49.62
CA CYS B 97 29.13 -36.31 -48.38
C CYS B 97 30.31 -35.47 -48.72
N ALA B 98 30.49 -34.44 -47.93
CA ALA B 98 31.63 -33.59 -48.08
C ALA B 98 31.96 -32.91 -46.79
N ARG B 99 33.17 -32.38 -46.68
CA ARG B 99 33.50 -31.65 -45.47
C ARG B 99 33.93 -30.23 -45.73
N ARG B 100 33.74 -29.39 -44.72
CA ARG B 100 34.13 -28.00 -44.76
C ARG B 100 34.94 -27.58 -43.54
N PRO B 101 36.28 -27.52 -43.60
CA PRO B 101 37.11 -27.15 -42.50
C PRO B 101 36.94 -25.69 -42.18
N THR B 102 36.89 -25.37 -40.91
CA THR B 102 36.80 -24.00 -40.48
C THR B 102 38.20 -23.55 -40.24
N HIS B 103 38.98 -23.55 -41.29
CA HIS B 103 40.38 -23.23 -41.17
C HIS B 103 40.53 -21.76 -41.40
N PHE B 104 41.74 -21.22 -41.28
CA PHE B 104 41.88 -19.78 -41.39
C PHE B 104 40.90 -19.15 -40.43
N ASP B 105 39.87 -18.49 -40.95
CA ASP B 105 38.90 -17.83 -40.12
C ASP B 105 37.54 -18.00 -40.78
N PHE B 106 37.25 -19.26 -41.15
CA PHE B 106 36.01 -19.66 -41.84
C PHE B 106 35.93 -19.04 -43.21
N TRP B 107 37.04 -19.02 -43.88
CA TRP B 107 37.09 -18.50 -45.23
C TRP B 107 36.39 -19.45 -46.11
N LYS B 108 35.79 -18.96 -47.19
CA LYS B 108 35.07 -19.86 -48.05
C LYS B 108 35.94 -21.00 -48.41
N THR B 109 35.39 -22.17 -48.17
CA THR B 109 36.08 -23.37 -48.46
C THR B 109 35.08 -24.47 -48.49
N PHE B 110 35.44 -25.53 -49.15
CA PHE B 110 34.70 -26.75 -49.12
C PHE B 110 35.78 -27.69 -49.55
N ASP B 111 35.97 -28.77 -48.84
CA ASP B 111 37.09 -29.65 -49.08
C ASP B 111 36.68 -30.94 -49.80
N TYR B 112 37.15 -32.07 -49.30
CA TYR B 112 36.94 -33.36 -49.91
C TYR B 112 35.49 -33.72 -50.05
N TRP B 113 35.18 -34.25 -51.23
CA TRP B 113 33.87 -34.78 -51.58
C TRP B 113 33.96 -36.27 -51.80
N GLY B 114 32.88 -36.95 -51.48
CA GLY B 114 32.81 -38.38 -51.69
C GLY B 114 32.52 -38.70 -53.13
N GLN B 115 32.06 -39.90 -53.39
CA GLN B 115 31.90 -40.32 -54.76
C GLN B 115 30.48 -40.10 -55.20
N GLY B 116 29.61 -40.17 -54.23
CA GLY B 116 28.20 -40.00 -54.42
C GLY B 116 27.45 -41.30 -54.49
N SER B 117 26.19 -41.23 -54.10
CA SER B 117 25.33 -42.39 -54.16
C SER B 117 23.97 -42.00 -54.69
N LEU B 118 23.58 -42.65 -55.76
CA LEU B 118 22.32 -42.30 -56.39
C LEU B 118 21.17 -43.02 -55.80
N VAL B 119 20.19 -42.25 -55.35
CA VAL B 119 19.02 -42.85 -54.77
C VAL B 119 17.81 -42.51 -55.59
N THR B 120 17.13 -43.55 -56.01
CA THR B 120 15.92 -43.46 -56.80
C THR B 120 14.72 -43.58 -55.91
N VAL B 121 13.71 -42.75 -56.13
CA VAL B 121 12.51 -42.92 -55.34
C VAL B 121 11.42 -43.47 -56.25
N SER B 122 10.91 -44.65 -55.95
CA SER B 122 9.90 -45.26 -56.81
C SER B 122 9.02 -46.29 -56.08
N SER B 123 7.68 -46.25 -56.33
CA SER B 123 6.64 -47.14 -55.77
C SER B 123 7.07 -48.61 -55.65
N ASP C 1 19.34 -17.16 -49.32
CA ASP C 1 18.45 -17.57 -50.41
C ASP C 1 18.70 -16.70 -51.67
N ILE C 2 20.00 -16.52 -52.02
CA ILE C 2 20.47 -15.73 -53.14
C ILE C 2 20.27 -16.46 -54.43
N GLN C 3 19.66 -15.76 -55.37
CA GLN C 3 19.36 -16.38 -56.63
C GLN C 3 20.54 -16.27 -57.53
N MET C 4 21.49 -17.15 -57.28
CA MET C 4 22.72 -17.12 -58.03
C MET C 4 22.41 -17.51 -59.45
N THR C 5 22.86 -16.71 -60.39
CA THR C 5 22.67 -16.99 -61.80
C THR C 5 24.02 -17.14 -62.42
N GLN C 6 24.20 -18.20 -63.18
CA GLN C 6 25.50 -18.41 -63.76
C GLN C 6 25.32 -18.57 -65.26
N SER C 7 26.15 -17.92 -66.05
CA SER C 7 26.02 -17.98 -67.49
C SER C 7 27.35 -17.66 -68.23
N PRO C 8 27.45 -17.96 -69.54
CA PRO C 8 26.54 -18.58 -70.50
C PRO C 8 26.18 -19.96 -70.04
N SER C 9 24.97 -20.45 -70.30
CA SER C 9 24.66 -21.80 -69.82
C SER C 9 25.54 -22.84 -70.51
N THR C 10 25.85 -22.56 -71.77
CA THR C 10 26.69 -23.41 -72.55
C THR C 10 27.80 -22.58 -73.16
N LEU C 11 29.01 -23.07 -73.02
CA LEU C 11 30.18 -22.44 -73.58
C LEU C 11 30.77 -23.41 -74.57
N SER C 12 31.44 -22.88 -75.57
CA SER C 12 32.10 -23.71 -76.58
C SER C 12 33.45 -23.13 -76.84
N ALA C 13 34.47 -23.95 -76.70
CA ALA C 13 35.84 -23.49 -76.82
C ALA C 13 36.78 -24.59 -77.26
N SER C 14 37.92 -24.18 -77.79
CA SER C 14 38.95 -25.12 -78.15
C SER C 14 40.05 -25.09 -77.15
N VAL C 15 41.03 -25.91 -77.39
CA VAL C 15 42.14 -25.97 -76.50
C VAL C 15 43.03 -24.79 -76.76
N GLY C 16 43.33 -24.07 -75.70
CA GLY C 16 44.14 -22.88 -75.76
C GLY C 16 43.28 -21.63 -75.77
N ASP C 17 41.97 -21.78 -75.97
CA ASP C 17 41.11 -20.62 -75.94
C ASP C 17 40.99 -20.10 -74.53
N ARG C 18 40.83 -18.79 -74.39
CA ARG C 18 40.61 -18.23 -73.08
C ARG C 18 39.12 -18.17 -72.85
N VAL C 19 38.71 -18.79 -71.78
CA VAL C 19 37.33 -18.90 -71.40
C VAL C 19 37.03 -18.25 -70.06
N THR C 20 35.92 -17.51 -70.04
CA THR C 20 35.45 -16.85 -68.84
C THR C 20 33.98 -17.21 -68.59
N ILE C 21 33.66 -17.56 -67.34
CA ILE C 21 32.30 -17.87 -66.93
C ILE C 21 31.83 -16.84 -65.90
N THR C 22 30.63 -16.28 -66.08
CA THR C 22 30.18 -15.23 -65.16
C THR C 22 29.08 -15.73 -64.20
N CYS C 23 29.24 -15.40 -62.90
CA CYS C 23 28.34 -15.71 -61.79
C CYS C 23 27.78 -14.42 -61.20
N ARG C 24 26.47 -14.34 -61.08
CA ARG C 24 25.85 -13.14 -60.56
C ARG C 24 24.96 -13.40 -59.35
N ALA C 25 25.21 -12.67 -58.28
CA ALA C 25 24.43 -12.77 -57.07
C ALA C 25 23.28 -11.79 -57.12
N SER C 26 22.17 -12.13 -56.49
CA SER C 26 21.04 -11.22 -56.42
C SER C 26 21.22 -10.16 -55.33
N GLN C 27 22.17 -10.38 -54.44
CA GLN C 27 22.51 -9.48 -53.34
C GLN C 27 24.00 -9.48 -53.27
N SER C 28 24.63 -8.47 -52.70
CA SER C 28 26.06 -8.60 -52.58
C SER C 28 26.41 -9.74 -51.68
N ILE C 29 27.44 -10.48 -52.06
CA ILE C 29 27.95 -11.59 -51.28
C ILE C 29 29.43 -11.35 -51.00
N SER C 30 29.81 -10.08 -51.12
CA SER C 30 31.17 -9.66 -50.89
C SER C 30 32.15 -10.42 -51.71
N THR C 31 33.21 -10.89 -51.08
CA THR C 31 34.27 -11.62 -51.74
C THR C 31 34.14 -13.10 -51.53
N TRP C 32 33.01 -13.56 -51.02
CA TRP C 32 32.91 -14.97 -50.77
C TRP C 32 32.08 -15.69 -51.81
N LEU C 33 32.75 -16.36 -52.71
CA LEU C 33 32.10 -17.10 -53.77
C LEU C 33 33.00 -18.24 -54.19
N ALA C 34 32.48 -19.44 -54.26
CA ALA C 34 33.31 -20.53 -54.73
C ALA C 34 32.92 -20.97 -56.08
N TRP C 35 33.89 -21.52 -56.79
CA TRP C 35 33.63 -22.17 -58.06
C TRP C 35 34.05 -23.62 -57.98
N TYR C 36 33.26 -24.52 -58.53
CA TYR C 36 33.54 -25.94 -58.54
C TYR C 36 33.64 -26.51 -59.94
N GLN C 37 34.50 -27.53 -60.10
CA GLN C 37 34.66 -28.25 -61.35
C GLN C 37 34.12 -29.65 -61.28
N GLN C 38 33.10 -29.95 -62.07
CA GLN C 38 32.49 -31.26 -62.04
C GLN C 38 32.66 -32.05 -63.32
N LYS C 39 33.25 -33.22 -63.18
CA LYS C 39 33.45 -34.06 -64.34
C LYS C 39 32.12 -34.77 -64.49
N PRO C 40 31.65 -35.11 -65.67
CA PRO C 40 30.46 -35.87 -65.80
C PRO C 40 30.65 -37.16 -65.03
N GLY C 41 29.68 -37.53 -64.23
CA GLY C 41 29.76 -38.77 -63.46
C GLY C 41 30.56 -38.71 -62.16
N GLU C 42 31.09 -37.55 -61.79
CA GLU C 42 31.89 -37.45 -60.57
C GLU C 42 31.48 -36.30 -59.67
N ALA C 43 31.82 -36.41 -58.39
CA ALA C 43 31.59 -35.33 -57.45
C ALA C 43 32.44 -34.15 -57.89
N PRO C 44 32.01 -32.90 -57.67
CA PRO C 44 32.74 -31.69 -57.98
C PRO C 44 33.95 -31.48 -57.10
N LYS C 45 34.93 -30.80 -57.65
CA LYS C 45 36.12 -30.38 -56.92
C LYS C 45 36.11 -28.88 -56.74
N LEU C 46 36.58 -28.40 -55.62
CA LEU C 46 36.65 -26.95 -55.49
C LEU C 46 37.80 -26.39 -56.29
N LEU C 47 37.53 -25.36 -57.10
CA LEU C 47 38.60 -24.71 -57.85
C LEU C 47 38.97 -23.37 -57.27
N ILE C 48 37.97 -22.54 -57.09
CA ILE C 48 38.19 -21.19 -56.62
C ILE C 48 37.67 -21.06 -55.25
N TYR C 49 38.58 -20.77 -54.38
CA TYR C 49 38.40 -20.68 -52.96
C TYR C 49 37.59 -19.49 -52.45
N LYS C 50 37.95 -18.27 -52.85
CA LYS C 50 37.34 -17.03 -52.32
C LYS C 50 37.13 -15.98 -53.39
N ALA C 51 36.32 -16.24 -54.41
CA ALA C 51 36.21 -15.41 -55.62
C ALA C 51 37.54 -15.49 -56.44
N SER C 52 38.67 -15.43 -55.74
CA SER C 52 40.06 -15.54 -56.12
C SER C 52 40.74 -16.58 -55.22
N ASN C 53 41.99 -16.32 -54.85
CA ASN C 53 42.88 -17.18 -54.04
C ASN C 53 43.36 -18.45 -54.71
N LEU C 54 42.43 -19.25 -55.24
CA LEU C 54 42.66 -20.51 -55.95
C LEU C 54 42.93 -21.67 -54.99
N GLU C 55 42.09 -22.71 -55.06
CA GLU C 55 42.22 -23.82 -54.13
C GLU C 55 43.48 -24.64 -54.40
N SER C 56 44.01 -25.25 -53.35
CA SER C 56 45.21 -26.04 -53.48
C SER C 56 45.00 -27.21 -54.44
N GLY C 57 45.99 -27.45 -55.28
CA GLY C 57 45.94 -28.56 -56.21
C GLY C 57 45.34 -28.15 -57.56
N VAL C 58 44.81 -26.95 -57.64
CA VAL C 58 44.23 -26.50 -58.89
C VAL C 58 45.44 -26.07 -59.72
N PRO C 59 45.60 -26.53 -60.97
CA PRO C 59 46.82 -26.39 -61.77
C PRO C 59 47.61 -25.07 -61.80
N SER C 60 46.96 -23.90 -61.83
CA SER C 60 47.63 -22.57 -61.90
C SER C 60 46.88 -21.64 -62.80
N ARG C 61 46.42 -22.20 -63.91
CA ARG C 61 45.74 -21.46 -64.96
C ARG C 61 44.41 -20.89 -64.52
N PHE C 62 43.78 -21.52 -63.54
CA PHE C 62 42.50 -21.05 -63.07
C PHE C 62 42.64 -19.88 -62.14
N SER C 63 41.70 -18.97 -62.23
CA SER C 63 41.63 -17.83 -61.33
C SER C 63 40.22 -17.29 -61.25
N GLY C 64 40.07 -16.10 -60.73
CA GLY C 64 38.75 -15.50 -60.63
C GLY C 64 38.78 -14.17 -59.90
N SER C 65 37.63 -13.51 -59.93
CA SER C 65 37.48 -12.21 -59.28
C SER C 65 36.06 -11.81 -58.99
N GLY C 66 35.95 -10.61 -58.41
CA GLY C 66 34.69 -9.97 -58.02
C GLY C 66 34.55 -9.87 -56.49
N SER C 67 33.93 -8.78 -56.03
CA SER C 67 33.74 -8.53 -54.60
C SER C 67 32.34 -8.00 -54.27
N GLY C 68 31.44 -8.02 -55.24
CA GLY C 68 30.09 -7.50 -55.08
C GLY C 68 29.04 -8.50 -55.45
N THR C 69 28.40 -8.25 -56.58
CA THR C 69 27.41 -9.14 -57.09
C THR C 69 27.85 -9.87 -58.33
N GLU C 70 28.84 -9.36 -59.06
CA GLU C 70 29.19 -10.05 -60.30
C GLU C 70 30.63 -10.51 -60.23
N PHE C 71 30.79 -11.82 -60.38
CA PHE C 71 32.04 -12.53 -60.24
C PHE C 71 32.37 -13.35 -61.45
N THR C 72 33.64 -13.58 -61.69
CA THR C 72 34.02 -14.41 -62.84
C THR C 72 35.02 -15.50 -62.54
N LEU C 73 34.94 -16.54 -63.36
CA LEU C 73 35.88 -17.65 -63.38
C LEU C 73 36.76 -17.55 -64.57
N THR C 74 38.05 -17.56 -64.32
CA THR C 74 39.04 -17.50 -65.36
C THR C 74 39.63 -18.88 -65.63
N ILE C 75 39.59 -19.31 -66.88
CA ILE C 75 40.18 -20.57 -67.28
C ILE C 75 41.62 -20.33 -67.73
N SER C 76 41.83 -19.17 -68.36
CA SER C 76 43.09 -18.66 -68.93
C SER C 76 43.47 -19.34 -70.23
N SER C 77 43.69 -20.64 -70.17
CA SER C 77 44.01 -21.46 -71.34
C SER C 77 43.35 -22.80 -71.19
N LEU C 78 42.24 -23.00 -71.88
CA LEU C 78 41.48 -24.23 -71.71
C LEU C 78 42.20 -25.46 -72.20
N GLN C 79 42.26 -26.48 -71.36
CA GLN C 79 42.90 -27.75 -71.67
C GLN C 79 41.85 -28.83 -71.83
N PRO C 80 42.12 -29.97 -72.50
CA PRO C 80 41.22 -31.11 -72.60
C PRO C 80 40.70 -31.55 -71.21
N ASP C 81 41.57 -31.41 -70.22
CA ASP C 81 41.31 -31.78 -68.84
C ASP C 81 40.26 -30.92 -68.18
N ASP C 82 40.02 -29.74 -68.72
CA ASP C 82 39.09 -28.80 -68.13
C ASP C 82 37.75 -28.76 -68.83
N PHE C 83 37.47 -29.70 -69.72
CA PHE C 83 36.14 -29.66 -70.30
C PHE C 83 35.22 -30.38 -69.32
N ALA C 84 34.60 -29.54 -68.50
CA ALA C 84 33.79 -29.89 -67.34
C ALA C 84 32.63 -28.92 -67.12
N THR C 85 31.73 -29.31 -66.24
CA THR C 85 30.61 -28.47 -65.84
C THR C 85 31.09 -27.65 -64.65
N TYR C 86 30.78 -26.38 -64.61
CA TYR C 86 31.23 -25.57 -63.49
C TYR C 86 30.07 -24.98 -62.73
N TYR C 87 30.25 -24.85 -61.42
CA TYR C 87 29.21 -24.26 -60.60
C TYR C 87 29.75 -23.19 -59.68
N CYS C 88 28.97 -22.11 -59.45
CA CYS C 88 29.31 -21.09 -58.45
C CYS C 88 28.36 -21.21 -57.23
N GLN C 89 28.90 -20.90 -56.04
CA GLN C 89 28.12 -20.97 -54.77
C GLN C 89 28.41 -19.82 -53.81
N GLN C 90 27.36 -19.27 -53.20
CA GLN C 90 27.51 -18.15 -52.26
C GLN C 90 28.02 -18.59 -50.91
N TYR C 91 28.16 -17.65 -50.00
CA TYR C 91 28.66 -18.04 -48.70
C TYR C 91 28.09 -17.32 -47.48
N ASN C 92 27.93 -16.02 -47.55
CA ASN C 92 27.59 -15.25 -46.36
C ASN C 92 26.28 -15.66 -45.71
N ILE C 93 25.29 -15.99 -46.51
CA ILE C 93 24.03 -16.42 -45.96
C ILE C 93 24.07 -17.90 -45.91
N TYR C 94 23.92 -18.47 -44.73
CA TYR C 94 24.10 -19.88 -44.61
C TYR C 94 22.87 -20.67 -45.05
N SER C 95 22.61 -20.59 -46.33
CA SER C 95 21.60 -21.32 -47.05
C SER C 95 22.41 -21.91 -48.19
N TRP C 96 23.58 -21.28 -48.41
CA TRP C 96 24.58 -21.59 -49.43
C TRP C 96 24.06 -22.08 -50.75
N THR C 97 23.22 -21.30 -51.39
CA THR C 97 22.71 -21.76 -52.64
C THR C 97 23.75 -21.72 -53.76
N PHE C 98 23.45 -22.49 -54.80
CA PHE C 98 24.26 -22.64 -56.00
C PHE C 98 23.54 -22.11 -57.22
N GLY C 99 24.31 -21.73 -58.23
CA GLY C 99 23.71 -21.32 -59.49
C GLY C 99 23.37 -22.58 -60.27
N GLN C 100 22.84 -22.43 -61.47
CA GLN C 100 22.44 -23.60 -62.24
C GLN C 100 23.64 -24.38 -62.71
N GLY C 101 24.70 -23.66 -63.01
CA GLY C 101 25.93 -24.24 -63.52
C GLY C 101 25.99 -24.05 -65.01
N THR C 102 27.20 -24.13 -65.54
CA THR C 102 27.40 -23.97 -66.97
C THR C 102 28.31 -25.07 -67.45
N LYS C 103 28.29 -25.37 -68.73
CA LYS C 103 29.22 -26.39 -69.21
C LYS C 103 30.08 -25.90 -70.33
N VAL C 104 31.30 -26.44 -70.40
CA VAL C 104 32.18 -26.12 -71.50
C VAL C 104 32.31 -27.30 -72.47
N GLU C 105 31.88 -27.09 -73.71
CA GLU C 105 31.94 -28.09 -74.78
C GLU C 105 33.17 -27.88 -75.62
N ILE C 106 33.65 -28.95 -76.26
CA ILE C 106 34.86 -28.82 -77.06
C ILE C 106 34.57 -28.73 -78.57
N LYS C 107 35.20 -27.73 -79.24
CA LYS C 107 35.17 -27.47 -80.68
C LYS C 107 35.82 -28.65 -81.43
N GLN D 3 15.32 59.60 -36.96
CA GLN D 3 14.38 60.04 -37.96
C GLN D 3 13.80 58.82 -38.72
N LEU D 4 12.52 58.93 -39.17
CA LEU D 4 11.77 57.87 -39.85
C LEU D 4 11.19 58.32 -41.18
N GLN D 5 11.14 57.37 -42.12
CA GLN D 5 10.50 57.53 -43.44
C GLN D 5 9.75 56.27 -43.88
N GLU D 6 8.48 56.40 -44.33
CA GLU D 6 7.79 55.18 -44.76
C GLU D 6 7.88 54.92 -46.25
N ALA D 7 7.34 53.76 -46.65
CA ALA D 7 7.24 53.35 -48.04
C ALA D 7 6.25 52.18 -48.25
N GLY D 8 5.70 52.05 -49.44
CA GLY D 8 4.89 50.88 -49.75
C GLY D 8 3.65 51.25 -50.55
N PRO D 9 2.83 50.27 -50.95
CA PRO D 9 1.65 50.42 -51.78
C PRO D 9 0.67 51.40 -51.20
N GLY D 10 0.18 52.31 -52.05
CA GLY D 10 -0.80 53.30 -51.63
C GLY D 10 -2.22 52.81 -51.90
N LEU D 11 -2.30 51.60 -52.42
CA LEU D 11 -3.59 51.02 -52.74
C LEU D 11 -3.58 49.52 -52.67
N VAL D 12 -4.54 48.99 -51.94
CA VAL D 12 -4.78 47.57 -51.84
C VAL D 12 -6.25 47.33 -52.12
N LYS D 13 -6.62 46.10 -52.46
CA LYS D 13 -8.02 45.78 -52.69
C LYS D 13 -8.57 45.06 -51.46
N PRO D 14 -9.88 44.92 -51.29
CA PRO D 14 -10.46 44.21 -50.20
C PRO D 14 -9.90 42.80 -50.17
N SER D 15 -9.67 42.33 -48.97
CA SER D 15 -9.15 41.03 -48.57
C SER D 15 -7.65 40.85 -48.80
N GLU D 16 -7.00 41.85 -49.39
CA GLU D 16 -5.57 41.79 -49.62
C GLU D 16 -4.80 42.25 -48.41
N THR D 17 -3.53 41.94 -48.38
CA THR D 17 -2.72 42.42 -47.29
C THR D 17 -2.20 43.81 -47.57
N LEU D 18 -1.77 44.47 -46.52
CA LEU D 18 -1.18 45.78 -46.53
C LEU D 18 0.17 45.62 -45.84
N SER D 19 1.23 46.02 -46.50
CA SER D 19 2.56 45.77 -45.96
C SER D 19 3.48 46.96 -45.98
N LEU D 20 3.04 48.09 -45.47
CA LEU D 20 3.91 49.24 -45.45
C LEU D 20 5.09 49.02 -44.55
N THR D 21 6.22 49.55 -44.98
CA THR D 21 7.44 49.45 -44.22
C THR D 21 7.97 50.86 -44.02
N CYS D 22 9.00 51.00 -43.16
CA CYS D 22 9.68 52.24 -42.88
C CYS D 22 11.10 52.00 -42.43
N THR D 23 11.95 53.01 -42.55
CA THR D 23 13.33 52.86 -42.15
C THR D 23 13.85 53.90 -41.18
N VAL D 24 14.94 53.53 -40.52
CA VAL D 24 15.61 54.37 -39.54
C VAL D 24 16.80 55.14 -40.09
N SER D 25 16.86 56.41 -39.73
CA SER D 25 17.98 57.25 -40.09
C SER D 25 18.51 57.98 -38.85
N GLY D 26 19.80 57.83 -38.57
CA GLY D 26 20.36 58.46 -37.38
C GLY D 26 20.10 57.71 -36.06
N GLY D 27 19.92 56.39 -36.16
CA GLY D 27 19.65 55.57 -34.98
C GLY D 27 19.61 54.12 -35.41
N SER D 28 19.18 53.23 -34.51
CA SER D 28 19.16 51.81 -34.84
C SER D 28 18.03 51.03 -34.26
N VAL D 29 17.50 50.14 -35.08
CA VAL D 29 16.45 49.20 -34.74
C VAL D 29 16.90 48.30 -33.62
N SER D 30 18.18 47.95 -33.63
CA SER D 30 18.80 47.05 -32.68
C SER D 30 18.94 47.62 -31.27
N ASP D 31 18.70 48.91 -31.11
CA ASP D 31 18.81 49.55 -29.81
C ASP D 31 17.60 49.22 -28.95
N THR D 32 17.86 48.52 -27.85
CA THR D 32 16.86 47.97 -26.95
C THR D 32 16.10 48.99 -26.16
N SER D 33 16.56 50.24 -26.20
CA SER D 33 15.88 51.29 -25.45
C SER D 33 14.71 51.86 -26.23
N TYR D 34 14.47 51.41 -27.46
CA TYR D 34 13.35 52.01 -28.16
C TYR D 34 12.32 51.05 -28.69
N PHE D 35 11.09 51.50 -28.69
CA PHE D 35 10.00 50.78 -29.35
C PHE D 35 9.58 51.48 -30.62
N TRP D 36 9.25 50.72 -31.62
CA TRP D 36 8.73 51.33 -32.83
C TRP D 36 7.40 50.79 -33.15
N GLY D 37 6.57 51.62 -33.72
CA GLY D 37 5.26 51.13 -34.05
C GLY D 37 4.52 51.96 -35.02
N TRP D 38 3.26 51.59 -35.18
CA TRP D 38 2.44 52.24 -36.15
C TRP D 38 1.16 52.79 -35.58
N ILE D 39 0.81 53.93 -36.13
CA ILE D 39 -0.39 54.70 -35.85
C ILE D 39 -1.13 54.98 -37.13
N ARG D 40 -2.44 54.86 -37.09
CA ARG D 40 -3.19 55.13 -38.29
C ARG D 40 -4.18 56.24 -38.10
N GLN D 41 -4.42 56.98 -39.15
CA GLN D 41 -5.40 58.03 -39.14
C GLN D 41 -6.36 57.97 -40.31
N PRO D 42 -7.55 57.40 -40.15
CA PRO D 42 -8.55 57.26 -41.18
C PRO D 42 -8.95 58.64 -41.63
N PRO D 43 -9.37 58.87 -42.87
CA PRO D 43 -9.84 60.15 -43.32
C PRO D 43 -10.99 60.60 -42.45
N GLY D 44 -10.94 61.83 -41.98
CA GLY D 44 -12.00 62.40 -41.16
C GLY D 44 -11.91 62.00 -39.68
N LYS D 45 -10.91 61.21 -39.32
CA LYS D 45 -10.77 60.72 -37.96
C LYS D 45 -9.49 61.15 -37.25
N GLY D 46 -9.45 60.85 -35.95
CA GLY D 46 -8.31 61.13 -35.13
C GLY D 46 -7.36 59.95 -35.22
N LEU D 47 -6.45 59.84 -34.28
CA LEU D 47 -5.46 58.81 -34.38
C LEU D 47 -5.89 57.53 -33.69
N GLU D 48 -5.61 56.35 -34.27
CA GLU D 48 -5.91 55.05 -33.60
C GLU D 48 -4.67 54.16 -33.51
N TRP D 49 -3.99 54.17 -32.36
CA TRP D 49 -2.71 53.43 -32.26
C TRP D 49 -2.95 52.00 -32.70
N ILE D 50 -1.98 51.38 -33.36
CA ILE D 50 -2.17 50.01 -33.89
C ILE D 50 -1.32 49.13 -33.01
N GLY D 51 -0.01 49.33 -33.01
CA GLY D 51 0.88 48.45 -32.29
C GLY D 51 2.31 48.93 -32.26
N SER D 52 3.13 48.30 -31.43
CA SER D 52 4.54 48.62 -31.34
C SER D 52 5.34 47.43 -30.88
N VAL D 53 6.57 47.36 -31.35
CA VAL D 53 7.44 46.26 -30.96
C VAL D 53 8.85 46.70 -30.58
N SER D 54 9.50 45.88 -29.78
CA SER D 54 10.89 46.11 -29.42
C SER D 54 11.84 45.01 -29.81
N TYR D 55 13.11 45.38 -29.86
CA TYR D 55 14.21 44.50 -30.19
C TYR D 55 14.40 43.42 -29.15
N THR D 56 13.90 43.67 -27.97
CA THR D 56 14.01 42.75 -26.85
C THR D 56 12.88 41.73 -26.82
N GLY D 57 11.95 41.80 -27.78
CA GLY D 57 10.83 40.85 -27.84
C GLY D 57 9.50 41.32 -27.26
N ASP D 58 9.38 42.58 -26.90
CA ASP D 58 8.12 43.07 -26.37
C ASP D 58 7.20 43.42 -27.51
N ASN D 59 6.05 42.77 -27.59
CA ASN D 59 5.19 42.99 -28.77
C ASN D 59 3.79 43.41 -28.37
N TYR D 60 3.52 44.68 -28.12
CA TYR D 60 2.12 45.04 -27.80
C TYR D 60 1.36 45.42 -29.06
N TYR D 61 0.04 45.22 -29.07
CA TYR D 61 -0.78 45.57 -30.26
C TYR D 61 -2.21 45.92 -29.84
N ASN D 62 -2.94 46.67 -30.66
CA ASN D 62 -4.28 47.09 -30.33
C ASN D 62 -5.19 45.90 -30.51
N PRO D 63 -5.82 45.39 -29.43
CA PRO D 63 -6.65 44.21 -29.44
C PRO D 63 -7.75 44.21 -30.47
N SER D 64 -8.27 45.37 -30.86
CA SER D 64 -9.38 45.38 -31.81
C SER D 64 -9.05 44.76 -33.16
N LEU D 65 -7.78 44.76 -33.54
CA LEU D 65 -7.41 44.17 -34.80
C LEU D 65 -6.27 43.23 -34.59
N ARG D 66 -6.08 42.74 -33.36
CA ARG D 66 -4.91 41.93 -33.09
C ARG D 66 -4.76 40.78 -34.06
N SER D 67 -5.86 40.15 -34.40
CA SER D 67 -5.88 38.97 -35.25
C SER D 67 -5.47 39.26 -36.67
N ARG D 68 -5.45 40.53 -37.05
CA ARG D 68 -5.11 40.87 -38.39
C ARG D 68 -3.75 41.51 -38.52
N VAL D 69 -2.96 41.58 -37.44
CA VAL D 69 -1.65 42.22 -37.61
C VAL D 69 -0.46 41.40 -37.18
N ALA D 70 0.68 41.78 -37.73
CA ALA D 70 1.95 41.18 -37.39
C ALA D 70 3.11 42.14 -37.60
N ILE D 71 3.16 43.20 -36.82
CA ILE D 71 4.22 44.19 -36.93
C ILE D 71 5.46 43.56 -36.38
N SER D 72 6.58 43.70 -37.12
CA SER D 72 7.85 43.15 -36.71
C SER D 72 9.04 44.02 -37.10
N LEU D 73 10.19 43.73 -36.50
CA LEU D 73 11.43 44.45 -36.78
C LEU D 73 12.34 43.67 -37.69
N ASP D 74 13.17 44.38 -38.44
CA ASP D 74 14.18 43.74 -39.27
C ASP D 74 15.47 44.55 -39.10
N ALA D 75 16.11 44.31 -37.96
CA ALA D 75 17.26 45.10 -37.56
C ALA D 75 18.42 45.10 -38.53
N PRO D 76 18.80 44.00 -39.19
CA PRO D 76 19.93 43.98 -40.11
C PRO D 76 19.78 44.96 -41.27
N LYS D 77 18.55 45.40 -41.57
CA LYS D 77 18.35 46.34 -42.66
C LYS D 77 17.88 47.68 -42.10
N ASN D 78 17.96 47.75 -40.78
CA ASN D 78 17.62 48.88 -39.93
C ASN D 78 16.24 49.42 -40.25
N ARG D 79 15.28 48.50 -40.38
CA ARG D 79 13.92 48.85 -40.77
C ARG D 79 12.84 48.07 -40.07
N PHE D 80 11.60 48.53 -40.29
CA PHE D 80 10.38 47.99 -39.69
C PHE D 80 9.39 47.59 -40.75
N SER D 81 8.52 46.66 -40.42
CA SER D 81 7.46 46.29 -41.36
C SER D 81 6.14 46.00 -40.68
N LEU D 82 5.06 46.70 -41.08
CA LEU D 82 3.82 46.34 -40.42
C LEU D 82 3.24 45.34 -41.35
N LYS D 83 2.45 44.44 -40.85
CA LYS D 83 1.77 43.56 -41.74
C LYS D 83 0.34 43.51 -41.30
N LEU D 84 -0.54 43.81 -42.22
CA LEU D 84 -1.96 43.82 -41.96
C LEU D 84 -2.69 42.96 -42.97
N ARG D 85 -3.55 42.07 -42.51
CA ARG D 85 -4.24 41.19 -43.44
C ARG D 85 -5.72 41.42 -43.49
N SER D 86 -6.33 40.92 -44.57
CA SER D 86 -7.76 40.97 -44.81
C SER D 86 -8.34 42.36 -44.68
N VAL D 87 -7.81 43.32 -45.41
CA VAL D 87 -8.35 44.67 -45.28
C VAL D 87 -9.75 44.74 -45.89
N THR D 88 -10.69 45.42 -45.24
CA THR D 88 -12.04 45.51 -45.84
C THR D 88 -12.63 46.90 -45.76
N ALA D 89 -12.16 47.82 -46.61
CA ALA D 89 -12.57 49.24 -46.70
C ALA D 89 -12.12 50.09 -45.51
N ALA D 90 -12.38 49.59 -44.32
CA ALA D 90 -12.09 50.22 -43.05
C ALA D 90 -10.62 50.54 -42.86
N ASP D 91 -9.72 49.76 -43.46
CA ASP D 91 -8.30 50.01 -43.25
C ASP D 91 -7.72 51.05 -44.22
N THR D 92 -8.46 52.15 -44.36
CA THR D 92 -8.08 53.28 -45.16
C THR D 92 -7.59 54.31 -44.18
N ALA D 93 -6.34 54.67 -44.28
CA ALA D 93 -5.77 55.58 -43.31
C ALA D 93 -4.43 56.07 -43.73
N VAL D 94 -3.99 57.14 -43.11
CA VAL D 94 -2.61 57.44 -43.29
C VAL D 94 -1.93 56.61 -42.26
N TYR D 95 -0.98 55.81 -42.66
CA TYR D 95 -0.31 55.00 -41.69
C TYR D 95 0.99 55.70 -41.41
N TYR D 96 1.34 55.81 -40.16
CA TYR D 96 2.57 56.47 -39.81
C TYR D 96 3.47 55.57 -39.00
N CYS D 97 4.78 55.69 -39.23
CA CYS D 97 5.86 55.02 -38.51
C CYS D 97 6.35 55.93 -37.39
N ALA D 98 6.38 55.43 -36.17
CA ALA D 98 6.81 56.31 -35.08
C ALA D 98 7.56 55.59 -33.98
N ARG D 99 8.52 56.28 -33.34
CA ARG D 99 9.37 55.59 -32.33
C ARG D 99 8.71 55.76 -30.96
N ARG D 100 9.42 55.43 -29.88
CA ARG D 100 8.85 55.67 -28.54
C ARG D 100 9.90 55.36 -27.46
N PRO D 101 10.91 56.20 -27.22
CA PRO D 101 11.98 55.83 -26.28
C PRO D 101 11.56 55.36 -24.89
N THR D 102 12.26 54.39 -24.30
CA THR D 102 11.89 54.13 -22.92
C THR D 102 12.55 55.25 -22.12
N HIS D 103 12.07 56.46 -22.33
CA HIS D 103 12.68 57.67 -21.80
C HIS D 103 12.74 57.61 -20.29
N PHE D 104 13.97 57.66 -19.77
CA PHE D 104 14.32 57.55 -18.35
C PHE D 104 13.99 56.15 -17.83
N ASP D 105 12.69 55.87 -17.76
CA ASP D 105 12.07 54.62 -17.39
C ASP D 105 10.63 54.64 -17.90
N PHE D 106 10.44 54.59 -19.21
CA PHE D 106 9.11 54.62 -19.81
C PHE D 106 8.28 55.82 -19.47
N TRP D 107 8.88 56.97 -19.30
CA TRP D 107 8.07 58.13 -19.06
C TRP D 107 7.52 58.49 -20.37
N LYS D 108 6.44 59.22 -20.40
CA LYS D 108 5.89 59.45 -21.69
C LYS D 108 6.82 60.11 -22.63
N THR D 109 6.90 59.51 -23.78
CA THR D 109 7.65 59.98 -24.87
C THR D 109 7.09 59.34 -26.11
N PHE D 110 7.34 59.97 -27.24
CA PHE D 110 7.04 59.47 -28.55
C PHE D 110 7.69 60.55 -29.36
N ASP D 111 8.68 60.26 -30.17
CA ASP D 111 9.38 61.38 -30.75
C ASP D 111 9.38 61.42 -32.25
N TYR D 112 10.21 60.64 -32.88
CA TYR D 112 10.25 60.74 -34.30
C TYR D 112 9.01 60.12 -34.80
N TRP D 113 8.48 60.75 -35.79
CA TRP D 113 7.25 60.34 -36.37
C TRP D 113 7.42 60.63 -37.84
N GLY D 114 7.25 59.61 -38.67
CA GLY D 114 7.48 59.74 -40.09
C GLY D 114 6.40 60.59 -40.71
N GLN D 115 6.47 60.74 -42.01
CA GLN D 115 5.61 61.64 -42.75
C GLN D 115 4.25 61.06 -42.99
N GLY D 116 4.20 59.75 -43.06
CA GLY D 116 2.98 59.02 -43.26
C GLY D 116 2.82 58.58 -44.68
N SER D 117 2.08 57.50 -44.83
CA SER D 117 1.79 56.95 -46.13
C SER D 117 0.33 56.65 -46.24
N LEU D 118 -0.33 57.28 -47.19
CA LEU D 118 -1.75 57.06 -47.30
C LEU D 118 -2.04 55.88 -48.13
N VAL D 119 -2.75 54.95 -47.53
CA VAL D 119 -3.11 53.75 -48.23
C VAL D 119 -4.58 53.62 -48.16
N THR D 120 -5.18 53.40 -49.30
CA THR D 120 -6.62 53.23 -49.31
C THR D 120 -6.96 51.82 -49.70
N VAL D 121 -8.20 51.41 -49.41
CA VAL D 121 -8.65 50.10 -49.81
C VAL D 121 -9.79 50.26 -50.78
N SER D 122 -9.67 49.71 -51.99
CA SER D 122 -10.74 49.89 -52.96
C SER D 122 -10.77 48.84 -54.07
N SER D 123 -12.00 48.45 -54.50
CA SER D 123 -12.31 47.50 -55.60
C SER D 123 -11.32 46.34 -55.73
N ASP E 1 -10.40 48.53 -23.13
CA ASP E 1 -9.78 49.76 -23.62
C ASP E 1 -10.42 50.98 -22.96
N ILE E 2 -9.57 51.97 -22.60
CA ILE E 2 -9.97 53.21 -21.91
C ILE E 2 -10.45 54.22 -22.92
N GLN E 3 -11.65 54.73 -22.66
CA GLN E 3 -12.25 55.66 -23.56
C GLN E 3 -11.96 57.02 -23.05
N MET E 4 -11.99 58.00 -23.92
CA MET E 4 -11.75 59.34 -23.47
C MET E 4 -12.38 60.36 -24.38
N THR E 5 -12.82 61.46 -23.81
CA THR E 5 -13.39 62.51 -24.64
C THR E 5 -12.67 63.82 -24.50
N GLN E 6 -12.33 64.42 -25.64
CA GLN E 6 -11.74 65.74 -25.63
C GLN E 6 -12.86 66.75 -25.88
N SER E 7 -12.75 67.92 -25.28
CA SER E 7 -13.76 68.95 -25.42
C SER E 7 -13.22 70.38 -25.27
N PRO E 8 -13.76 71.34 -26.02
CA PRO E 8 -14.75 71.34 -27.10
C PRO E 8 -14.22 70.62 -28.30
N SER E 9 -15.10 70.07 -29.15
CA SER E 9 -14.59 69.42 -30.35
C SER E 9 -13.93 70.41 -31.30
N THR E 10 -14.46 71.64 -31.30
CA THR E 10 -13.90 72.73 -32.07
C THR E 10 -13.77 73.94 -31.18
N LEU E 11 -12.63 74.57 -31.22
CA LEU E 11 -12.32 75.76 -30.47
C LEU E 11 -12.01 76.84 -31.47
N SER E 12 -12.33 78.08 -31.13
CA SER E 12 -11.99 79.20 -32.00
C SER E 12 -11.64 80.41 -31.17
N ALA E 13 -10.45 80.96 -31.38
CA ALA E 13 -10.05 82.10 -30.59
C ALA E 13 -9.06 82.99 -31.31
N SER E 14 -9.02 84.25 -30.93
CA SER E 14 -8.11 85.19 -31.52
C SER E 14 -6.70 85.02 -31.03
N VAL E 15 -5.79 85.63 -31.77
CA VAL E 15 -4.40 85.54 -31.43
C VAL E 15 -4.14 86.33 -30.18
N GLY E 16 -3.46 85.69 -29.25
CA GLY E 16 -3.13 86.23 -27.96
C GLY E 16 -4.12 85.77 -26.90
N ASP E 17 -5.21 85.14 -27.33
CA ASP E 17 -6.20 84.68 -26.39
C ASP E 17 -5.71 83.41 -25.70
N ARG E 18 -6.28 83.12 -24.55
CA ARG E 18 -5.90 81.92 -23.82
C ARG E 18 -6.88 80.80 -24.08
N VAL E 19 -6.38 79.80 -24.76
CA VAL E 19 -7.16 78.69 -25.18
C VAL E 19 -6.77 77.44 -24.42
N THR E 20 -7.76 76.77 -23.86
CA THR E 20 -7.50 75.54 -23.15
C THR E 20 -8.40 74.42 -23.65
N ILE E 21 -7.89 73.19 -23.59
CA ILE E 21 -8.64 72.01 -24.04
C ILE E 21 -8.82 70.99 -22.93
N THR E 22 -10.06 70.53 -22.76
CA THR E 22 -10.40 69.55 -21.74
C THR E 22 -10.24 68.13 -22.30
N CYS E 23 -9.66 67.20 -21.51
CA CYS E 23 -9.53 65.78 -21.84
C CYS E 23 -9.94 64.95 -20.63
N ARG E 24 -11.01 64.18 -20.79
CA ARG E 24 -11.56 63.41 -19.68
C ARG E 24 -11.59 61.90 -19.89
N ALA E 25 -10.76 61.18 -19.12
CA ALA E 25 -10.65 59.72 -19.21
C ALA E 25 -11.84 59.05 -18.55
N SER E 26 -12.29 57.92 -19.09
CA SER E 26 -13.37 57.14 -18.50
C SER E 26 -12.97 56.40 -17.23
N GLN E 27 -11.68 56.20 -17.05
CA GLN E 27 -11.14 55.53 -15.88
C GLN E 27 -9.90 56.27 -15.49
N SER E 28 -9.50 56.20 -14.23
CA SER E 28 -8.29 56.88 -13.88
C SER E 28 -7.11 56.41 -14.69
N ILE E 29 -6.33 57.38 -15.16
CA ILE E 29 -5.14 57.17 -15.95
C ILE E 29 -3.93 57.71 -15.17
N SER E 30 -4.14 57.94 -13.88
CA SER E 30 -3.10 58.52 -13.07
C SER E 30 -2.64 59.82 -13.67
N THR E 31 -1.36 60.01 -13.85
CA THR E 31 -0.86 61.25 -14.42
C THR E 31 -0.32 61.03 -15.81
N TRP E 32 -0.46 59.83 -16.31
CA TRP E 32 0.16 59.48 -17.56
C TRP E 32 -0.75 59.74 -18.73
N LEU E 33 -0.90 61.01 -19.03
CA LEU E 33 -1.75 61.43 -20.13
C LEU E 33 -0.95 62.33 -21.05
N ALA E 34 -0.99 62.06 -22.33
CA ALA E 34 -0.21 62.85 -23.26
C ALA E 34 -1.00 63.70 -24.21
N TRP E 35 -0.36 64.75 -24.71
CA TRP E 35 -0.96 65.58 -25.75
C TRP E 35 -0.06 65.72 -26.98
N TYR E 36 -0.67 65.72 -28.16
CA TYR E 36 0.01 65.86 -29.44
C TYR E 36 -0.56 66.99 -30.27
N GLN E 37 0.27 67.60 -31.12
CA GLN E 37 -0.16 68.66 -32.03
C GLN E 37 -0.05 68.27 -33.47
N GLN E 38 -1.18 68.23 -34.17
CA GLN E 38 -1.13 67.85 -35.57
C GLN E 38 -1.57 68.95 -36.50
N LYS E 39 -0.65 69.46 -37.28
CA LYS E 39 -1.02 70.49 -38.22
C LYS E 39 -1.58 69.68 -39.37
N PRO E 40 -2.60 70.12 -40.11
CA PRO E 40 -3.12 69.35 -41.21
C PRO E 40 -2.02 69.07 -42.19
N GLY E 41 -1.98 67.84 -42.69
CA GLY E 41 -0.98 67.45 -43.67
C GLY E 41 0.32 66.98 -43.04
N GLU E 42 0.43 67.03 -41.73
CA GLU E 42 1.65 66.65 -41.06
C GLU E 42 1.43 65.60 -39.98
N ALA E 43 2.49 64.87 -39.66
CA ALA E 43 2.41 63.91 -38.58
C ALA E 43 2.33 64.69 -37.27
N PRO E 44 1.63 64.18 -36.23
CA PRO E 44 1.54 64.78 -34.91
C PRO E 44 2.88 64.90 -34.20
N LYS E 45 3.04 65.98 -33.43
CA LYS E 45 4.23 66.18 -32.62
C LYS E 45 3.87 66.01 -31.17
N LEU E 46 4.70 65.36 -30.37
CA LEU E 46 4.35 65.26 -28.96
C LEU E 46 4.62 66.55 -28.25
N LEU E 47 3.65 67.04 -27.49
CA LEU E 47 3.85 68.25 -26.73
C LEU E 47 3.94 68.04 -25.23
N ILE E 48 3.03 67.22 -24.70
CA ILE E 48 2.92 67.00 -23.25
C ILE E 48 3.15 65.56 -22.84
N TYR E 49 3.99 65.38 -21.81
CA TYR E 49 4.37 64.07 -21.27
C TYR E 49 3.48 63.55 -20.16
N LYS E 50 3.87 63.76 -18.88
CA LYS E 50 3.07 63.24 -17.78
C LYS E 50 2.01 64.25 -17.47
N ALA E 51 1.16 64.53 -18.45
CA ALA E 51 0.17 65.58 -18.39
C ALA E 51 0.86 66.91 -18.04
N SER E 52 2.17 66.99 -18.29
CA SER E 52 3.03 68.11 -17.95
C SER E 52 4.39 68.03 -18.65
N ASN E 53 5.40 68.54 -17.95
CA ASN E 53 6.83 68.52 -18.33
C ASN E 53 7.19 69.45 -19.47
N LEU E 54 6.49 69.28 -20.60
CA LEU E 54 6.59 70.00 -21.86
C LEU E 54 7.82 69.51 -22.63
N GLU E 55 7.59 68.83 -23.74
CA GLU E 55 8.72 68.25 -24.46
C GLU E 55 9.60 69.31 -25.09
N SER E 56 10.91 69.12 -25.06
CA SER E 56 11.80 70.08 -25.68
C SER E 56 11.41 70.27 -27.12
N GLY E 57 11.41 71.51 -27.57
CA GLY E 57 11.03 71.84 -28.92
C GLY E 57 9.63 72.44 -28.97
N VAL E 58 8.90 72.32 -27.87
CA VAL E 58 7.58 72.91 -27.79
C VAL E 58 7.87 74.34 -27.32
N PRO E 59 7.35 75.39 -27.98
CA PRO E 59 7.72 76.79 -27.75
C PRO E 59 7.91 77.36 -26.34
N SER E 60 7.08 76.98 -25.35
CA SER E 60 7.14 77.49 -23.95
C SER E 60 5.76 77.77 -23.42
N ARG E 61 4.94 78.34 -24.30
CA ARG E 61 3.60 78.77 -23.98
C ARG E 61 2.67 77.62 -23.68
N PHE E 62 2.96 76.46 -24.21
CA PHE E 62 2.14 75.30 -23.95
C PHE E 62 2.49 74.73 -22.61
N SER E 63 1.48 74.28 -21.90
CA SER E 63 1.64 73.65 -20.61
C SER E 63 0.42 72.82 -20.32
N GLY E 64 0.45 72.05 -19.24
CA GLY E 64 -0.75 71.32 -18.90
C GLY E 64 -0.64 70.71 -17.53
N SER E 65 -1.78 70.28 -17.03
CA SER E 65 -1.89 69.66 -15.72
C SER E 65 -3.18 68.88 -15.57
N GLY E 66 -3.25 68.09 -14.51
CA GLY E 66 -4.45 67.34 -14.17
C GLY E 66 -4.07 65.98 -13.65
N SER E 67 -5.07 65.24 -13.16
CA SER E 67 -4.81 63.92 -12.62
C SER E 67 -6.03 63.02 -12.64
N GLY E 68 -5.80 61.76 -12.91
CA GLY E 68 -6.81 60.74 -12.84
C GLY E 68 -7.72 60.73 -14.03
N THR E 69 -8.63 61.67 -14.06
CA THR E 69 -9.64 61.64 -15.10
C THR E 69 -9.61 62.84 -15.98
N GLU E 70 -9.99 63.98 -15.45
CA GLU E 70 -10.01 65.19 -16.23
C GLU E 70 -8.74 66.04 -16.14
N PHE E 71 -8.19 66.30 -17.32
CA PHE E 71 -6.95 67.03 -17.54
C PHE E 71 -7.11 68.21 -18.50
N THR E 72 -6.24 69.22 -18.34
CA THR E 72 -6.29 70.37 -19.23
C THR E 72 -5.00 70.73 -19.97
N LEU E 73 -5.15 70.98 -21.27
CA LEU E 73 -4.04 71.49 -22.08
C LEU E 73 -4.18 72.98 -22.18
N THR E 74 -3.13 73.70 -21.88
CA THR E 74 -3.14 75.14 -21.96
C THR E 74 -2.18 75.67 -23.02
N ILE E 75 -2.69 76.58 -23.86
CA ILE E 75 -1.90 77.23 -24.90
C ILE E 75 -1.24 78.51 -24.38
N SER E 76 -1.89 79.13 -23.42
CA SER E 76 -1.53 80.39 -22.75
C SER E 76 -1.79 81.63 -23.58
N SER E 77 -1.12 81.72 -24.71
CA SER E 77 -1.25 82.83 -25.66
C SER E 77 -1.26 82.27 -27.07
N LEU E 78 -2.44 82.15 -27.66
CA LEU E 78 -2.56 81.53 -28.96
C LEU E 78 -1.85 82.28 -30.04
N GLN E 79 -1.03 81.59 -30.81
CA GLN E 79 -0.39 82.21 -31.95
C GLN E 79 -1.12 81.65 -33.17
N PRO E 80 -1.09 82.28 -34.34
CA PRO E 80 -1.69 81.72 -35.54
C PRO E 80 -0.96 80.44 -35.94
N ASP E 81 0.24 80.30 -35.43
CA ASP E 81 1.13 79.18 -35.67
C ASP E 81 0.68 77.95 -34.91
N ASP E 82 -0.26 78.14 -33.98
CA ASP E 82 -0.73 77.07 -33.15
C ASP E 82 -2.01 76.50 -33.71
N PHE E 83 -2.38 76.93 -34.92
CA PHE E 83 -3.52 76.31 -35.53
C PHE E 83 -3.19 74.86 -35.69
N ALA E 84 -4.02 73.99 -35.15
CA ALA E 84 -3.75 72.56 -35.20
C ALA E 84 -4.89 71.75 -34.65
N THR E 85 -4.85 70.46 -34.90
CA THR E 85 -5.76 69.55 -34.22
C THR E 85 -4.96 68.95 -33.07
N TYR E 86 -5.51 69.01 -31.87
CA TYR E 86 -4.77 68.47 -30.73
C TYR E 86 -5.34 67.16 -30.30
N TYR E 87 -4.46 66.23 -29.96
CA TYR E 87 -4.89 64.91 -29.54
C TYR E 87 -4.42 64.60 -28.14
N CYS E 88 -5.11 63.67 -27.45
CA CYS E 88 -4.80 63.21 -26.06
C CYS E 88 -4.65 61.67 -26.05
N GLN E 89 -3.91 61.03 -25.11
CA GLN E 89 -3.86 59.52 -25.07
C GLN E 89 -3.57 58.93 -23.68
N GLN E 90 -4.06 57.71 -23.38
CA GLN E 90 -3.92 57.06 -22.04
C GLN E 90 -2.59 56.33 -21.89
N TYR E 91 -1.49 57.06 -21.84
CA TYR E 91 -0.18 56.39 -21.87
C TYR E 91 -0.04 55.31 -20.77
N ASN E 92 -1.04 55.04 -19.93
CA ASN E 92 -0.82 54.06 -18.81
C ASN E 92 -1.05 52.63 -19.27
N ILE E 93 -2.22 52.07 -18.97
CA ILE E 93 -2.57 50.67 -19.35
C ILE E 93 -2.27 50.47 -20.84
N TYR E 94 -1.84 49.27 -21.24
CA TYR E 94 -1.44 49.11 -22.67
C TYR E 94 -2.65 49.02 -23.54
N SER E 95 -2.91 50.12 -24.20
CA SER E 95 -4.02 50.22 -25.15
C SER E 95 -3.96 51.69 -25.54
N TRP E 96 -2.83 52.35 -25.23
CA TRP E 96 -2.63 53.80 -25.53
C TRP E 96 -3.72 54.35 -26.42
N THR E 97 -4.96 54.47 -25.94
CA THR E 97 -6.06 54.91 -26.84
C THR E 97 -5.92 56.40 -27.11
N PHE E 98 -6.53 56.91 -28.19
CA PHE E 98 -6.38 58.33 -28.57
C PHE E 98 -7.76 59.01 -28.65
N GLY E 99 -7.84 60.24 -28.17
CA GLY E 99 -9.13 60.93 -28.13
C GLY E 99 -9.51 61.39 -29.51
N GLN E 100 -10.79 61.72 -29.73
CA GLN E 100 -11.15 61.99 -31.10
C GLN E 100 -10.38 63.18 -31.68
N GLY E 101 -9.78 63.96 -30.78
CA GLY E 101 -9.03 65.16 -31.13
C GLY E 101 -9.91 66.40 -31.15
N THR E 102 -9.29 67.56 -30.97
CA THR E 102 -10.07 68.80 -31.08
C THR E 102 -9.37 69.75 -32.01
N LYS E 103 -10.13 70.59 -32.67
CA LYS E 103 -9.53 71.54 -33.60
C LYS E 103 -9.48 72.94 -33.07
N VAL E 104 -8.32 73.58 -33.15
CA VAL E 104 -8.22 74.96 -32.72
C VAL E 104 -8.04 75.88 -33.91
N GLU E 105 -9.06 76.72 -34.14
CA GLU E 105 -9.15 77.71 -35.20
C GLU E 105 -8.57 79.03 -34.75
N ILE E 106 -8.11 79.84 -35.69
CA ILE E 106 -7.59 81.13 -35.32
C ILE E 106 -8.55 82.22 -35.84
N LYS E 107 -9.01 83.14 -34.95
CA LYS E 107 -9.89 84.28 -35.31
C LYS E 107 -8.99 85.42 -35.78
N GLN F 3 -30.16 40.59 51.36
CA GLN F 3 -31.57 40.87 51.13
C GLN F 3 -31.86 40.90 49.62
N LEU F 4 -33.14 40.59 49.25
CA LEU F 4 -33.68 40.51 47.89
C LEU F 4 -35.01 41.22 47.73
N GLN F 5 -35.15 41.97 46.65
CA GLN F 5 -36.45 42.59 46.36
C GLN F 5 -36.94 42.43 44.94
N GLU F 6 -38.09 41.76 44.78
CA GLU F 6 -38.75 41.52 43.50
C GLU F 6 -39.39 42.75 42.87
N ALA F 7 -39.29 42.83 41.55
CA ALA F 7 -39.98 43.84 40.78
C ALA F 7 -40.25 43.34 39.36
N GLY F 8 -41.33 43.81 38.76
CA GLY F 8 -41.66 43.46 37.39
C GLY F 8 -43.16 43.40 37.26
N PRO F 9 -43.71 43.07 36.09
CA PRO F 9 -45.12 43.04 35.81
C PRO F 9 -45.83 42.12 36.74
N GLY F 10 -46.96 42.56 37.27
CA GLY F 10 -47.76 41.71 38.14
C GLY F 10 -48.83 41.03 37.31
N LEU F 11 -48.81 41.34 36.03
CA LEU F 11 -49.77 40.85 35.07
C LEU F 11 -49.20 40.74 33.66
N VAL F 12 -49.35 39.55 33.10
CA VAL F 12 -48.99 39.21 31.73
C VAL F 12 -50.17 38.47 31.13
N LYS F 13 -50.23 38.29 29.82
CA LYS F 13 -51.34 37.52 29.26
C LYS F 13 -50.80 36.32 28.49
N PRO F 14 -51.62 35.30 28.17
CA PRO F 14 -51.19 34.10 27.52
C PRO F 14 -50.37 34.40 26.29
N SER F 15 -49.30 33.64 26.14
CA SER F 15 -48.28 33.68 25.11
C SER F 15 -47.16 34.69 25.38
N GLU F 16 -47.37 35.62 26.32
CA GLU F 16 -46.35 36.62 26.59
C GLU F 16 -45.20 36.10 27.42
N THR F 17 -44.08 36.80 27.32
CA THR F 17 -42.95 36.48 28.16
C THR F 17 -42.99 37.30 29.42
N LEU F 18 -42.86 36.61 30.54
CA LEU F 18 -42.82 37.23 31.83
C LEU F 18 -41.41 37.52 32.22
N SER F 19 -41.14 38.72 32.67
CA SER F 19 -39.80 39.06 33.09
C SER F 19 -39.78 39.71 34.45
N LEU F 20 -39.19 39.01 35.41
CA LEU F 20 -39.11 39.50 36.79
C LEU F 20 -37.67 39.67 37.21
N THR F 21 -37.39 40.72 37.97
CA THR F 21 -36.03 40.98 38.41
C THR F 21 -35.94 41.20 39.93
N CYS F 22 -34.81 40.82 40.57
CA CYS F 22 -34.52 41.13 41.97
C CYS F 22 -33.21 41.84 42.14
N THR F 23 -33.28 42.82 43.01
CA THR F 23 -32.11 43.56 43.39
C THR F 23 -31.51 42.93 44.62
N VAL F 24 -30.21 42.74 44.56
CA VAL F 24 -29.45 42.18 45.66
C VAL F 24 -28.86 43.27 46.51
N SER F 25 -29.01 43.14 47.82
CA SER F 25 -28.49 44.15 48.73
C SER F 25 -27.81 43.56 49.96
N GLY F 26 -26.56 43.96 50.17
CA GLY F 26 -25.75 43.48 51.29
C GLY F 26 -24.84 42.33 50.87
N GLY F 27 -25.09 41.81 49.67
CA GLY F 27 -24.32 40.73 49.08
C GLY F 27 -24.04 41.07 47.63
N SER F 28 -23.54 40.11 46.87
CA SER F 28 -23.22 40.38 45.48
C SER F 28 -23.45 39.19 44.58
N VAL F 29 -24.10 39.43 43.47
CA VAL F 29 -24.34 38.38 42.51
C VAL F 29 -23.06 37.97 41.81
N SER F 30 -22.03 38.81 41.91
CA SER F 30 -20.73 38.56 41.29
C SER F 30 -19.89 37.59 42.11
N ASP F 31 -20.35 37.27 43.30
CA ASP F 31 -19.64 36.38 44.20
C ASP F 31 -19.88 34.93 43.81
N THR F 32 -18.82 34.23 43.48
CA THR F 32 -18.85 32.87 42.94
C THR F 32 -19.30 31.83 43.94
N SER F 33 -19.44 32.22 45.20
CA SER F 33 -19.88 31.31 46.24
C SER F 33 -21.40 31.23 46.30
N TYR F 34 -22.11 32.00 45.49
CA TYR F 34 -23.56 31.92 45.63
C TYR F 34 -24.31 31.61 44.37
N PHE F 35 -25.38 30.87 44.55
CA PHE F 35 -26.36 30.63 43.49
C PHE F 35 -27.54 31.51 43.72
N TRP F 36 -28.14 31.97 42.65
CA TRP F 36 -29.30 32.80 42.77
C TRP F 36 -30.38 32.19 41.97
N GLY F 37 -31.60 32.25 42.43
CA GLY F 37 -32.60 31.61 41.63
C GLY F 37 -34.02 31.87 42.03
N TRP F 38 -34.91 31.11 41.40
CA TRP F 38 -36.32 31.31 41.59
C TRP F 38 -37.08 30.06 41.98
N ILE F 39 -38.06 30.30 42.83
CA ILE F 39 -39.05 29.36 43.30
C ILE F 39 -40.45 29.85 43.06
N ARG F 40 -41.28 29.00 42.53
CA ARG F 40 -42.63 29.36 42.21
C ARG F 40 -43.65 28.77 43.16
N GLN F 41 -44.69 29.52 43.46
CA GLN F 41 -45.77 28.96 44.28
C GLN F 41 -47.15 29.28 43.73
N PRO F 42 -47.74 28.42 42.92
CA PRO F 42 -49.03 28.61 42.30
C PRO F 42 -50.01 28.76 43.44
N PRO F 43 -51.09 29.50 43.30
CA PRO F 43 -52.03 29.70 44.36
C PRO F 43 -52.63 28.36 44.71
N GLY F 44 -52.72 28.08 46.00
CA GLY F 44 -53.30 26.83 46.49
C GLY F 44 -52.32 25.66 46.48
N LYS F 45 -51.08 25.90 46.04
CA LYS F 45 -50.08 24.87 45.93
C LYS F 45 -48.85 25.08 46.79
N GLY F 46 -47.99 24.06 46.78
CA GLY F 46 -46.73 24.11 47.51
C GLY F 46 -45.69 24.72 46.61
N LEU F 47 -44.43 24.53 46.94
CA LEU F 47 -43.38 25.18 46.19
C LEU F 47 -42.90 24.34 45.02
N GLU F 48 -42.55 25.02 43.93
CA GLU F 48 -41.95 24.41 42.76
C GLU F 48 -40.64 25.10 42.43
N TRP F 49 -39.57 24.37 42.33
CA TRP F 49 -38.33 25.04 42.00
C TRP F 49 -38.26 25.36 40.52
N ILE F 50 -37.78 26.54 40.15
CA ILE F 50 -37.59 26.87 38.75
C ILE F 50 -36.18 26.70 38.30
N GLY F 51 -35.25 27.27 39.04
CA GLY F 51 -33.88 27.21 38.59
C GLY F 51 -32.96 28.12 39.35
N SER F 52 -31.67 27.96 39.10
CA SER F 52 -30.68 28.80 39.72
C SER F 52 -29.44 28.93 38.87
N VAL F 53 -28.74 30.04 39.04
CA VAL F 53 -27.51 30.27 38.31
C VAL F 53 -26.39 30.77 39.18
N SER F 54 -25.17 30.62 38.70
CA SER F 54 -23.99 31.13 39.39
C SER F 54 -23.14 32.02 38.52
N TYR F 55 -22.32 32.82 39.18
CA TYR F 55 -21.39 33.72 38.52
C TYR F 55 -20.33 32.95 37.77
N THR F 56 -20.14 31.71 38.15
CA THR F 56 -19.16 30.83 37.55
C THR F 56 -19.64 30.28 36.20
N GLY F 57 -20.93 30.50 35.87
CA GLY F 57 -21.54 30.03 34.62
C GLY F 57 -22.50 28.86 34.80
N ASP F 58 -22.46 28.21 35.96
CA ASP F 58 -23.32 27.09 36.23
C ASP F 58 -24.77 27.48 36.20
N ASN F 59 -25.60 26.62 35.63
CA ASN F 59 -27.02 26.92 35.60
C ASN F 59 -27.88 25.69 35.56
N TYR F 60 -28.92 25.69 36.37
CA TYR F 60 -29.80 24.55 36.41
C TYR F 60 -31.23 24.99 36.36
N TYR F 61 -32.05 24.21 35.69
CA TYR F 61 -33.46 24.52 35.61
C TYR F 61 -34.27 23.29 35.82
N ASN F 62 -35.52 23.49 36.20
CA ASN F 62 -36.46 22.41 36.31
C ASN F 62 -36.73 21.87 34.92
N PRO F 63 -36.42 20.60 34.59
CA PRO F 63 -36.58 19.99 33.29
C PRO F 63 -37.96 20.09 32.67
N SER F 64 -39.02 20.19 33.48
CA SER F 64 -40.36 20.27 32.89
C SER F 64 -40.66 21.67 32.37
N LEU F 65 -39.85 22.61 32.80
CA LEU F 65 -39.99 24.00 32.46
C LEU F 65 -38.88 24.47 31.55
N ARG F 66 -37.72 23.82 31.64
CA ARG F 66 -36.49 24.24 30.97
C ARG F 66 -36.67 24.90 29.61
N SER F 67 -37.52 24.37 28.74
CA SER F 67 -37.62 24.88 27.38
C SER F 67 -38.17 26.29 27.27
N ARG F 68 -38.81 26.77 28.33
CA ARG F 68 -39.40 28.09 28.35
C ARG F 68 -38.71 29.04 29.30
N VAL F 69 -37.61 28.62 29.92
CA VAL F 69 -37.04 29.48 30.95
C VAL F 69 -35.59 29.82 30.83
N ALA F 70 -35.29 31.05 31.18
CA ALA F 70 -33.93 31.49 31.27
C ALA F 70 -33.75 32.38 32.48
N ILE F 71 -32.60 32.26 33.12
CA ILE F 71 -32.25 33.11 34.24
C ILE F 71 -30.94 33.82 33.94
N SER F 72 -30.95 35.12 34.11
CA SER F 72 -29.79 35.97 33.84
C SER F 72 -29.23 36.62 35.08
N LEU F 73 -27.94 36.45 35.30
CA LEU F 73 -27.31 37.01 36.48
C LEU F 73 -26.63 38.34 36.07
N ASP F 74 -27.31 39.47 36.27
CA ASP F 74 -26.84 40.74 35.75
C ASP F 74 -25.92 41.43 36.76
N ALA F 75 -24.71 40.91 36.82
CA ALA F 75 -23.75 41.35 37.80
C ALA F 75 -23.46 42.84 37.82
N PRO F 76 -23.33 43.56 36.72
CA PRO F 76 -23.02 44.97 36.74
C PRO F 76 -24.04 45.83 37.50
N LYS F 77 -25.26 45.34 37.70
CA LYS F 77 -26.26 46.10 38.41
C LYS F 77 -26.67 45.41 39.71
N ASN F 78 -25.90 44.38 40.06
CA ASN F 78 -26.09 43.55 41.24
C ASN F 78 -27.51 43.03 41.33
N ARG F 79 -27.99 42.46 40.23
CA ARG F 79 -29.34 41.94 40.19
C ARG F 79 -29.47 40.76 39.26
N PHE F 80 -30.59 40.08 39.33
CA PHE F 80 -30.83 38.97 38.43
C PHE F 80 -32.26 38.87 38.02
N SER F 81 -32.49 38.17 36.92
CA SER F 81 -33.85 38.07 36.44
C SER F 81 -34.26 36.75 35.81
N LEU F 82 -35.56 36.53 35.88
CA LEU F 82 -36.25 35.38 35.36
C LEU F 82 -37.08 35.67 34.16
N LYS F 83 -36.85 34.93 33.10
CA LYS F 83 -37.65 35.10 31.91
C LYS F 83 -38.41 33.83 31.56
N LEU F 84 -39.74 33.92 31.55
CA LEU F 84 -40.56 32.76 31.21
C LEU F 84 -41.40 33.03 30.00
N ARG F 85 -41.12 32.28 28.96
CA ARG F 85 -41.77 32.45 27.68
C ARG F 85 -43.09 31.74 27.59
N SER F 86 -43.92 32.23 26.71
CA SER F 86 -45.17 31.59 26.39
C SER F 86 -46.01 31.22 27.58
N VAL F 87 -46.30 32.17 28.47
CA VAL F 87 -47.08 31.79 29.63
C VAL F 87 -48.42 31.22 29.17
N THR F 88 -48.88 30.16 29.82
CA THR F 88 -50.13 29.45 29.43
C THR F 88 -51.25 29.73 30.38
N ALA F 89 -50.93 30.54 31.35
CA ALA F 89 -51.72 30.95 32.50
C ALA F 89 -51.83 29.87 33.56
N ALA F 90 -51.18 28.73 33.33
CA ALA F 90 -51.08 27.71 34.35
C ALA F 90 -49.93 28.09 35.25
N ASP F 91 -49.29 29.16 34.85
CA ASP F 91 -48.12 29.77 35.42
C ASP F 91 -48.51 30.89 36.39
N THR F 92 -49.82 31.07 36.66
CA THR F 92 -50.14 32.09 37.66
C THR F 92 -49.55 31.60 38.97
N ALA F 93 -48.74 32.43 39.59
CA ALA F 93 -48.04 32.01 40.79
C ALA F 93 -47.34 33.11 41.48
N VAL F 94 -46.93 32.86 42.72
CA VAL F 94 -46.04 33.80 43.33
C VAL F 94 -44.65 33.43 42.94
N TYR F 95 -43.90 34.37 42.44
CA TYR F 95 -42.54 34.09 42.07
C TYR F 95 -41.63 34.68 43.11
N TYR F 96 -40.79 33.86 43.69
CA TYR F 96 -39.91 34.35 44.72
C TYR F 96 -38.47 34.27 44.29
N CYS F 97 -37.66 35.26 44.69
CA CYS F 97 -36.21 35.22 44.57
C CYS F 97 -35.61 34.59 45.78
N ALA F 98 -34.55 33.88 45.55
CA ALA F 98 -33.83 33.32 46.66
C ALA F 98 -32.37 33.14 46.37
N ARG F 99 -31.60 33.10 47.43
CA ARG F 99 -30.18 32.84 47.32
C ARG F 99 -29.85 31.50 47.94
N ARG F 100 -28.90 30.81 47.35
CA ARG F 100 -28.37 29.60 47.91
C ARG F 100 -26.85 29.61 47.96
N PRO F 101 -26.24 29.78 49.12
CA PRO F 101 -24.82 29.83 49.26
C PRO F 101 -24.25 28.46 49.09
N THR F 102 -23.03 28.34 48.63
CA THR F 102 -22.39 27.03 48.67
C THR F 102 -21.74 27.00 50.03
N HIS F 103 -22.58 26.94 51.05
CA HIS F 103 -22.18 27.07 52.44
C HIS F 103 -21.55 25.76 52.83
N PHE F 104 -21.07 25.65 54.07
CA PHE F 104 -20.41 24.43 54.49
C PHE F 104 -19.47 24.05 53.36
N ASP F 105 -19.82 22.97 52.68
CA ASP F 105 -19.10 22.46 51.55
C ASP F 105 -20.18 21.95 50.61
N PHE F 106 -21.07 22.87 50.17
CA PHE F 106 -22.27 22.54 49.39
C PHE F 106 -23.20 21.66 50.17
N TRP F 107 -23.27 21.85 51.45
CA TRP F 107 -24.18 21.05 52.23
C TRP F 107 -25.50 21.68 52.07
N LYS F 108 -26.56 20.96 52.33
CA LYS F 108 -27.81 21.58 52.10
C LYS F 108 -27.91 22.85 52.82
N THR F 109 -28.24 23.85 52.04
CA THR F 109 -28.41 25.16 52.50
C THR F 109 -29.27 25.89 51.50
N PHE F 110 -29.71 27.05 51.90
CA PHE F 110 -30.48 27.98 51.13
C PHE F 110 -30.50 29.08 52.12
N ASP F 111 -30.73 30.33 51.81
CA ASP F 111 -30.85 31.20 52.97
C ASP F 111 -31.77 32.39 52.80
N TYR F 112 -31.39 33.34 52.00
CA TYR F 112 -32.21 34.51 51.90
C TYR F 112 -33.24 34.39 50.83
N TRP F 113 -34.36 34.99 51.12
CA TRP F 113 -35.51 35.04 50.24
C TRP F 113 -35.96 36.45 50.02
N GLY F 114 -36.61 36.66 48.91
CA GLY F 114 -37.25 37.90 48.61
C GLY F 114 -38.62 37.83 49.23
N GLN F 115 -39.52 38.69 48.84
CA GLN F 115 -40.81 38.69 49.49
C GLN F 115 -41.86 37.92 48.75
N GLY F 116 -41.68 37.79 47.45
CA GLY F 116 -42.63 37.11 46.60
C GLY F 116 -43.47 38.08 45.82
N SER F 117 -43.55 37.85 44.53
CA SER F 117 -44.33 38.72 43.67
C SER F 117 -45.36 37.92 42.92
N LEU F 118 -46.61 38.22 43.16
CA LEU F 118 -47.66 37.47 42.52
C LEU F 118 -47.91 37.97 41.15
N VAL F 119 -47.85 37.04 40.20
CA VAL F 119 -48.10 37.38 38.83
C VAL F 119 -49.30 36.66 38.32
N THR F 120 -50.25 37.44 37.85
CA THR F 120 -51.48 36.96 37.27
C THR F 120 -51.31 36.80 35.79
N VAL F 121 -51.81 35.70 35.23
CA VAL F 121 -51.75 35.63 33.79
C VAL F 121 -53.16 35.66 33.24
N SER F 122 -53.48 36.65 32.44
CA SER F 122 -54.84 36.78 31.92
C SER F 122 -54.95 37.61 30.64
N SER F 123 -55.78 37.12 29.67
CA SER F 123 -56.08 37.71 28.36
C SER F 123 -56.25 39.24 28.39
N ASP G 1 -36.88 12.72 38.02
CA ASP G 1 -37.11 13.65 39.12
C ASP G 1 -37.81 12.91 40.27
N ILE G 2 -37.32 13.13 41.52
CA ILE G 2 -37.82 12.50 42.74
C ILE G 2 -39.19 13.01 43.14
N GLN G 3 -40.09 12.08 43.41
CA GLN G 3 -41.44 12.44 43.78
C GLN G 3 -41.63 12.30 45.26
N MET G 4 -41.57 13.42 45.96
CA MET G 4 -41.67 13.39 47.39
C MET G 4 -43.10 13.49 47.86
N THR G 5 -43.41 12.74 48.90
CA THR G 5 -44.75 12.75 49.48
C THR G 5 -44.67 13.17 50.93
N GLN G 6 -45.56 14.06 51.34
CA GLN G 6 -45.54 14.46 52.74
C GLN G 6 -46.87 14.14 53.38
N SER G 7 -46.83 13.81 54.65
CA SER G 7 -48.04 13.56 55.40
C SER G 7 -47.81 13.70 56.92
N PRO G 8 -48.86 13.91 57.72
CA PRO G 8 -50.29 14.07 57.47
C PRO G 8 -50.50 15.29 56.61
N SER G 9 -51.54 15.32 55.77
CA SER G 9 -51.70 16.51 54.94
C SER G 9 -52.01 17.73 55.80
N THR G 10 -52.70 17.48 56.89
CA THR G 10 -53.01 18.50 57.87
C THR G 10 -52.74 17.90 59.22
N LEU G 11 -52.28 18.74 60.12
CA LEU G 11 -52.03 18.38 61.48
C LEU G 11 -52.87 19.28 62.35
N SER G 12 -53.28 18.78 63.51
CA SER G 12 -54.07 19.58 64.45
C SER G 12 -53.63 19.31 65.87
N ALA G 13 -53.13 20.34 66.54
CA ALA G 13 -52.66 20.15 67.90
C ALA G 13 -52.68 21.44 68.70
N SER G 14 -52.74 21.33 70.01
CA SER G 14 -52.75 22.48 70.89
C SER G 14 -51.37 22.95 71.27
N VAL G 15 -51.30 24.14 71.83
CA VAL G 15 -50.01 24.62 72.25
C VAL G 15 -49.49 23.74 73.34
N GLY G 16 -48.26 23.32 73.18
CA GLY G 16 -47.58 22.44 74.10
C GLY G 16 -47.60 20.99 73.64
N ASP G 17 -48.46 20.70 72.67
CA ASP G 17 -48.54 19.36 72.13
C ASP G 17 -47.38 19.14 71.21
N ARG G 18 -47.02 17.90 71.01
CA ARG G 18 -45.98 17.59 70.06
C ARG G 18 -46.57 16.98 68.82
N VAL G 19 -46.14 17.47 67.69
CA VAL G 19 -46.55 16.91 66.43
C VAL G 19 -45.32 16.62 65.61
N THR G 20 -45.49 15.69 64.67
CA THR G 20 -44.43 15.39 63.75
C THR G 20 -44.97 15.34 62.34
N ILE G 21 -44.08 15.60 61.39
CA ILE G 21 -44.40 15.53 59.96
C ILE G 21 -43.46 14.54 59.28
N THR G 22 -44.00 13.67 58.45
CA THR G 22 -43.16 12.70 57.75
C THR G 22 -43.08 12.98 56.23
N CYS G 23 -41.85 12.95 55.68
CA CYS G 23 -41.54 13.13 54.26
C CYS G 23 -40.91 11.87 53.70
N ARG G 24 -41.41 11.44 52.55
CA ARG G 24 -40.89 10.24 51.94
C ARG G 24 -40.41 10.43 50.52
N ALA G 25 -39.19 9.96 50.28
CA ALA G 25 -38.59 10.07 48.97
C ALA G 25 -38.91 8.82 48.16
N SER G 26 -38.99 8.98 46.83
CA SER G 26 -39.21 7.86 45.95
C SER G 26 -37.97 6.99 45.80
N GLN G 27 -36.79 7.59 45.98
CA GLN G 27 -35.53 6.90 45.95
C GLN G 27 -34.71 7.47 47.07
N SER G 28 -33.52 6.98 47.28
CA SER G 28 -32.74 7.54 48.36
C SER G 28 -32.29 8.94 48.10
N ILE G 29 -32.39 9.75 49.14
CA ILE G 29 -31.87 11.08 49.07
C ILE G 29 -30.85 11.29 50.18
N SER G 30 -30.34 10.17 50.69
CA SER G 30 -29.32 10.18 51.72
C SER G 30 -29.70 11.01 52.91
N THR G 31 -28.92 12.03 53.23
CA THR G 31 -29.21 12.91 54.35
C THR G 31 -29.59 14.26 53.81
N TRP G 32 -29.69 14.35 52.52
CA TRP G 32 -29.87 15.63 51.89
C TRP G 32 -31.30 16.05 51.70
N LEU G 33 -31.92 16.37 52.81
CA LEU G 33 -33.29 16.85 52.82
C LEU G 33 -33.48 18.01 53.74
N ALA G 34 -34.13 19.04 53.22
CA ALA G 34 -34.42 20.23 54.01
C ALA G 34 -35.86 20.36 54.32
N TRP G 35 -36.10 21.10 55.38
CA TRP G 35 -37.44 21.48 55.79
C TRP G 35 -37.56 22.99 55.83
N TYR G 36 -38.69 23.48 55.36
CA TYR G 36 -39.04 24.89 55.37
C TYR G 36 -40.29 25.17 56.15
N GLN G 37 -40.34 26.36 56.72
CA GLN G 37 -41.50 26.87 57.40
C GLN G 37 -42.05 28.07 56.67
N GLN G 38 -43.29 28.01 56.23
CA GLN G 38 -43.85 29.15 55.53
C GLN G 38 -45.12 29.63 56.19
N LYS G 39 -45.08 30.83 56.75
CA LYS G 39 -46.28 31.34 57.36
C LYS G 39 -47.06 32.00 56.22
N PRO G 40 -48.37 32.15 56.31
CA PRO G 40 -49.11 32.83 55.30
C PRO G 40 -48.54 34.21 55.13
N GLY G 41 -48.41 34.66 53.90
CA GLY G 41 -47.93 36.00 53.63
C GLY G 41 -46.41 36.17 53.50
N GLU G 42 -45.63 35.10 53.66
CA GLU G 42 -44.18 35.28 53.57
C GLU G 42 -43.48 34.20 52.75
N ALA G 43 -42.29 34.53 52.29
CA ALA G 43 -41.45 33.55 51.66
C ALA G 43 -41.03 32.53 52.72
N PRO G 44 -40.88 31.24 52.39
CA PRO G 44 -40.45 30.18 53.28
C PRO G 44 -39.10 30.42 53.91
N LYS G 45 -38.95 30.02 55.16
CA LYS G 45 -37.69 30.11 55.87
C LYS G 45 -37.17 28.72 56.12
N LEU G 46 -35.86 28.50 56.08
CA LEU G 46 -35.41 27.17 56.45
C LEU G 46 -35.45 26.87 57.90
N LEU G 47 -35.71 25.62 58.18
CA LEU G 47 -35.61 25.12 59.51
C LEU G 47 -34.40 24.22 59.59
N ILE G 48 -34.38 23.28 58.66
CA ILE G 48 -33.43 22.17 58.56
C ILE G 48 -32.62 22.12 57.30
N TYR G 49 -31.35 21.77 57.47
CA TYR G 49 -30.39 21.63 56.39
C TYR G 49 -30.22 20.18 55.96
N LYS G 50 -29.18 19.55 56.48
CA LYS G 50 -28.80 18.19 56.16
C LYS G 50 -29.61 17.18 56.93
N ALA G 51 -30.92 17.10 56.68
CA ALA G 51 -31.87 16.24 57.40
C ALA G 51 -32.12 16.73 58.83
N SER G 52 -31.08 17.24 59.50
CA SER G 52 -31.12 17.76 60.84
C SER G 52 -30.30 19.07 60.96
N ASN G 53 -29.57 19.19 62.06
CA ASN G 53 -28.66 20.31 62.40
C ASN G 53 -29.30 21.65 62.79
N LEU G 54 -30.18 22.10 61.91
CA LEU G 54 -30.95 23.34 61.92
C LEU G 54 -30.16 24.55 61.46
N GLU G 55 -30.88 25.43 60.79
CA GLU G 55 -30.33 26.71 60.37
C GLU G 55 -30.21 27.68 61.55
N SER G 56 -29.15 28.46 61.60
CA SER G 56 -29.03 29.42 62.69
C SER G 56 -30.22 30.36 62.69
N GLY G 57 -30.76 30.62 63.87
CA GLY G 57 -31.92 31.48 64.02
C GLY G 57 -33.21 30.67 64.14
N VAL G 58 -33.11 29.38 63.86
CA VAL G 58 -34.24 28.49 63.97
C VAL G 58 -34.39 28.10 65.43
N PRO G 59 -35.58 28.17 66.02
CA PRO G 59 -35.81 27.84 67.40
C PRO G 59 -35.28 26.47 67.74
N SER G 60 -34.83 26.36 69.00
CA SER G 60 -34.32 24.98 68.98
C SER G 60 -35.36 23.89 69.19
N ARG G 61 -36.61 24.30 69.20
CA ARG G 61 -37.77 23.46 69.34
C ARG G 61 -37.81 22.45 68.19
N PHE G 62 -37.38 22.88 67.01
CA PHE G 62 -37.46 22.03 65.85
C PHE G 62 -36.31 21.07 65.80
N SER G 63 -36.57 19.82 65.44
CA SER G 63 -35.46 18.87 65.28
C SER G 63 -35.68 17.91 64.12
N GLY G 64 -34.72 17.85 63.22
CA GLY G 64 -34.86 16.93 62.10
C GLY G 64 -34.12 15.63 62.33
N SER G 65 -34.65 14.55 61.73
CA SER G 65 -34.01 13.25 61.78
C SER G 65 -34.44 12.35 60.62
N GLY G 66 -33.71 11.26 60.41
CA GLY G 66 -34.04 10.28 59.39
C GLY G 66 -33.10 10.37 58.20
N SER G 67 -33.10 9.33 57.38
CA SER G 67 -32.25 9.26 56.21
C SER G 67 -32.78 8.31 55.16
N GLY G 68 -32.19 8.39 53.98
CA GLY G 68 -32.53 7.48 52.90
C GLY G 68 -33.84 7.90 52.31
N THR G 69 -34.89 7.19 52.62
CA THR G 69 -36.16 7.56 52.09
C THR G 69 -37.14 8.10 53.10
N GLU G 70 -36.89 7.95 54.41
CA GLU G 70 -37.90 8.42 55.36
C GLU G 70 -37.37 9.44 56.35
N PHE G 71 -37.91 10.63 56.26
CA PHE G 71 -37.45 11.74 57.07
C PHE G 71 -38.55 12.33 57.89
N THR G 72 -38.23 12.76 59.09
CA THR G 72 -39.24 13.40 59.91
C THR G 72 -38.81 14.68 60.57
N LEU G 73 -39.81 15.49 60.87
CA LEU G 73 -39.64 16.70 61.65
C LEU G 73 -40.41 16.61 62.92
N THR G 74 -39.72 16.84 64.01
CA THR G 74 -40.37 16.87 65.30
C THR G 74 -40.36 18.32 65.74
N ILE G 75 -41.51 18.84 66.09
CA ILE G 75 -41.56 20.25 66.46
C ILE G 75 -41.28 20.50 67.94
N SER G 76 -41.22 19.44 68.71
CA SER G 76 -41.08 19.48 70.17
C SER G 76 -42.34 20.04 70.76
N SER G 77 -42.25 21.13 71.50
CA SER G 77 -43.44 21.74 72.09
C SER G 77 -44.00 22.78 71.14
N LEU G 78 -45.17 22.50 70.54
CA LEU G 78 -45.77 23.41 69.56
C LEU G 78 -46.11 24.75 70.19
N GLN G 79 -45.65 25.84 69.58
CA GLN G 79 -45.95 27.17 70.09
C GLN G 79 -47.02 27.80 69.25
N PRO G 80 -47.77 28.81 69.72
CA PRO G 80 -48.79 29.49 68.97
C PRO G 80 -48.25 30.20 67.74
N ASP G 81 -46.94 30.49 67.73
CA ASP G 81 -46.34 31.16 66.61
C ASP G 81 -45.67 30.22 65.63
N ASP G 82 -45.93 28.91 65.77
CA ASP G 82 -45.42 27.90 64.86
C ASP G 82 -46.47 27.52 63.83
N PHE G 83 -47.57 28.26 63.77
CA PHE G 83 -48.54 27.95 62.75
C PHE G 83 -47.90 28.21 61.43
N ALA G 84 -47.91 27.21 60.56
CA ALA G 84 -47.28 27.36 59.26
C ALA G 84 -47.55 26.18 58.36
N THR G 85 -47.26 26.36 57.09
CA THR G 85 -47.24 25.24 56.17
C THR G 85 -45.78 24.82 56.13
N TYR G 86 -45.51 23.53 56.21
CA TYR G 86 -44.13 23.09 56.19
C TYR G 86 -43.83 22.32 54.92
N TYR G 87 -42.62 22.48 54.39
CA TYR G 87 -42.27 21.80 53.14
C TYR G 87 -40.96 21.05 53.20
N CYS G 88 -40.85 19.94 52.42
CA CYS G 88 -39.63 19.14 52.23
C CYS G 88 -39.16 19.15 50.79
N GLN G 89 -37.84 19.16 50.66
CA GLN G 89 -37.19 19.01 49.35
C GLN G 89 -35.96 18.15 49.41
N GLN G 90 -35.62 17.56 48.27
CA GLN G 90 -34.40 16.76 48.16
C GLN G 90 -33.25 17.67 47.87
N TYR G 91 -32.04 17.14 47.75
CA TYR G 91 -30.97 18.05 47.48
C TYR G 91 -29.79 17.40 46.84
N ASN G 92 -29.69 16.11 47.02
CA ASN G 92 -28.57 15.39 46.51
C ASN G 92 -28.58 15.21 45.04
N ILE G 93 -29.74 15.37 44.44
CA ILE G 93 -30.00 15.18 43.03
C ILE G 93 -30.56 16.46 42.50
N TYR G 94 -30.23 16.76 41.24
CA TYR G 94 -30.73 18.05 40.69
C TYR G 94 -32.19 17.90 40.49
N SER G 95 -32.78 18.94 39.95
CA SER G 95 -34.23 18.91 40.01
C SER G 95 -34.63 18.83 41.47
N TRP G 96 -34.33 19.86 42.24
CA TRP G 96 -34.58 19.85 43.67
C TRP G 96 -36.04 20.00 43.93
N THR G 97 -36.80 18.96 43.70
CA THR G 97 -38.23 18.99 43.85
C THR G 97 -38.65 19.03 45.30
N PHE G 98 -39.92 19.43 45.47
CA PHE G 98 -40.60 19.53 46.75
C PHE G 98 -41.82 18.65 46.82
N GLY G 99 -42.20 18.27 48.03
CA GLY G 99 -43.44 17.55 48.22
C GLY G 99 -44.58 18.57 48.31
N GLN G 100 -45.81 18.13 48.56
CA GLN G 100 -46.91 19.09 48.60
C GLN G 100 -46.84 20.06 49.77
N GLY G 101 -46.31 19.58 50.88
CA GLY G 101 -46.22 20.35 52.10
C GLY G 101 -47.39 20.01 53.00
N THR G 102 -47.26 20.28 54.29
CA THR G 102 -48.36 19.98 55.19
C THR G 102 -48.73 21.17 56.05
N LYS G 103 -49.98 21.22 56.47
CA LYS G 103 -50.46 22.32 57.31
C LYS G 103 -50.46 22.04 58.80
N VAL G 104 -49.83 22.89 59.60
CA VAL G 104 -49.91 22.67 61.04
C VAL G 104 -50.77 23.73 61.68
N GLU G 105 -51.98 23.32 62.09
CA GLU G 105 -52.98 24.19 62.69
C GLU G 105 -52.90 24.09 64.20
N ILE G 106 -52.99 25.24 64.87
CA ILE G 106 -52.86 25.24 66.31
C ILE G 106 -54.23 25.47 67.00
N LYS G 107 -54.59 24.54 67.94
CA LYS G 107 -55.84 24.51 68.69
C LYS G 107 -55.58 24.87 70.14
N GLN H 3 -7.95 -59.75 43.01
CA GLN H 3 -7.62 -58.32 42.97
C GLN H 3 -8.72 -57.48 42.29
N LEU H 4 -9.49 -58.06 41.34
CA LEU H 4 -10.56 -57.41 40.58
C LEU H 4 -11.92 -58.06 40.78
N GLN H 5 -12.94 -57.26 41.10
CA GLN H 5 -14.28 -57.85 41.25
C GLN H 5 -15.43 -56.99 40.74
N GLU H 6 -16.16 -57.52 39.78
CA GLU H 6 -17.31 -56.85 39.18
C GLU H 6 -18.55 -56.86 40.06
N ALA H 7 -19.31 -55.77 40.00
CA ALA H 7 -20.60 -55.70 40.66
C ALA H 7 -21.55 -54.79 39.89
N GLY H 8 -22.84 -55.06 39.97
CA GLY H 8 -23.82 -54.20 39.30
C GLY H 8 -25.00 -55.03 38.84
N PRO H 9 -25.96 -54.44 38.11
CA PRO H 9 -27.16 -55.07 37.65
C PRO H 9 -26.83 -56.24 36.78
N GLY H 10 -27.58 -57.33 36.95
CA GLY H 10 -27.41 -58.51 36.11
C GLY H 10 -28.47 -58.49 35.02
N LEU H 11 -29.26 -57.42 35.01
CA LEU H 11 -30.37 -57.24 34.09
C LEU H 11 -30.69 -55.80 33.80
N VAL H 12 -30.77 -55.48 32.51
CA VAL H 12 -31.21 -54.18 32.02
C VAL H 12 -32.23 -54.46 30.92
N LYS H 13 -33.10 -53.50 30.60
CA LYS H 13 -34.01 -53.74 29.48
C LYS H 13 -33.53 -52.91 28.28
N PRO H 14 -34.02 -53.14 27.07
CA PRO H 14 -33.62 -52.40 25.92
C PRO H 14 -33.81 -50.92 26.14
N SER H 15 -32.82 -50.17 25.68
CA SER H 15 -32.66 -48.72 25.71
C SER H 15 -32.05 -48.20 27.01
N GLU H 16 -31.95 -49.03 28.04
CA GLU H 16 -31.40 -48.58 29.30
C GLU H 16 -29.89 -48.55 29.30
N THR H 17 -29.35 -47.76 30.20
CA THR H 17 -27.90 -47.70 30.36
C THR H 17 -27.46 -48.74 31.36
N LEU H 18 -26.45 -49.48 31.00
CA LEU H 18 -25.86 -50.48 31.88
C LEU H 18 -24.67 -49.90 32.56
N SER H 19 -24.61 -50.05 33.87
CA SER H 19 -23.47 -49.53 34.60
C SER H 19 -22.87 -50.58 35.52
N LEU H 20 -21.65 -51.00 35.20
CA LEU H 20 -20.97 -52.01 36.01
C LEU H 20 -19.71 -51.47 36.63
N THR H 21 -19.48 -51.82 37.88
CA THR H 21 -18.29 -51.33 38.56
C THR H 21 -17.38 -52.47 39.00
N CYS H 22 -16.07 -52.35 38.71
CA CYS H 22 -15.01 -53.28 39.10
C CYS H 22 -14.23 -52.69 40.28
N THR H 23 -14.25 -53.41 41.38
CA THR H 23 -13.56 -52.98 42.58
C THR H 23 -12.14 -53.47 42.56
N VAL H 24 -11.20 -52.59 42.88
CA VAL H 24 -9.80 -52.94 42.88
C VAL H 24 -9.21 -53.05 44.27
N SER H 25 -8.48 -54.13 44.50
CA SER H 25 -7.80 -54.35 45.76
C SER H 25 -6.49 -55.06 45.53
N GLY H 26 -5.46 -54.71 46.30
CA GLY H 26 -4.15 -55.34 46.10
C GLY H 26 -3.36 -54.61 45.01
N GLY H 27 -3.84 -53.44 44.65
CA GLY H 27 -3.28 -52.56 43.63
C GLY H 27 -4.12 -51.30 43.61
N SER H 28 -3.82 -50.38 42.70
CA SER H 28 -4.54 -49.11 42.66
C SER H 28 -4.80 -48.57 41.29
N VAL H 29 -6.01 -48.08 41.10
CA VAL H 29 -6.40 -47.49 39.83
C VAL H 29 -5.70 -46.17 39.59
N SER H 30 -5.11 -45.61 40.64
CA SER H 30 -4.38 -44.36 40.58
C SER H 30 -2.96 -44.54 40.05
N ASP H 31 -2.54 -45.79 39.88
CA ASP H 31 -1.22 -46.12 39.42
C ASP H 31 -1.15 -45.98 37.90
N THR H 32 -0.29 -45.09 37.45
CA THR H 32 -0.16 -44.72 36.05
C THR H 32 0.44 -45.79 35.18
N SER H 33 0.96 -46.85 35.77
CA SER H 33 1.57 -47.93 35.01
C SER H 33 0.53 -48.93 34.53
N TYR H 34 -0.74 -48.76 34.90
CA TYR H 34 -1.69 -49.76 34.44
C TYR H 34 -2.88 -49.20 33.68
N PHE H 35 -3.33 -49.99 32.73
CA PHE H 35 -4.59 -49.74 32.04
C PHE H 35 -5.65 -50.63 32.59
N TRP H 36 -6.82 -50.07 32.76
CA TRP H 36 -7.91 -50.83 33.31
C TRP H 36 -8.98 -50.92 32.27
N GLY H 37 -9.64 -52.04 32.15
CA GLY H 37 -10.64 -52.06 31.11
C GLY H 37 -11.57 -53.23 31.12
N TRP H 38 -12.38 -53.28 30.08
CA TRP H 38 -13.42 -54.29 29.97
C TRP H 38 -13.40 -55.09 28.69
N ILE H 39 -13.73 -56.37 28.86
CA ILE H 39 -13.86 -57.39 27.83
C ILE H 39 -15.24 -58.03 27.87
N ARG H 40 -15.88 -58.11 26.73
CA ARG H 40 -17.20 -58.68 26.68
C ARG H 40 -17.23 -60.07 26.10
N GLN H 41 -18.07 -60.94 26.66
CA GLN H 41 -18.22 -62.27 26.08
C GLN H 41 -19.68 -62.70 25.93
N PRO H 42 -20.30 -62.50 24.76
CA PRO H 42 -21.68 -62.82 24.51
C PRO H 42 -21.83 -64.31 24.75
N PRO H 43 -22.98 -64.81 25.14
CA PRO H 43 -23.17 -66.21 25.39
C PRO H 43 -22.96 -66.96 24.10
N GLY H 44 -22.18 -68.03 24.16
CA GLY H 44 -21.90 -68.86 23.00
C GLY H 44 -20.83 -68.29 22.09
N LYS H 45 -20.25 -67.15 22.46
CA LYS H 45 -19.26 -66.49 21.64
C LYS H 45 -17.90 -66.35 22.30
N GLY H 46 -16.96 -65.80 21.52
CA GLY H 46 -15.60 -65.55 21.98
C GLY H 46 -15.53 -64.18 22.60
N LEU H 47 -14.35 -63.62 22.69
CA LEU H 47 -14.21 -62.37 23.38
C LEU H 47 -14.23 -61.16 22.46
N GLU H 48 -14.79 -60.07 22.95
CA GLU H 48 -14.78 -58.78 22.28
C GLU H 48 -14.21 -57.74 23.21
N TRP H 49 -13.19 -57.03 22.79
CA TRP H 49 -12.66 -56.01 23.68
C TRP H 49 -13.55 -54.78 23.68
N ILE H 50 -13.80 -54.17 24.83
CA ILE H 50 -14.57 -52.93 24.86
C ILE H 50 -13.74 -51.72 24.94
N GLY H 51 -12.81 -51.70 25.87
CA GLY H 51 -12.03 -50.49 26.05
C GLY H 51 -11.16 -50.51 27.28
N SER H 52 -10.31 -49.51 27.39
CA SER H 52 -9.45 -49.40 28.55
C SER H 52 -9.05 -47.96 28.81
N VAL H 53 -8.79 -47.65 30.06
CA VAL H 53 -8.35 -46.31 30.43
C VAL H 53 -7.17 -46.29 31.36
N SER H 54 -6.49 -45.16 31.39
CA SER H 54 -5.40 -44.94 32.33
C SER H 54 -5.57 -43.73 33.19
N TYR H 55 -4.87 -43.71 34.30
CA TYR H 55 -4.87 -42.62 35.24
C TYR H 55 -4.25 -41.37 34.65
N THR H 56 -3.45 -41.55 33.62
CA THR H 56 -2.78 -40.47 32.94
C THR H 56 -3.73 -39.74 31.97
N GLY H 57 -4.92 -40.30 31.75
CA GLY H 57 -5.92 -39.73 30.83
C GLY H 57 -6.12 -40.48 29.52
N ASP H 58 -5.20 -41.37 29.18
CA ASP H 58 -5.31 -42.14 27.95
C ASP H 58 -6.54 -43.01 27.96
N ASN H 59 -7.22 -43.09 26.83
CA ASN H 59 -8.40 -43.92 26.78
C ASN H 59 -8.68 -44.48 25.40
N TYR H 60 -9.00 -45.76 25.36
CA TYR H 60 -9.28 -46.39 24.10
C TYR H 60 -10.54 -47.20 24.16
N TYR H 61 -11.25 -47.21 23.06
CA TYR H 61 -12.47 -47.98 22.98
C TYR H 61 -12.56 -48.68 21.68
N ASN H 62 -13.36 -49.72 21.63
CA ASN H 62 -13.65 -50.42 20.41
C ASN H 62 -14.50 -49.53 19.51
N PRO H 63 -14.03 -49.12 18.33
CA PRO H 63 -14.70 -48.21 17.41
C PRO H 63 -16.10 -48.63 17.01
N SER H 64 -16.44 -49.92 17.08
CA SER H 64 -17.78 -50.34 16.68
C SER H 64 -18.78 -50.05 17.78
N LEU H 65 -18.25 -49.80 18.96
CA LEU H 65 -19.01 -49.53 20.14
C LEU H 65 -18.87 -48.10 20.62
N ARG H 66 -17.75 -47.43 20.25
CA ARG H 66 -17.44 -46.10 20.78
C ARG H 66 -18.30 -44.97 20.27
N SER H 67 -19.55 -45.03 20.67
CA SER H 67 -20.57 -44.07 20.42
C SER H 67 -21.50 -44.23 21.59
N ARG H 68 -21.43 -45.42 22.19
CA ARG H 68 -22.31 -45.81 23.28
C ARG H 68 -21.58 -46.13 24.57
N VAL H 69 -20.27 -45.97 24.59
CA VAL H 69 -19.52 -46.39 25.76
C VAL H 69 -18.63 -45.39 26.41
N ALA H 70 -18.61 -45.43 27.72
CA ALA H 70 -17.69 -44.64 28.48
C ALA H 70 -17.13 -45.46 29.62
N ILE H 71 -15.87 -45.24 29.91
CA ILE H 71 -15.23 -45.88 31.05
C ILE H 71 -14.66 -44.83 31.97
N SER H 72 -15.00 -44.95 33.24
CA SER H 72 -14.58 -44.00 34.26
C SER H 72 -13.66 -44.62 35.30
N LEU H 73 -12.52 -44.01 35.50
CA LEU H 73 -11.55 -44.53 36.45
C LEU H 73 -11.71 -43.76 37.78
N ASP H 74 -12.49 -44.31 38.71
CA ASP H 74 -12.89 -43.60 39.93
C ASP H 74 -11.85 -43.80 41.03
N ALA H 75 -10.74 -43.10 40.87
CA ALA H 75 -9.61 -43.27 41.77
C ALA H 75 -9.93 -43.07 43.24
N PRO H 76 -10.74 -42.10 43.69
CA PRO H 76 -11.01 -41.89 45.09
C PRO H 76 -11.60 -43.11 45.79
N LYS H 77 -12.21 -44.04 45.06
CA LYS H 77 -12.80 -45.21 45.68
C LYS H 77 -12.09 -46.49 45.23
N ASN H 78 -10.96 -46.32 44.55
CA ASN H 78 -10.14 -47.39 44.00
C ASN H 78 -10.96 -48.35 43.16
N ARG H 79 -11.73 -47.81 42.23
CA ARG H 79 -12.54 -48.67 41.39
C ARG H 79 -12.80 -48.03 40.06
N PHE H 80 -13.35 -48.80 39.14
CA PHE H 80 -13.66 -48.24 37.83
C PHE H 80 -14.94 -48.77 37.24
N SER H 81 -15.51 -48.04 36.33
CA SER H 81 -16.75 -48.52 35.79
C SER H 81 -17.00 -48.32 34.32
N LEU H 82 -17.82 -49.24 33.83
CA LEU H 82 -18.27 -49.31 32.47
C LEU H 82 -19.67 -48.86 32.27
N LYS H 83 -19.87 -47.88 31.43
CA LYS H 83 -21.20 -47.41 31.15
C LYS H 83 -21.58 -47.60 29.69
N LEU H 84 -22.62 -48.37 29.44
CA LEU H 84 -23.07 -48.62 28.07
C LEU H 84 -24.48 -48.14 27.85
N ARG H 85 -24.61 -47.22 26.93
CA ARG H 85 -25.88 -46.61 26.62
C ARG H 85 -26.65 -47.41 25.61
N SER H 86 -27.96 -47.24 25.61
CA SER H 86 -28.82 -47.84 24.62
C SER H 86 -28.57 -49.33 24.45
N VAL H 87 -28.52 -50.06 25.56
CA VAL H 87 -28.28 -51.48 25.46
C VAL H 87 -29.47 -52.04 24.72
N THR H 88 -29.28 -52.90 23.73
CA THR H 88 -30.44 -53.36 22.98
C THR H 88 -30.77 -54.84 23.06
N ALA H 89 -29.80 -55.71 22.86
CA ALA H 89 -30.15 -57.14 22.83
C ALA H 89 -28.95 -58.05 22.66
N ALA H 90 -28.13 -57.67 21.71
CA ALA H 90 -26.93 -58.41 21.32
C ALA H 90 -25.83 -58.16 22.30
N ASP H 91 -26.14 -57.31 23.25
CA ASP H 91 -25.28 -56.87 24.29
C ASP H 91 -25.36 -57.80 25.49
N THR H 92 -26.20 -58.85 25.41
CA THR H 92 -26.21 -59.80 26.52
C THR H 92 -24.85 -60.46 26.51
N ALA H 93 -24.17 -60.41 27.63
CA ALA H 93 -22.81 -60.94 27.68
C ALA H 93 -22.26 -61.01 29.06
N VAL H 94 -21.17 -61.72 29.21
CA VAL H 94 -20.48 -61.62 30.46
C VAL H 94 -19.54 -60.47 30.34
N TYR H 95 -19.60 -59.55 31.26
CA TYR H 95 -18.70 -58.44 31.22
C TYR H 95 -17.61 -58.68 32.21
N TYR H 96 -16.37 -58.70 31.74
CA TYR H 96 -15.26 -58.94 32.62
C TYR H 96 -14.42 -57.69 32.69
N CYS H 97 -13.84 -57.40 33.86
CA CYS H 97 -12.87 -56.32 34.04
C CYS H 97 -11.48 -56.94 34.06
N ALA H 98 -10.51 -56.16 33.62
CA ALA H 98 -9.13 -56.64 33.61
C ALA H 98 -8.10 -55.54 33.73
N ARG H 99 -6.90 -55.92 34.15
CA ARG H 99 -5.81 -54.98 34.27
C ARG H 99 -4.59 -55.34 33.44
N ARG H 100 -4.12 -54.35 32.69
CA ARG H 100 -2.98 -54.45 31.81
C ARG H 100 -1.80 -53.55 32.17
N PRO H 101 -0.72 -54.07 32.74
CA PRO H 101 0.45 -53.33 33.08
C PRO H 101 1.06 -52.85 31.79
N THR H 102 1.79 -51.76 31.84
CA THR H 102 2.52 -51.24 30.70
C THR H 102 3.99 -51.57 30.88
N HIS H 103 4.27 -52.47 31.79
CA HIS H 103 5.62 -52.88 32.14
C HIS H 103 6.48 -53.38 31.00
N PHE H 104 7.76 -53.08 31.19
CA PHE H 104 8.89 -53.31 30.31
C PHE H 104 8.86 -52.29 29.21
N ASP H 105 7.86 -52.44 28.36
CA ASP H 105 7.53 -51.54 27.30
C ASP H 105 6.18 -51.95 26.75
N PHE H 106 5.12 -51.92 27.54
CA PHE H 106 3.85 -52.34 27.00
C PHE H 106 3.93 -53.73 26.41
N TRP H 107 4.49 -54.69 27.14
CA TRP H 107 4.58 -56.06 26.63
C TRP H 107 3.50 -57.02 27.09
N LYS H 108 2.55 -56.55 27.88
CA LYS H 108 1.58 -57.46 28.46
C LYS H 108 0.14 -57.17 28.07
N THR H 109 -0.71 -58.20 28.07
CA THR H 109 -2.14 -58.03 27.78
C THR H 109 -3.07 -58.59 28.81
N PHE H 110 -3.54 -57.78 29.73
CA PHE H 110 -4.48 -58.23 30.74
C PHE H 110 -4.02 -59.39 31.58
N ASP H 111 -3.16 -59.10 32.54
CA ASP H 111 -2.63 -60.15 33.40
C ASP H 111 -3.61 -60.48 34.50
N TYR H 112 -4.37 -59.49 34.95
CA TYR H 112 -5.33 -59.76 36.01
C TYR H 112 -6.72 -59.62 35.52
N TRP H 113 -7.53 -60.58 35.87
CA TRP H 113 -8.93 -60.62 35.48
C TRP H 113 -9.86 -60.72 36.65
N GLY H 114 -11.05 -60.21 36.46
CA GLY H 114 -12.10 -60.31 37.43
C GLY H 114 -12.81 -61.63 37.22
N GLN H 115 -14.01 -61.75 37.77
CA GLN H 115 -14.72 -63.01 37.70
C GLN H 115 -15.75 -62.98 36.61
N GLY H 116 -16.20 -61.78 36.33
CA GLY H 116 -17.19 -61.54 35.33
C GLY H 116 -18.57 -61.42 35.90
N SER H 117 -19.38 -60.63 35.22
CA SER H 117 -20.75 -60.44 35.63
C SER H 117 -21.65 -60.58 34.42
N LEU H 118 -22.55 -61.54 34.48
CA LEU H 118 -23.42 -61.78 33.35
C LEU H 118 -24.60 -60.88 33.36
N VAL H 119 -24.76 -60.15 32.27
CA VAL H 119 -25.86 -59.23 32.16
C VAL H 119 -26.79 -59.62 31.05
N THR H 120 -28.05 -59.79 31.41
CA THR H 120 -29.13 -60.13 30.52
C THR H 120 -29.82 -58.89 30.00
N VAL H 121 -30.13 -58.86 28.71
CA VAL H 121 -30.89 -57.73 28.22
C VAL H 121 -32.29 -58.21 27.91
N SER H 122 -33.28 -57.69 28.63
CA SER H 122 -34.66 -58.15 28.46
C SER H 122 -35.70 -57.15 28.96
N SER H 123 -36.84 -57.03 28.22
CA SER H 123 -37.99 -56.16 28.46
C SER H 123 -38.35 -55.98 29.94
N ASP I 1 -9.85 -52.13 11.27
CA ASP I 1 -9.34 -53.03 12.29
C ASP I 1 -8.64 -54.23 11.59
N ILE I 2 -8.06 -55.15 12.40
CA ILE I 2 -7.42 -56.37 11.91
C ILE I 2 -8.26 -57.55 12.29
N GLN I 3 -8.65 -58.30 11.29
CA GLN I 3 -9.49 -59.46 11.49
C GLN I 3 -8.61 -60.66 11.74
N MET I 4 -8.87 -61.35 12.83
CA MET I 4 -8.09 -62.52 13.14
C MET I 4 -8.91 -63.80 13.12
N THR I 5 -8.35 -64.83 12.49
CA THR I 5 -8.98 -66.14 12.39
C THR I 5 -8.17 -67.21 13.10
N GLN I 6 -8.84 -68.10 13.82
CA GLN I 6 -8.12 -69.19 14.46
C GLN I 6 -8.53 -70.53 13.86
N SER I 7 -7.60 -71.47 13.87
CA SER I 7 -7.85 -72.80 13.32
C SER I 7 -6.96 -73.87 13.94
N PRO I 8 -7.50 -75.08 14.19
CA PRO I 8 -8.87 -75.55 14.00
C PRO I 8 -9.78 -74.91 15.01
N SER I 9 -11.05 -74.69 14.66
CA SER I 9 -11.99 -74.11 15.63
C SER I 9 -12.39 -75.11 16.71
N THR I 10 -12.41 -76.39 16.36
CA THR I 10 -12.72 -77.43 17.32
C THR I 10 -11.64 -78.48 17.25
N LEU I 11 -11.04 -78.80 18.38
CA LEU I 11 -9.99 -79.80 18.39
C LEU I 11 -10.24 -80.98 19.30
N SER I 12 -10.08 -82.17 18.74
CA SER I 12 -10.17 -83.41 19.49
C SER I 12 -8.75 -83.96 19.63
N ALA I 13 -8.26 -84.09 20.87
CA ALA I 13 -6.88 -84.56 21.09
C ALA I 13 -6.81 -85.43 22.34
N SER I 14 -5.86 -86.37 22.37
CA SER I 14 -5.71 -87.30 23.50
C SER I 14 -4.84 -86.83 24.65
N VAL I 15 -4.97 -87.45 25.80
CA VAL I 15 -4.06 -87.11 26.85
C VAL I 15 -2.70 -87.62 26.46
N GLY I 16 -1.70 -86.75 26.57
CA GLY I 16 -0.32 -87.08 26.23
C GLY I 16 -0.04 -86.77 24.76
N ASP I 17 -1.03 -86.25 24.07
CA ASP I 17 -0.91 -85.92 22.68
C ASP I 17 -0.28 -84.55 22.55
N ARG I 18 -0.10 -84.10 21.32
CA ARG I 18 0.49 -82.79 21.14
C ARG I 18 -0.45 -81.88 20.40
N VAL I 19 -0.65 -80.71 20.97
CA VAL I 19 -1.57 -79.77 20.38
C VAL I 19 -0.95 -78.56 19.76
N THR I 20 -1.38 -78.26 18.54
CA THR I 20 -0.96 -77.06 17.85
C THR I 20 -2.19 -76.26 17.46
N ILE I 21 -2.22 -74.98 17.82
CA ILE I 21 -3.32 -74.09 17.48
C ILE I 21 -2.77 -72.94 16.65
N THR I 22 -3.37 -72.64 15.50
CA THR I 22 -2.84 -71.58 14.65
C THR I 22 -3.74 -70.32 14.56
N CYS I 23 -3.12 -69.13 14.69
CA CYS I 23 -3.72 -67.81 14.51
C CYS I 23 -3.25 -67.22 13.19
N ARG I 24 -4.21 -66.72 12.43
CA ARG I 24 -3.96 -66.13 11.12
C ARG I 24 -4.46 -64.70 11.03
N ALA I 25 -3.56 -63.74 11.13
CA ALA I 25 -3.98 -62.33 11.08
C ALA I 25 -4.14 -61.93 9.62
N SER I 26 -5.16 -61.14 9.29
CA SER I 26 -5.31 -60.65 7.92
C SER I 26 -4.28 -59.58 7.56
N GLN I 27 -3.65 -59.00 8.57
CA GLN I 27 -2.65 -57.98 8.41
C GLN I 27 -1.51 -58.32 9.31
N SER I 28 -0.32 -57.88 8.99
CA SER I 28 0.77 -58.15 9.90
C SER I 28 0.54 -57.50 11.24
N ILE I 29 0.88 -58.25 12.28
CA ILE I 29 0.78 -57.79 13.66
C ILE I 29 2.14 -57.89 14.30
N SER I 30 3.16 -57.90 13.46
CA SER I 30 4.53 -58.01 13.92
C SER I 30 4.66 -59.24 14.76
N THR I 31 5.17 -59.10 15.97
CA THR I 31 5.32 -60.25 16.85
C THR I 31 4.45 -60.11 18.08
N TRP I 32 3.50 -59.17 18.05
CA TRP I 32 2.68 -58.93 19.20
C TRP I 32 1.35 -59.65 19.13
N LEU I 33 1.35 -60.91 19.52
CA LEU I 33 0.14 -61.71 19.51
C LEU I 33 0.01 -62.34 20.87
N ALA I 34 -1.11 -62.11 21.53
CA ALA I 34 -1.25 -62.70 22.87
C ALA I 34 -2.16 -63.89 22.80
N TRP I 35 -1.97 -64.85 23.73
CA TRP I 35 -2.85 -66.03 23.84
C TRP I 35 -3.38 -66.20 25.26
N TYR I 36 -4.63 -66.64 25.36
CA TYR I 36 -5.32 -66.89 26.63
C TYR I 36 -5.96 -68.26 26.73
N GLN I 37 -6.02 -68.78 27.95
CA GLN I 37 -6.69 -70.04 28.28
C GLN I 37 -7.97 -69.84 29.06
N GLN I 38 -9.11 -70.13 28.46
CA GLN I 38 -10.33 -69.92 29.19
C GLN I 38 -11.01 -71.20 29.59
N LYS I 39 -10.93 -71.54 30.85
CA LYS I 39 -11.58 -72.74 31.30
C LYS I 39 -13.04 -72.29 31.39
N PRO I 40 -14.04 -73.11 31.09
CA PRO I 40 -15.42 -72.71 31.18
C PRO I 40 -15.71 -72.20 32.57
N GLY I 41 -16.46 -71.11 32.64
CA GLY I 41 -16.85 -70.53 33.91
C GLY I 41 -15.83 -69.57 34.48
N GLU I 42 -14.68 -69.42 33.84
CA GLU I 42 -13.63 -68.56 34.35
C GLU I 42 -13.21 -67.49 33.35
N ALA I 43 -12.68 -66.39 33.88
CA ALA I 43 -12.13 -65.38 33.00
C ALA I 43 -10.92 -66.00 32.32
N PRO I 44 -10.61 -65.66 31.06
CA PRO I 44 -9.45 -66.16 30.35
C PRO I 44 -8.16 -65.84 31.08
N LYS I 45 -7.28 -66.81 31.19
CA LYS I 45 -5.98 -66.58 31.81
C LYS I 45 -4.94 -66.36 30.74
N LEU I 46 -4.14 -65.33 30.89
CA LEU I 46 -3.12 -65.09 29.90
C LEU I 46 -2.06 -66.19 29.91
N LEU I 47 -1.67 -66.69 28.74
CA LEU I 47 -0.61 -67.66 28.64
C LEU I 47 0.66 -67.12 27.96
N ILE I 48 0.45 -66.41 26.86
CA ILE I 48 1.51 -65.92 25.98
C ILE I 48 1.48 -64.41 25.77
N TYR I 49 2.65 -63.78 25.82
CA TYR I 49 2.77 -62.35 25.65
C TYR I 49 3.12 -61.96 24.22
N LYS I 50 4.40 -61.72 23.97
CA LYS I 50 4.87 -61.29 22.67
C LYS I 50 5.12 -62.48 21.78
N ALA I 51 4.07 -63.16 21.35
CA ALA I 51 4.14 -64.39 20.55
C ALA I 51 4.69 -65.57 21.38
N SER I 52 5.69 -65.33 22.23
CA SER I 52 6.25 -66.32 23.12
C SER I 52 6.37 -65.77 24.56
N ASN I 53 7.60 -65.68 25.06
CA ASN I 53 7.98 -65.25 26.43
C ASN I 53 7.50 -66.20 27.53
N LEU I 54 6.18 -66.41 27.56
CA LEU I 54 5.40 -67.29 28.43
C LEU I 54 5.14 -66.70 29.81
N GLU I 55 3.85 -66.50 30.11
CA GLU I 55 3.37 -65.87 31.33
C GLU I 55 3.80 -66.68 32.55
N SER I 56 4.22 -65.99 33.60
CA SER I 56 4.69 -66.68 34.79
C SER I 56 3.64 -67.57 35.41
N GLY I 57 4.02 -68.80 35.70
CA GLY I 57 3.07 -69.73 36.31
C GLY I 57 2.43 -70.64 35.28
N VAL I 58 2.63 -70.38 34.00
CA VAL I 58 2.06 -71.25 32.99
C VAL I 58 2.92 -72.52 33.01
N PRO I 59 2.35 -73.73 33.13
CA PRO I 59 3.02 -75.04 33.30
C PRO I 59 4.27 -75.50 32.51
N SER I 60 4.82 -74.65 31.65
CA SER I 60 5.98 -74.95 30.78
C SER I 60 5.64 -75.97 29.70
N ARG I 61 4.38 -76.34 29.60
CA ARG I 61 3.90 -77.22 28.57
C ARG I 61 3.51 -76.37 27.40
N PHE I 62 3.30 -75.10 27.68
CA PHE I 62 2.82 -74.16 26.70
C PHE I 62 3.94 -73.31 26.20
N SER I 63 3.95 -73.10 24.90
CA SER I 63 4.91 -72.19 24.28
C SER I 63 4.38 -71.68 22.96
N GLY I 64 4.66 -70.44 22.65
CA GLY I 64 4.23 -69.94 21.35
C GLY I 64 5.37 -69.35 20.57
N SER I 65 5.12 -69.19 19.28
CA SER I 65 6.06 -68.56 18.34
C SER I 65 5.37 -68.12 17.08
N GLY I 66 6.07 -67.33 16.27
CA GLY I 66 5.53 -66.89 14.97
C GLY I 66 5.78 -65.42 14.74
N SER I 67 5.50 -64.98 13.52
CA SER I 67 5.71 -63.59 13.14
C SER I 67 4.86 -63.14 11.97
N GLY I 68 4.42 -61.90 12.01
CA GLY I 68 3.72 -61.33 10.90
C GLY I 68 2.27 -61.71 10.94
N THR I 69 1.93 -62.76 10.23
CA THR I 69 0.54 -63.16 10.19
C THR I 69 0.23 -64.54 10.72
N GLU I 70 1.19 -65.45 10.72
CA GLU I 70 0.87 -66.81 11.14
C GLU I 70 1.64 -67.22 12.37
N PHE I 71 0.89 -67.49 13.41
CA PHE I 71 1.44 -67.80 14.71
C PHE I 71 0.86 -69.05 15.29
N THR I 72 1.64 -69.76 16.08
CA THR I 72 1.09 -70.92 16.75
C THR I 72 1.37 -71.02 18.23
N LEU I 73 0.47 -71.72 18.89
CA LEU I 73 0.60 -72.10 20.28
C LEU I 73 0.65 -73.57 20.32
N THR I 74 1.62 -74.11 21.05
CA THR I 74 1.64 -75.53 21.17
C THR I 74 1.64 -75.95 22.61
N ILE I 75 1.09 -77.13 22.82
CA ILE I 75 1.09 -77.77 24.12
C ILE I 75 1.93 -79.01 23.97
N SER I 76 3.07 -79.07 24.66
CA SER I 76 4.01 -80.16 24.45
C SER I 76 3.48 -81.53 24.79
N SER I 77 2.58 -81.58 25.77
CA SER I 77 1.92 -82.79 26.26
C SER I 77 0.56 -82.38 26.77
N LEU I 78 -0.50 -82.85 26.16
CA LEU I 78 -1.82 -82.43 26.59
C LEU I 78 -2.26 -83.16 27.85
N GLN I 79 -2.68 -82.40 28.85
CA GLN I 79 -3.18 -83.01 30.09
C GLN I 79 -4.61 -82.56 30.28
N PRO I 80 -5.48 -83.28 31.00
CA PRO I 80 -6.86 -82.89 31.26
C PRO I 80 -7.03 -81.46 31.78
N ASP I 81 -6.06 -80.92 32.54
CA ASP I 81 -6.18 -79.56 33.04
C ASP I 81 -6.04 -78.52 31.94
N ASP I 82 -5.65 -78.96 30.75
CA ASP I 82 -5.46 -78.05 29.64
C ASP I 82 -6.76 -77.95 28.87
N PHE I 83 -7.82 -78.59 29.36
CA PHE I 83 -9.10 -78.44 28.70
C PHE I 83 -9.52 -77.02 28.84
N ALA I 84 -9.74 -76.37 27.71
CA ALA I 84 -10.07 -74.95 27.72
C ALA I 84 -10.43 -74.48 26.33
N THR I 85 -11.00 -73.30 26.27
CA THR I 85 -11.15 -72.65 24.99
C THR I 85 -9.96 -71.69 24.89
N TYR I 86 -9.22 -71.73 23.80
CA TYR I 86 -8.07 -70.84 23.71
C TYR I 86 -8.36 -69.71 22.77
N TYR I 87 -7.87 -68.54 23.12
CA TYR I 87 -8.08 -67.35 22.28
C TYR I 87 -6.79 -66.61 22.04
N CYS I 88 -6.69 -65.88 20.90
CA CYS I 88 -5.58 -64.97 20.63
C CYS I 88 -6.12 -63.61 20.14
N GLN I 89 -5.29 -62.58 20.33
CA GLN I 89 -5.61 -61.19 19.91
C GLN I 89 -4.46 -60.43 19.29
N GLN I 90 -4.77 -59.45 18.44
CA GLN I 90 -3.66 -58.60 18.01
C GLN I 90 -3.27 -57.84 19.21
N TYR I 91 -2.00 -57.64 19.39
CA TYR I 91 -1.56 -56.83 20.46
C TYR I 91 -0.60 -55.75 19.95
N ASN I 92 -0.94 -55.23 18.76
CA ASN I 92 -0.13 -54.10 18.19
C ASN I 92 -1.05 -52.90 18.01
N ILE I 93 -1.63 -52.74 16.82
CA ILE I 93 -2.54 -51.59 16.52
C ILE I 93 -3.73 -51.69 17.47
N TYR I 94 -4.50 -50.60 17.64
CA TYR I 94 -5.58 -50.69 18.65
C TYR I 94 -6.76 -51.40 18.10
N SER I 95 -7.87 -51.31 18.81
CA SER I 95 -9.01 -52.16 18.43
C SER I 95 -8.47 -53.59 18.50
N TRP I 96 -8.07 -54.05 19.69
CA TRP I 96 -7.60 -55.42 19.82
C TRP I 96 -8.75 -56.33 19.54
N THR I 97 -8.56 -57.18 18.58
CA THR I 97 -9.58 -58.08 18.16
C THR I 97 -9.18 -59.48 18.40
N PHE I 98 -10.10 -60.22 18.99
CA PHE I 98 -9.89 -61.62 19.27
C PHE I 98 -10.49 -62.44 18.17
N GLY I 99 -9.88 -63.57 17.91
CA GLY I 99 -10.45 -64.49 16.95
C GLY I 99 -11.54 -65.27 17.67
N GLN I 100 -12.15 -66.23 17.00
CA GLN I 100 -13.23 -66.99 17.61
C GLN I 100 -12.72 -67.93 18.68
N GLY I 101 -11.45 -68.23 18.61
CA GLY I 101 -10.80 -69.12 19.54
C GLY I 101 -10.99 -70.54 19.10
N THR I 102 -10.50 -71.45 19.91
CA THR I 102 -10.61 -72.87 19.62
C THR I 102 -10.99 -73.65 20.85
N LYS I 103 -11.81 -74.67 20.67
CA LYS I 103 -12.13 -75.53 21.80
C LYS I 103 -11.23 -76.74 21.86
N VAL I 104 -10.52 -76.93 22.98
CA VAL I 104 -9.66 -78.09 23.07
C VAL I 104 -10.25 -79.11 24.02
N GLU I 105 -10.75 -80.21 23.43
CA GLU I 105 -11.39 -81.31 24.13
C GLU I 105 -10.37 -82.40 24.37
N ILE I 106 -10.30 -82.89 25.61
CA ILE I 106 -9.28 -83.87 25.92
C ILE I 106 -9.85 -85.27 26.15
N LYS I 107 -9.37 -86.26 25.35
CA LYS I 107 -9.80 -87.66 25.37
C LYS I 107 -8.60 -88.58 25.56
N PRO J 78 -19.01 2.63 1.34
CA PRO J 78 -18.59 3.75 2.18
C PRO J 78 -19.83 4.55 2.62
N GLU J 79 -20.55 4.00 3.62
CA GLU J 79 -21.75 4.58 4.24
C GLU J 79 -21.39 5.14 5.59
N TRP J 80 -22.20 6.06 6.07
CA TRP J 80 -21.91 6.68 7.34
C TRP J 80 -21.96 5.67 8.46
N THR J 81 -21.09 5.81 9.45
CA THR J 81 -21.21 4.89 10.56
C THR J 81 -22.24 5.34 11.56
N TYR J 82 -22.67 4.37 12.33
CA TYR J 82 -23.57 4.56 13.44
C TYR J 82 -23.00 3.78 14.60
N PRO J 83 -23.35 4.11 15.82
CA PRO J 83 -23.07 3.31 16.97
C PRO J 83 -23.77 1.99 16.76
N ARG J 84 -23.17 0.92 17.22
CA ARG J 84 -23.75 -0.41 17.09
C ARG J 84 -23.67 -1.10 18.42
N LEU J 85 -24.43 -2.16 18.60
CA LEU J 85 -24.32 -2.85 19.87
C LEU J 85 -22.94 -3.44 19.99
N SER J 86 -22.45 -3.50 21.22
CA SER J 86 -21.16 -4.01 21.55
C SER J 86 -21.10 -5.51 21.38
N CYS J 87 -19.90 -6.02 21.09
CA CYS J 87 -19.55 -7.43 20.96
C CYS J 87 -19.68 -8.11 22.32
N PRO J 88 -20.32 -9.29 22.39
CA PRO J 88 -20.49 -10.02 23.61
C PRO J 88 -19.17 -10.22 24.26
N GLY J 89 -19.15 -10.08 25.56
CA GLY J 89 -17.99 -10.21 26.39
C GLY J 89 -18.32 -9.48 27.66
N SER J 90 -17.57 -9.76 28.72
CA SER J 90 -17.83 -9.11 29.99
C SER J 90 -16.62 -8.59 30.69
N THR J 91 -15.43 -8.81 30.14
CA THR J 91 -14.27 -8.33 30.87
C THR J 91 -13.26 -7.70 29.98
N PHE J 92 -12.28 -7.05 30.57
CA PHE J 92 -11.19 -6.48 29.79
C PHE J 92 -9.90 -7.19 30.02
N GLN J 93 -9.13 -7.32 28.96
CA GLN J 93 -7.81 -7.94 29.01
C GLN J 93 -6.79 -7.14 28.26
N LYS J 94 -5.52 -7.25 28.66
CA LYS J 94 -4.49 -6.56 27.90
C LYS J 94 -4.52 -7.09 26.51
N ALA J 95 -4.55 -6.21 25.55
CA ALA J 95 -4.58 -6.58 24.17
C ALA J 95 -3.22 -6.40 23.50
N LEU J 96 -2.69 -5.20 23.60
CA LEU J 96 -1.49 -4.81 22.85
C LEU J 96 -0.61 -3.73 23.49
N LEU J 97 0.72 -3.89 23.47
CA LEU J 97 1.55 -2.79 23.96
C LEU J 97 2.49 -2.23 22.89
N ILE J 98 2.42 -0.93 22.72
CA ILE J 98 3.30 -0.23 21.80
C ILE J 98 4.36 0.46 22.62
N SER J 99 5.60 0.08 22.42
CA SER J 99 6.66 0.63 23.25
C SER J 99 8.04 0.48 22.58
N PRO J 100 9.01 1.48 22.67
CA PRO J 100 10.40 1.40 22.17
C PRO J 100 11.12 0.13 22.67
N ILE J 115 7.04 10.59 21.61
CA ILE J 115 5.70 11.13 21.41
C ILE J 115 4.93 11.22 22.75
N ARG J 116 3.93 12.14 22.78
CA ARG J 116 3.07 12.43 23.94
C ARG J 116 1.60 12.53 23.58
N GLU J 117 0.74 12.40 24.60
CA GLU J 117 -0.70 12.48 24.47
C GLU J 117 -1.26 11.57 23.40
N PRO J 118 -1.02 10.25 23.48
CA PRO J 118 -1.48 9.29 22.53
C PRO J 118 -2.96 9.08 22.66
N PHE J 119 -3.56 8.66 21.58
CA PHE J 119 -4.94 8.23 21.56
C PHE J 119 -5.19 7.31 20.39
N VAL J 120 -6.30 6.62 20.37
CA VAL J 120 -6.63 5.79 19.23
C VAL J 120 -7.99 6.10 18.72
N ALA J 121 -8.12 6.12 17.41
CA ALA J 121 -9.40 6.34 16.78
C ALA J 121 -9.52 5.25 15.74
N CYS J 122 -10.74 4.71 15.50
CA CYS J 122 -10.97 3.63 14.56
C CYS J 122 -12.13 3.93 13.62
N GLY J 123 -12.04 3.37 12.42
CA GLY J 123 -13.07 3.48 11.41
C GLY J 123 -13.27 2.09 10.82
N PRO J 124 -14.09 1.94 9.80
CA PRO J 124 -14.32 0.66 9.19
C PRO J 124 -13.00 0.14 8.67
N ASN J 125 -12.69 -1.09 8.98
CA ASN J 125 -11.49 -1.80 8.51
C ASN J 125 -10.13 -1.23 8.94
N GLU J 126 -10.07 -0.27 9.85
CA GLU J 126 -8.74 0.18 10.31
C GLU J 126 -8.78 0.91 11.65
N CYS J 127 -7.63 0.93 12.36
CA CYS J 127 -7.40 1.74 13.55
C CYS J 127 -6.10 2.46 13.38
N LYS J 128 -6.08 3.70 13.82
CA LYS J 128 -4.87 4.48 13.78
C LYS J 128 -4.51 4.97 15.14
N HIS J 129 -3.24 4.96 15.39
CA HIS J 129 -2.72 5.43 16.64
C HIS J 129 -2.30 6.85 16.40
N PHE J 130 -2.77 7.74 17.24
CA PHE J 130 -2.48 9.14 17.12
C PHE J 130 -1.70 9.61 18.28
N ALA J 131 -0.88 10.61 18.05
CA ALA J 131 -0.12 11.22 19.12
C ALA J 131 0.38 12.54 18.69
N LEU J 132 0.89 13.30 19.63
CA LEU J 132 1.52 14.52 19.25
C LEU J 132 3.02 14.39 19.23
N THR J 133 3.61 15.05 18.25
CA THR J 133 5.05 15.14 18.11
C THR J 133 5.53 16.27 18.99
N HIS J 134 6.53 15.99 19.85
CA HIS J 134 7.12 16.94 20.80
C HIS J 134 7.98 17.98 20.06
N ARG J 154 4.95 21.70 17.34
CA ARG J 154 4.22 20.50 17.73
C ARG J 154 3.29 20.10 16.57
N HIS J 155 3.13 18.77 16.34
CA HIS J 155 2.27 18.19 15.27
C HIS J 155 1.42 17.00 15.64
N LEU J 156 0.30 16.91 14.97
CA LEU J 156 -0.60 15.79 15.09
C LEU J 156 -0.21 14.80 14.04
N ILE J 157 0.16 13.61 14.51
CA ILE J 157 0.65 12.54 13.67
C ILE J 157 -0.06 11.23 13.88
N SER J 158 0.06 10.34 12.89
CA SER J 158 -0.47 9.01 13.09
C SER J 158 0.22 7.87 12.38
N VAL J 159 0.07 6.67 12.95
CA VAL J 159 0.52 5.42 12.34
C VAL J 159 -0.56 4.38 12.39
N LYS J 160 -0.51 3.37 11.54
CA LYS J 160 -1.51 2.33 11.67
C LYS J 160 -1.33 1.66 13.02
N LEU J 161 -2.43 1.41 13.72
CA LEU J 161 -2.31 0.79 15.01
C LEU J 161 -1.66 -0.56 14.87
N GLY J 162 -0.65 -0.79 15.68
CA GLY J 162 0.10 -2.02 15.65
C GLY J 162 1.51 -1.73 15.16
N LYS J 163 1.72 -0.58 14.56
CA LYS J 163 3.07 -0.27 14.15
C LYS J 163 3.69 0.53 15.26
N ILE J 164 4.99 0.49 15.35
CA ILE J 164 5.67 1.29 16.33
C ILE J 164 5.88 2.63 15.66
N PRO J 165 5.50 3.75 16.23
CA PRO J 165 5.74 5.04 15.66
C PRO J 165 7.22 5.32 15.45
N THR J 166 7.56 5.72 14.23
CA THR J 166 8.89 6.10 13.79
C THR J 166 8.69 7.32 12.91
N VAL J 167 9.77 7.99 12.51
CA VAL J 167 9.61 9.11 11.60
C VAL J 167 9.23 8.63 10.20
N GLU J 168 9.74 7.48 9.81
CA GLU J 168 9.45 6.93 8.50
C GLU J 168 7.97 6.51 8.40
N ASN J 169 7.44 6.00 9.52
CA ASN J 169 6.06 5.53 9.61
C ASN J 169 5.01 6.61 9.84
N SER J 170 5.38 7.67 10.54
CA SER J 170 4.41 8.68 10.92
C SER J 170 4.03 9.68 9.85
N ILE J 171 2.74 9.86 9.67
CA ILE J 171 2.21 10.86 8.74
C ILE J 171 1.84 12.07 9.57
N PHE J 172 2.17 13.27 9.10
CA PHE J 172 1.86 14.50 9.80
C PHE J 172 0.60 15.13 9.25
N HIS J 173 -0.46 15.15 10.05
CA HIS J 173 -1.74 15.62 9.58
C HIS J 173 -1.85 17.11 9.63
N MET J 174 -1.27 17.69 10.68
CA MET J 174 -1.31 19.13 10.86
C MET J 174 -0.48 19.61 12.00
N ALA J 175 -0.12 20.89 11.97
CA ALA J 175 0.52 21.46 13.14
C ALA J 175 -0.51 21.52 14.23
N ALA J 176 -0.12 21.17 15.45
CA ALA J 176 -1.02 21.20 16.60
C ALA J 176 -0.31 20.92 17.92
N TRP J 177 -0.60 21.66 18.99
CA TRP J 177 -0.10 21.22 20.29
C TRP J 177 -1.18 20.45 21.01
N SER J 178 -2.36 20.42 20.43
CA SER J 178 -3.53 19.71 20.98
C SER J 178 -4.39 19.19 19.85
N GLY J 179 -4.97 18.00 19.96
CA GLY J 179 -5.81 17.58 18.84
C GLY J 179 -6.61 16.32 19.03
N SER J 180 -7.34 15.96 18.00
CA SER J 180 -8.24 14.81 18.06
C SER J 180 -8.45 14.24 16.67
N ALA J 181 -9.11 13.09 16.61
CA ALA J 181 -9.39 12.52 15.30
C ALA J 181 -10.67 11.75 15.34
N CYS J 182 -11.33 11.56 14.16
CA CYS J 182 -12.63 10.91 14.08
C CYS J 182 -12.79 10.20 12.74
N HIS J 183 -13.79 9.35 12.61
CA HIS J 183 -14.06 8.79 11.29
C HIS J 183 -15.55 8.71 11.17
N ASP J 184 -16.09 9.15 10.05
CA ASP J 184 -17.54 9.16 9.90
C ASP J 184 -18.14 8.06 9.04
N GLY J 185 -17.34 7.12 8.57
CA GLY J 185 -17.77 6.04 7.68
C GLY J 185 -17.39 6.29 6.24
N LYS J 186 -17.08 7.52 5.91
CA LYS J 186 -16.65 7.82 4.58
C LYS J 186 -15.21 8.28 4.61
N GLU J 187 -14.85 9.07 5.62
CA GLU J 187 -13.48 9.57 5.69
C GLU J 187 -13.04 9.93 7.13
N TRP J 188 -11.77 10.31 7.26
CA TRP J 188 -11.18 10.73 8.51
C TRP J 188 -11.23 12.22 8.74
N THR J 189 -11.48 12.59 9.96
CA THR J 189 -11.48 13.99 10.32
C THR J 189 -10.30 14.18 11.24
N TYR J 190 -9.49 15.19 10.97
CA TYR J 190 -8.33 15.44 11.82
C TYR J 190 -8.49 16.82 12.37
N ILE J 191 -8.34 16.94 13.66
CA ILE J 191 -8.59 18.20 14.31
C ILE J 191 -7.46 18.67 15.20
N GLY J 192 -7.11 19.95 15.15
CA GLY J 192 -6.08 20.36 16.11
C GLY J 192 -5.94 21.84 16.34
N VAL J 193 -5.21 22.16 17.38
CA VAL J 193 -5.03 23.51 17.83
C VAL J 193 -3.58 24.01 17.92
N ASP J 194 -3.36 25.25 17.38
CA ASP J 194 -2.10 26.01 17.43
C ASP J 194 -2.30 27.42 16.88
N ASN J 199 -2.94 31.78 23.06
CA ASN J 199 -4.04 31.97 22.13
C ASN J 199 -3.75 31.11 20.87
N ALA J 200 -4.78 30.38 20.37
CA ALA J 200 -4.69 29.44 19.25
C ALA J 200 -5.98 29.30 18.51
N LEU J 201 -5.86 28.82 17.29
CA LEU J 201 -6.98 28.52 16.43
C LEU J 201 -7.20 27.02 16.30
N LEU J 202 -8.46 26.60 16.23
CA LEU J 202 -8.77 25.21 15.96
C LEU J 202 -8.85 25.02 14.46
N LYS J 203 -8.11 24.08 13.95
CA LYS J 203 -8.10 23.78 12.53
C LYS J 203 -8.70 22.44 12.28
N VAL J 204 -9.59 22.36 11.31
CA VAL J 204 -10.23 21.12 10.98
C VAL J 204 -9.91 20.70 9.57
N LYS J 205 -9.41 19.48 9.45
CA LYS J 205 -9.02 18.86 8.19
C LYS J 205 -9.93 17.67 7.94
N TYR J 206 -10.26 17.43 6.69
CA TYR J 206 -11.07 16.27 6.38
C TYR J 206 -10.44 15.57 5.23
N GLY J 207 -10.05 14.34 5.44
CA GLY J 207 -9.33 13.67 4.40
C GLY J 207 -8.04 14.42 4.18
N GLU J 208 -7.81 14.85 2.93
CA GLU J 208 -6.60 15.57 2.54
C GLU J 208 -6.68 17.10 2.65
N ALA J 209 -7.89 17.66 2.78
CA ALA J 209 -8.05 19.11 2.71
C ALA J 209 -8.27 19.76 4.04
N TYR J 210 -7.82 20.98 4.18
CA TYR J 210 -8.14 21.73 5.37
C TYR J 210 -9.47 22.33 5.07
N THR J 211 -10.44 22.15 5.95
CA THR J 211 -11.79 22.57 5.63
C THR J 211 -12.37 23.70 6.44
N ASP J 212 -12.02 23.79 7.71
CA ASP J 212 -12.62 24.87 8.48
C ASP J 212 -11.82 25.22 9.69
N THR J 213 -12.27 26.26 10.40
CA THR J 213 -11.65 26.68 11.62
C THR J 213 -12.62 27.13 12.69
N TYR J 214 -12.14 27.16 13.92
CA TYR J 214 -12.91 27.72 15.01
C TYR J 214 -11.97 28.58 15.84
N HIS J 215 -12.40 29.76 16.16
CA HIS J 215 -11.62 30.71 16.92
C HIS J 215 -11.63 30.47 18.39
N SER J 216 -10.63 30.99 19.07
CA SER J 216 -10.60 30.88 20.50
C SER J 216 -11.79 31.67 21.00
N TYR J 217 -12.25 31.41 22.23
CA TYR J 217 -13.42 32.16 22.68
C TYR J 217 -13.20 32.86 23.99
N ALA J 218 -12.17 32.45 24.72
CA ALA J 218 -11.91 33.06 25.99
C ALA J 218 -10.51 33.62 25.95
N ASN J 219 -10.01 33.73 24.73
CA ASN J 219 -8.68 34.23 24.44
C ASN J 219 -7.64 33.53 25.27
N ASN J 220 -7.70 32.21 25.35
CA ASN J 220 -6.75 31.53 26.19
C ASN J 220 -6.35 30.18 25.59
N ILE J 221 -5.88 29.24 26.40
CA ILE J 221 -5.41 28.05 25.77
C ILE J 221 -6.55 27.18 25.37
N LEU J 222 -6.82 27.24 24.08
CA LEU J 222 -7.85 26.44 23.47
C LEU J 222 -7.30 25.02 23.46
N ARG J 223 -8.12 24.07 23.85
CA ARG J 223 -7.75 22.67 23.93
C ARG J 223 -8.86 21.79 23.39
N THR J 224 -8.54 20.56 23.06
CA THR J 224 -9.60 19.61 22.71
C THR J 224 -9.51 18.33 23.54
N GLN J 225 -10.17 17.28 23.07
CA GLN J 225 -10.30 16.02 23.79
C GLN J 225 -9.06 15.16 23.90
N GLU J 226 -8.09 15.36 23.04
CA GLU J 226 -6.89 14.53 23.00
C GLU J 226 -7.35 13.07 22.90
N SER J 227 -8.39 12.83 22.12
CA SER J 227 -9.02 11.54 21.97
C SER J 227 -9.75 11.41 20.69
N ALA J 228 -10.47 10.33 20.58
CA ALA J 228 -11.29 10.15 19.42
C ALA J 228 -12.54 10.98 19.66
N CYS J 229 -13.16 11.59 18.62
CA CYS J 229 -14.46 12.27 18.78
C CYS J 229 -15.53 11.26 18.35
N ASN J 230 -16.78 11.65 18.46
CA ASN J 230 -17.84 10.70 18.15
C ASN J 230 -18.79 11.08 17.01
N CYS J 231 -18.72 10.32 15.89
CA CYS J 231 -19.47 10.59 14.66
C CYS J 231 -20.66 9.65 14.51
N ILE J 232 -21.80 10.24 14.23
CA ILE J 232 -23.01 9.51 13.94
C ILE J 232 -23.61 10.03 12.64
N GLY J 233 -23.78 9.17 11.67
CA GLY J 233 -24.26 9.68 10.42
C GLY J 233 -23.07 10.50 9.98
N GLY J 234 -23.28 11.62 9.34
CA GLY J 234 -22.11 12.37 8.93
C GLY J 234 -21.72 13.42 9.96
N ASN J 235 -22.39 13.44 11.10
CA ASN J 235 -22.16 14.47 12.10
C ASN J 235 -21.18 14.06 13.21
N CYS J 236 -20.00 14.70 13.26
CA CYS J 236 -18.95 14.42 14.22
C CYS J 236 -19.06 15.39 15.39
N TYR J 237 -19.15 14.84 16.60
CA TYR J 237 -19.26 15.69 17.76
C TYR J 237 -17.96 15.78 18.52
N LEU J 238 -17.41 16.99 18.50
CA LEU J 238 -16.14 17.31 19.10
C LEU J 238 -16.27 18.18 20.33
N MET J 239 -15.53 17.90 21.37
CA MET J 239 -15.54 18.80 22.50
C MET J 239 -14.38 19.79 22.37
N ILE J 240 -14.65 21.08 22.59
CA ILE J 240 -13.57 22.07 22.61
C ILE J 240 -13.65 22.84 23.91
N THR J 241 -12.53 23.34 24.37
CA THR J 241 -12.58 24.10 25.61
C THR J 241 -11.53 25.19 25.65
N ASP J 242 -11.81 26.26 26.34
CA ASP J 242 -10.89 27.38 26.55
C ASP J 242 -11.27 28.02 27.84
N GLY J 243 -10.49 29.01 28.27
CA GLY J 243 -10.69 29.79 29.50
C GLY J 243 -9.58 29.72 30.54
N SER J 244 -8.67 28.76 30.42
CA SER J 244 -7.51 28.52 31.31
C SER J 244 -7.82 27.49 32.38
N ALA J 245 -6.87 26.60 32.65
CA ALA J 245 -7.12 25.56 33.66
C ALA J 245 -7.29 26.10 35.09
N SER J 246 -6.55 27.12 35.48
CA SER J 246 -6.65 27.60 36.86
C SER J 246 -7.80 28.56 37.06
N GLY J 247 -9.01 28.07 36.89
CA GLY J 247 -10.20 28.89 36.97
C GLY J 247 -11.36 28.33 36.18
N VAL J 248 -12.27 29.22 35.81
CA VAL J 248 -13.47 28.83 35.09
C VAL J 248 -13.13 28.56 33.64
N SER J 249 -13.55 27.39 33.15
CA SER J 249 -13.29 26.97 31.78
C SER J 249 -14.51 26.30 31.17
N GLU J 250 -15.18 27.03 30.30
CA GLU J 250 -16.43 26.58 29.69
C GLU J 250 -16.18 25.79 28.43
N CYS J 251 -16.72 24.59 28.33
CA CYS J 251 -16.53 23.80 27.12
C CYS J 251 -17.72 23.94 26.22
N ARG J 252 -17.52 23.68 24.94
CA ARG J 252 -18.59 23.67 23.97
C ARG J 252 -18.46 22.48 23.06
N PHE J 253 -19.56 22.02 22.50
CA PHE J 253 -19.44 20.95 21.53
C PHE J 253 -19.64 21.46 20.13
N LEU J 254 -18.82 20.99 19.21
CA LEU J 254 -19.00 21.40 17.83
C LEU J 254 -19.49 20.26 17.03
N LYS J 255 -20.49 20.50 16.21
CA LYS J 255 -20.95 19.48 15.32
C LYS J 255 -20.29 19.76 13.98
N ILE J 256 -19.47 18.82 13.54
CA ILE J 256 -18.72 18.98 12.31
C ILE J 256 -19.20 18.04 11.21
N ARG J 257 -19.56 18.61 10.08
CA ARG J 257 -20.10 17.84 8.98
C ARG J 257 -19.26 17.97 7.74
N GLU J 258 -18.64 16.87 7.34
CA GLU J 258 -17.75 16.82 6.18
C GLU J 258 -16.68 17.91 6.27
N GLY J 259 -16.15 18.05 7.47
CA GLY J 259 -15.09 19.00 7.76
C GLY J 259 -15.54 20.41 8.11
N ARG J 260 -16.84 20.72 8.01
CA ARG J 260 -17.26 22.08 8.31
C ARG J 260 -17.97 22.18 9.64
N ILE J 261 -17.86 23.30 10.32
CA ILE J 261 -18.55 23.39 11.60
C ILE J 261 -19.96 23.87 11.35
N ILE J 262 -20.90 22.95 11.50
CA ILE J 262 -22.29 23.21 11.16
C ILE J 262 -23.04 23.84 12.33
N LYS J 263 -22.71 23.41 13.54
CA LYS J 263 -23.39 23.94 14.72
C LYS J 263 -22.57 23.91 16.01
N GLU J 264 -22.68 24.97 16.80
CA GLU J 264 -22.04 24.95 18.09
C GLU J 264 -23.09 24.74 19.18
N ILE J 265 -22.81 23.82 20.10
CA ILE J 265 -23.68 23.42 21.20
C ILE J 265 -23.19 23.88 22.55
N PHE J 266 -24.02 24.65 23.22
CA PHE J 266 -23.68 25.21 24.51
C PHE J 266 -24.38 24.44 25.63
N PRO J 267 -23.65 23.80 26.54
CA PRO J 267 -24.16 23.00 27.61
C PRO J 267 -24.77 23.82 28.71
N THR J 268 -25.68 23.18 29.43
CA THR J 268 -26.26 23.69 30.67
C THR J 268 -25.75 22.86 31.81
N GLY J 269 -26.16 23.17 33.02
CA GLY J 269 -25.68 22.43 34.17
C GLY J 269 -24.40 23.02 34.70
N ARG J 270 -23.54 22.17 35.19
CA ARG J 270 -22.34 22.62 35.84
C ARG J 270 -21.31 22.78 34.76
N VAL J 271 -21.07 23.99 34.36
CA VAL J 271 -20.21 24.24 33.22
C VAL J 271 -18.98 24.99 33.62
N LYS J 272 -18.88 25.29 34.91
CA LYS J 272 -17.78 26.02 35.49
C LYS J 272 -16.44 25.56 35.00
N HIS J 273 -16.21 24.26 34.96
CA HIS J 273 -14.94 23.79 34.48
C HIS J 273 -15.01 22.41 33.84
N THR J 274 -14.79 22.36 32.53
CA THR J 274 -14.77 21.09 31.79
C THR J 274 -13.59 21.00 30.80
N GLU J 275 -12.73 19.98 30.94
CA GLU J 275 -11.59 19.79 30.03
C GLU J 275 -11.29 18.33 29.67
N GLU J 276 -10.63 18.11 28.54
CA GLU J 276 -10.15 16.77 28.19
C GLU J 276 -11.19 15.67 28.39
N CYS J 277 -12.32 15.77 27.68
CA CYS J 277 -13.46 14.87 27.78
C CYS J 277 -13.29 13.61 26.94
N THR J 278 -13.49 12.49 27.58
CA THR J 278 -13.43 11.22 26.91
C THR J 278 -14.87 10.88 26.61
N CYS J 279 -15.21 10.75 25.33
CA CYS J 279 -16.60 10.60 24.87
C CYS J 279 -16.82 9.28 24.16
N GLY J 280 -18.07 8.83 24.22
CA GLY J 280 -18.51 7.65 23.48
C GLY J 280 -20.02 7.58 23.45
N PHE J 281 -20.55 6.69 22.65
CA PHE J 281 -22.00 6.63 22.56
C PHE J 281 -22.65 5.74 23.57
N ALA J 282 -23.66 6.25 24.23
CA ALA J 282 -24.35 5.40 25.16
C ALA J 282 -25.39 4.65 24.38
N SER J 283 -25.85 5.33 23.34
CA SER J 283 -26.85 4.73 22.42
C SER J 283 -26.85 5.54 21.13
N ASN J 284 -27.76 5.22 20.22
CA ASN J 284 -27.84 5.95 18.93
C ASN J 284 -28.45 7.33 19.16
N LYS J 285 -28.83 7.66 20.38
CA LYS J 285 -29.55 8.94 20.61
C LYS J 285 -28.78 9.81 21.60
N THR J 286 -27.56 9.42 21.95
CA THR J 286 -26.77 10.24 22.84
C THR J 286 -25.32 9.84 23.06
N ILE J 287 -24.52 10.86 23.29
CA ILE J 287 -23.10 10.77 23.56
C ILE J 287 -22.83 11.17 24.97
N GLU J 288 -22.10 10.37 25.69
CA GLU J 288 -21.79 10.73 27.04
C GLU J 288 -20.31 10.93 27.16
N CYS J 289 -19.85 11.84 28.07
CA CYS J 289 -18.42 12.10 28.24
C CYS J 289 -17.97 12.19 29.70
N ALA J 290 -16.86 11.51 30.00
CA ALA J 290 -16.23 11.56 31.32
C ALA J 290 -15.11 12.59 31.25
N CYS J 291 -15.27 13.77 31.88
CA CYS J 291 -14.36 14.92 31.74
C CYS J 291 -13.44 15.17 32.92
N ARG J 292 -12.35 15.85 32.65
CA ARG J 292 -11.37 16.23 33.65
C ARG J 292 -11.85 17.50 34.30
N ASP J 293 -11.51 17.68 35.58
CA ASP J 293 -11.86 18.96 36.19
C ASP J 293 -10.75 19.48 37.08
N ASN J 294 -10.01 20.47 36.59
CA ASN J 294 -8.90 20.92 37.39
C ASN J 294 -9.44 21.95 38.36
N ARG J 295 -8.61 22.48 39.23
CA ARG J 295 -8.95 23.53 40.19
C ARG J 295 -10.02 23.23 41.25
N TYR J 296 -11.18 22.73 40.84
CA TYR J 296 -12.30 22.59 41.75
C TYR J 296 -12.58 21.23 42.36
N THR J 297 -12.31 20.12 41.69
CA THR J 297 -12.73 18.85 42.29
C THR J 297 -12.06 17.61 41.79
N ALA J 298 -12.09 16.56 42.60
CA ALA J 298 -11.58 15.27 42.20
C ALA J 298 -12.65 14.42 41.52
N LYS J 299 -13.84 14.95 41.48
CA LYS J 299 -14.98 14.28 40.92
C LYS J 299 -15.13 14.69 39.46
N ARG J 300 -15.18 13.75 38.55
CA ARG J 300 -15.28 14.10 37.14
C ARG J 300 -16.70 14.53 36.76
N PRO J 301 -16.89 15.60 35.99
CA PRO J 301 -18.11 16.00 35.33
C PRO J 301 -18.48 14.98 34.33
N PHE J 302 -19.76 14.79 34.18
CA PHE J 302 -20.24 13.85 33.21
C PHE J 302 -21.21 14.54 32.31
N VAL J 303 -20.90 14.50 31.03
CA VAL J 303 -21.68 15.20 30.04
C VAL J 303 -22.65 14.31 29.35
N LYS J 304 -23.88 14.72 29.24
CA LYS J 304 -24.79 13.96 28.42
C LYS J 304 -25.23 14.84 27.27
N LEU J 305 -24.85 14.45 26.07
CA LEU J 305 -25.18 15.17 24.86
C LEU J 305 -26.23 14.48 24.04
N ASN J 306 -27.34 15.14 23.87
CA ASN J 306 -28.46 14.62 23.12
C ASN J 306 -28.26 14.98 21.67
N VAL J 307 -28.06 13.97 20.82
CA VAL J 307 -27.73 14.27 19.44
C VAL J 307 -28.98 14.33 18.59
N GLU J 308 -30.11 14.06 19.19
CA GLU J 308 -31.35 14.20 18.46
C GLU J 308 -31.72 15.67 18.53
N THR J 309 -31.38 16.29 19.67
CA THR J 309 -31.69 17.69 19.91
C THR J 309 -30.47 18.63 20.06
N ASP J 310 -29.23 18.13 19.89
CA ASP J 310 -28.04 18.98 19.97
C ASP J 310 -28.02 19.82 21.23
N THR J 311 -28.35 19.14 22.30
CA THR J 311 -28.47 19.74 23.61
C THR J 311 -27.62 19.02 24.64
N ALA J 312 -26.91 19.75 25.46
CA ALA J 312 -26.09 19.08 26.45
C ALA J 312 -26.29 19.60 27.84
N GLU J 313 -26.08 18.71 28.80
CA GLU J 313 -26.11 19.02 30.23
C GLU J 313 -24.89 18.44 30.90
N ILE J 314 -24.34 19.16 31.86
CA ILE J 314 -23.22 18.61 32.60
C ILE J 314 -23.48 18.53 34.09
N ARG J 315 -23.27 17.38 34.67
CA ARG J 315 -23.42 17.30 36.12
C ARG J 315 -22.30 16.43 36.65
N LEU J 316 -21.95 16.56 37.90
CA LEU J 316 -20.90 15.69 38.39
C LEU J 316 -21.32 14.26 38.52
N MET J 317 -20.39 13.35 38.25
CA MET J 317 -20.71 11.96 38.49
C MET J 317 -20.93 11.93 39.98
N CYS J 318 -21.99 11.25 40.44
CA CYS J 318 -22.36 11.15 41.85
C CYS J 318 -21.57 10.08 42.56
N THR J 319 -20.90 9.25 41.79
CA THR J 319 -20.19 8.09 42.26
C THR J 319 -19.15 8.42 43.33
N ASP J 320 -19.18 7.68 44.44
CA ASP J 320 -18.25 7.89 45.56
C ASP J 320 -16.80 7.63 45.22
N THR J 321 -16.58 6.77 44.25
CA THR J 321 -15.22 6.39 43.84
C THR J 321 -14.64 7.44 42.95
N TYR J 322 -14.03 8.44 43.57
CA TYR J 322 -13.48 9.58 42.86
C TYR J 322 -12.56 9.10 41.78
N LEU J 323 -12.70 9.67 40.58
CA LEU J 323 -11.88 9.25 39.46
C LEU J 323 -10.71 10.14 39.03
N ASP J 324 -10.62 11.40 39.47
CA ASP J 324 -9.51 12.20 38.96
C ASP J 324 -8.31 12.02 39.88
N THR J 325 -7.20 12.67 39.56
CA THR J 325 -5.99 12.56 40.38
C THR J 325 -5.29 13.90 40.54
N PRO J 326 -4.95 14.33 41.76
CA PRO J 326 -5.11 13.77 43.08
C PRO J 326 -6.56 13.66 43.49
N ARG J 327 -6.85 12.75 44.40
CA ARG J 327 -8.19 12.58 44.91
C ARG J 327 -8.22 12.27 46.40
N PRO J 328 -9.34 12.56 47.09
CA PRO J 328 -9.64 12.16 48.44
C PRO J 328 -10.02 10.71 48.42
N ASN J 329 -10.16 10.12 49.60
CA ASN J 329 -10.59 8.75 49.71
C ASN J 329 -11.99 8.59 49.19
N ASP J 330 -12.34 7.37 48.77
CA ASP J 330 -13.70 7.15 48.28
C ASP J 330 -14.71 7.55 49.34
N GLY J 331 -15.70 8.35 48.91
CA GLY J 331 -16.77 8.78 49.82
C GLY J 331 -16.30 9.82 50.81
N SER J 332 -15.04 10.25 50.74
CA SER J 332 -14.50 11.15 51.78
C SER J 332 -15.10 12.56 51.74
N ILE J 333 -16.12 12.83 50.93
CA ILE J 333 -16.76 14.18 51.01
C ILE J 333 -18.26 14.04 51.31
N THR J 334 -18.65 14.51 52.48
CA THR J 334 -20.09 14.51 52.77
C THR J 334 -20.63 15.71 51.99
N GLY J 335 -21.56 15.47 51.10
CA GLY J 335 -22.11 16.50 50.26
C GLY J 335 -23.10 15.82 49.30
N PRO J 336 -23.89 16.59 48.55
CA PRO J 336 -24.84 16.17 47.55
C PRO J 336 -24.02 15.72 46.36
N CYS J 337 -24.63 15.05 45.34
CA CYS J 337 -23.97 14.58 44.11
C CYS J 337 -23.32 15.77 43.41
N GLU J 338 -24.01 16.91 43.50
CA GLU J 338 -23.66 18.18 42.90
C GLU J 338 -22.42 18.88 43.48
N SER J 339 -21.94 18.46 44.64
CA SER J 339 -20.82 19.15 45.30
C SER J 339 -19.43 18.89 44.79
N ASP J 340 -18.55 19.84 45.10
CA ASP J 340 -17.11 19.76 44.89
C ASP J 340 -16.56 19.32 46.22
N GLY J 341 -15.36 18.78 46.23
CA GLY J 341 -14.74 18.41 47.50
C GLY J 341 -13.30 18.86 47.55
N ASP J 342 -12.44 18.03 48.12
CA ASP J 342 -11.05 18.38 48.25
C ASP J 342 -10.25 18.00 47.01
N LYS J 343 -8.96 18.32 47.04
CA LYS J 343 -8.00 17.99 46.00
C LYS J 343 -8.41 18.45 44.61
N GLY J 344 -8.90 19.67 44.48
CA GLY J 344 -9.28 20.16 43.17
C GLY J 344 -8.10 20.56 42.26
N SER J 345 -6.92 20.85 42.82
CA SER J 345 -5.80 21.27 42.00
C SER J 345 -5.02 20.09 41.44
N GLY J 346 -4.87 20.04 40.12
CA GLY J 346 -4.21 18.96 39.43
C GLY J 346 -5.27 18.07 38.79
N GLY J 347 -4.87 17.23 37.85
CA GLY J 347 -5.86 16.38 37.23
C GLY J 347 -5.30 15.65 36.03
N ILE J 348 -6.07 14.68 35.57
CA ILE J 348 -5.72 13.88 34.40
C ILE J 348 -6.93 13.30 33.68
N LYS J 349 -6.86 13.18 32.37
CA LYS J 349 -7.93 12.59 31.56
C LYS J 349 -8.15 11.13 31.93
N GLY J 350 -9.41 10.74 32.11
CA GLY J 350 -9.73 9.36 32.46
C GLY J 350 -10.17 8.58 31.24
N GLY J 351 -10.04 7.27 31.31
CA GLY J 351 -10.50 6.42 30.24
C GLY J 351 -11.97 6.24 30.46
N PHE J 352 -12.68 6.01 29.39
CA PHE J 352 -14.10 5.80 29.48
C PHE J 352 -14.69 5.23 28.22
N VAL J 353 -15.35 4.10 28.34
CA VAL J 353 -16.03 3.49 27.22
C VAL J 353 -17.40 2.99 27.61
N HIS J 354 -18.26 2.81 26.63
CA HIS J 354 -19.55 2.22 26.90
C HIS J 354 -19.65 0.85 26.33
N GLN J 355 -20.39 0.03 27.03
CA GLN J 355 -20.70 -1.29 26.56
C GLN J 355 -22.18 -1.30 26.25
N ARG J 356 -22.52 -1.29 24.99
CA ARG J 356 -23.91 -1.18 24.59
C ARG J 356 -24.54 -2.52 24.34
N MET J 357 -25.37 -2.97 25.25
CA MET J 357 -25.97 -4.27 25.15
C MET J 357 -27.42 -4.06 24.80
N LYS J 358 -28.08 -5.10 24.33
CA LYS J 358 -29.48 -4.92 23.96
C LYS J 358 -30.35 -4.31 25.07
N SER J 359 -30.14 -4.73 26.31
CA SER J 359 -30.99 -4.24 27.40
C SER J 359 -30.32 -3.30 28.41
N LYS J 360 -29.00 -3.25 28.45
CA LYS J 360 -28.30 -2.44 29.44
C LYS J 360 -27.12 -1.68 28.87
N ILE J 361 -26.80 -0.56 29.49
CA ILE J 361 -25.60 0.16 29.10
C ILE J 361 -24.56 0.04 30.19
N GLY J 362 -23.41 -0.53 29.87
CA GLY J 362 -22.35 -0.67 30.82
C GLY J 362 -21.44 0.52 30.70
N ARG J 363 -20.83 0.93 31.80
CA ARG J 363 -19.89 2.02 31.73
C ARG J 363 -18.58 1.66 32.40
N TRP J 364 -17.51 1.75 31.64
CA TRP J 364 -16.19 1.38 32.13
C TRP J 364 -15.36 2.63 32.29
N TYR J 365 -14.60 2.72 33.38
CA TYR J 365 -13.77 3.90 33.67
C TYR J 365 -12.37 3.56 34.13
N SER J 366 -11.40 4.42 33.85
CA SER J 366 -10.08 4.13 34.42
C SER J 366 -9.80 5.08 35.56
N ARG J 367 -8.91 4.68 36.47
CA ARG J 367 -8.47 5.52 37.59
C ARG J 367 -7.00 5.25 37.98
N THR J 368 -6.21 6.24 38.40
CA THR J 368 -4.84 5.86 38.79
C THR J 368 -4.88 5.16 40.10
N MET J 369 -3.84 4.43 40.46
CA MET J 369 -3.89 3.74 41.72
C MET J 369 -3.51 4.66 42.83
N SER J 370 -2.54 5.51 42.56
CA SER J 370 -2.17 6.46 43.56
C SER J 370 -3.21 7.55 43.59
N LYS J 371 -3.49 8.02 44.79
CA LYS J 371 -4.43 9.11 44.98
C LYS J 371 -3.73 10.43 44.89
N THR J 372 -2.41 10.40 44.89
CA THR J 372 -1.64 11.61 44.90
C THR J 372 -0.74 11.78 43.68
N GLU J 373 -0.48 10.70 42.97
CA GLU J 373 0.47 10.74 41.86
C GLU J 373 -0.01 10.02 40.63
N ARG J 374 0.51 10.40 39.49
CA ARG J 374 0.15 9.69 38.28
C ARG J 374 0.95 8.39 38.20
N MET J 375 0.51 7.39 38.99
CA MET J 375 1.09 6.04 39.05
C MET J 375 0.02 4.93 39.08
N GLY J 376 0.26 3.89 38.28
CA GLY J 376 -0.59 2.71 38.21
C GLY J 376 -1.86 3.03 37.47
N MET J 377 -2.66 2.02 37.20
CA MET J 377 -3.96 2.28 36.59
C MET J 377 -4.93 1.14 36.82
N GLY J 378 -6.08 1.43 37.40
CA GLY J 378 -7.09 0.44 37.65
C GLY J 378 -8.25 0.58 36.72
N LEU J 379 -8.99 -0.50 36.56
CA LEU J 379 -10.19 -0.49 35.75
C LEU J 379 -11.43 -0.73 36.59
N TYR J 380 -12.40 0.17 36.47
CA TYR J 380 -13.64 0.11 37.21
C TYR J 380 -14.88 0.04 36.32
N VAL J 381 -15.90 -0.68 36.79
CA VAL J 381 -17.13 -0.78 36.02
C VAL J 381 -18.44 -0.73 36.79
N LYS J 382 -19.43 -0.12 36.18
CA LYS J 382 -20.78 -0.19 36.71
C LYS J 382 -21.74 -0.40 35.58
N TYR J 383 -22.78 -1.17 35.83
CA TYR J 383 -23.78 -1.35 34.80
C TYR J 383 -25.08 -0.66 35.11
N GLY J 384 -25.62 0.01 34.12
CA GLY J 384 -26.91 0.68 34.20
C GLY J 384 -26.86 1.92 35.06
N GLY J 385 -28.03 2.40 35.43
CA GLY J 385 -28.19 3.58 36.27
C GLY J 385 -28.01 4.89 35.54
N ASP J 386 -27.82 5.93 36.34
CA ASP J 386 -27.68 7.30 35.88
C ASP J 386 -26.59 7.95 36.72
N PRO J 387 -25.37 8.10 36.22
CA PRO J 387 -24.20 8.60 36.91
C PRO J 387 -24.41 9.94 37.55
N TRP J 388 -25.38 10.72 37.11
CA TRP J 388 -25.60 12.02 37.71
C TRP J 388 -26.35 11.94 39.02
N ALA J 389 -26.93 10.80 39.30
CA ALA J 389 -27.73 10.62 40.50
C ALA J 389 -27.61 9.21 41.02
N ASP J 390 -26.40 8.72 41.09
CA ASP J 390 -26.11 7.37 41.54
C ASP J 390 -24.75 7.29 42.21
N SER J 391 -24.74 7.25 43.54
CA SER J 391 -23.52 7.27 44.31
C SER J 391 -22.82 5.93 44.43
N ASP J 392 -23.46 4.85 44.01
CA ASP J 392 -22.85 3.56 44.25
C ASP J 392 -21.50 3.46 43.62
N ALA J 393 -20.59 2.84 44.36
CA ALA J 393 -19.22 2.66 43.94
C ALA J 393 -19.13 1.81 42.70
N LEU J 394 -18.14 2.08 41.88
CA LEU J 394 -17.92 1.28 40.71
C LEU J 394 -17.23 0.02 41.15
N ALA J 395 -17.49 -1.10 40.49
CA ALA J 395 -16.82 -2.33 40.84
C ALA J 395 -15.40 -2.29 40.35
N PHE J 396 -14.49 -2.93 41.07
CA PHE J 396 -13.13 -3.02 40.60
C PHE J 396 -12.94 -4.25 39.77
N SER J 397 -12.51 -4.07 38.52
CA SER J 397 -12.34 -5.18 37.61
C SER J 397 -10.91 -5.69 37.62
N GLY J 398 -9.97 -4.80 37.87
CA GLY J 398 -8.58 -5.23 37.87
C GLY J 398 -7.57 -4.12 37.68
N VAL J 399 -6.31 -4.52 37.66
CA VAL J 399 -5.20 -3.59 37.52
C VAL J 399 -4.69 -3.60 36.11
N MET J 400 -4.76 -2.48 35.43
CA MET J 400 -4.28 -2.46 34.07
C MET J 400 -2.78 -2.22 34.10
N VAL J 401 -2.37 -1.34 35.01
CA VAL J 401 -0.97 -0.97 35.18
C VAL J 401 -0.55 -1.03 36.66
N PRO J 402 0.52 -1.73 37.02
CA PRO J 402 1.10 -1.86 38.34
C PRO J 402 1.51 -0.51 38.89
N MET J 403 1.56 -0.39 40.21
CA MET J 403 1.88 0.90 40.82
C MET J 403 3.31 1.35 40.69
N LYS J 404 4.15 0.51 40.12
CA LYS J 404 5.53 0.87 39.90
C LYS J 404 5.72 1.45 38.50
N GLU J 405 4.64 1.48 37.72
CA GLU J 405 4.66 1.96 36.36
C GLU J 405 3.76 3.20 36.22
N PRO J 406 4.06 4.14 35.32
CA PRO J 406 3.32 5.37 35.05
C PRO J 406 1.80 5.32 35.05
N GLY J 407 1.13 4.67 34.11
CA GLY J 407 -0.32 4.72 34.29
C GLY J 407 -0.90 6.14 34.17
N TRP J 408 -0.61 6.90 33.12
CA TRP J 408 -1.08 8.28 33.13
C TRP J 408 -2.42 8.51 32.46
N TYR J 409 -2.40 9.06 31.27
CA TYR J 409 -3.64 9.44 30.62
C TYR J 409 -4.30 8.23 30.05
N SER J 410 -5.60 8.20 30.05
CA SER J 410 -6.21 7.09 29.36
C SER J 410 -7.37 7.53 28.54
N PHE J 411 -7.68 6.76 27.54
CA PHE J 411 -8.73 7.12 26.60
C PHE J 411 -9.52 5.97 26.08
N GLY J 412 -10.74 6.25 25.68
CA GLY J 412 -11.54 5.20 25.10
C GLY J 412 -11.50 5.23 23.59
N PHE J 413 -11.77 4.09 23.01
CA PHE J 413 -11.93 3.96 21.57
C PHE J 413 -12.72 2.71 21.33
N GLU J 414 -13.23 2.52 20.13
CA GLU J 414 -13.92 1.26 19.90
C GLU J 414 -13.46 0.64 18.61
N ILE J 415 -13.20 -0.65 18.65
CA ILE J 415 -12.72 -1.30 17.45
C ILE J 415 -13.90 -1.86 16.72
N LYS J 416 -14.01 -1.59 15.45
CA LYS J 416 -15.17 -2.08 14.74
C LYS J 416 -14.95 -3.47 14.16
N ASP J 417 -15.78 -4.41 14.57
CA ASP J 417 -15.75 -5.76 14.08
C ASP J 417 -16.67 -5.76 12.88
N LYS J 418 -16.84 -6.88 12.23
CA LYS J 418 -17.69 -6.88 11.06
C LYS J 418 -19.15 -6.65 11.43
N LYS J 419 -19.59 -7.22 12.54
CA LYS J 419 -20.98 -7.10 12.99
C LYS J 419 -21.27 -6.26 14.25
N CYS J 420 -20.26 -5.98 15.08
CA CYS J 420 -20.38 -5.34 16.40
C CYS J 420 -19.15 -4.50 16.78
N ASP J 421 -19.29 -3.71 17.84
CA ASP J 421 -18.16 -2.88 18.31
C ASP J 421 -17.48 -3.39 19.58
N VAL J 422 -16.16 -3.21 19.69
CA VAL J 422 -15.45 -3.64 20.90
C VAL J 422 -14.91 -2.48 21.71
N PRO J 423 -15.45 -2.19 22.89
CA PRO J 423 -14.97 -1.15 23.75
C PRO J 423 -13.53 -1.44 24.13
N CYS J 424 -12.64 -0.41 24.07
CA CYS J 424 -11.22 -0.50 24.44
C CYS J 424 -10.76 0.77 25.17
N ILE J 425 -9.84 0.59 26.11
CA ILE J 425 -9.22 1.71 26.83
C ILE J 425 -7.71 1.69 26.68
N GLY J 426 -7.14 2.79 26.24
CA GLY J 426 -5.70 2.85 26.14
C GLY J 426 -5.08 3.68 27.26
N ILE J 427 -3.83 3.40 27.62
CA ILE J 427 -3.11 4.12 28.67
C ILE J 427 -1.74 4.66 28.25
N GLU J 428 -1.43 5.92 28.58
CA GLU J 428 -0.12 6.55 28.31
C GLU J 428 0.92 6.23 29.39
N MET J 429 2.11 5.78 28.99
CA MET J 429 3.15 5.50 29.98
C MET J 429 4.53 6.14 29.73
N VAL J 430 4.81 7.28 30.40
CA VAL J 430 6.05 8.06 30.29
C VAL J 430 7.18 7.32 31.03
N SER J 440 8.89 11.04 26.50
CA SER J 440 8.12 10.23 25.56
C SER J 440 7.38 9.13 26.34
N ALA J 441 6.32 8.53 25.70
CA ALA J 441 5.49 7.48 26.33
C ALA J 441 5.03 6.35 25.42
N ALA J 442 4.89 5.18 26.07
CA ALA J 442 4.37 3.94 25.50
C ALA J 442 2.85 3.92 25.61
N THR J 443 2.19 3.08 24.81
CA THR J 443 0.74 2.96 24.92
C THR J 443 0.26 1.52 25.17
N ALA J 444 -0.53 1.32 26.22
CA ALA J 444 -1.08 -0.02 26.46
C ALA J 444 -2.54 -0.03 26.16
N ILE J 445 -3.00 -1.06 25.48
CA ILE J 445 -4.41 -1.20 25.16
C ILE J 445 -5.04 -2.38 25.82
N TYR J 446 -6.18 -2.13 26.47
CA TYR J 446 -7.00 -3.15 27.09
C TYR J 446 -8.33 -3.14 26.37
N CYS J 447 -8.94 -4.32 26.12
CA CYS J 447 -10.22 -4.43 25.40
C CYS J 447 -11.19 -5.41 25.99
N LEU J 448 -12.47 -5.20 25.69
CA LEU J 448 -13.54 -6.05 26.17
C LEU J 448 -13.65 -7.32 25.37
N MET J 449 -12.71 -8.21 25.61
CA MET J 449 -12.66 -9.48 24.91
C MET J 449 -12.94 -10.60 25.89
N GLY J 450 -13.78 -11.54 25.49
CA GLY J 450 -14.10 -12.67 26.36
C GLY J 450 -14.78 -12.29 27.67
N SER J 451 -14.54 -13.11 28.69
CA SER J 451 -15.10 -13.01 30.04
C SER J 451 -14.06 -13.50 31.05
N GLY J 452 -14.28 -13.21 32.35
CA GLY J 452 -13.36 -13.63 33.41
C GLY J 452 -12.60 -12.43 33.98
N GLN J 453 -11.66 -12.68 34.86
CA GLN J 453 -10.94 -11.58 35.50
C GLN J 453 -9.89 -11.01 34.54
N LEU J 454 -9.54 -9.71 34.71
CA LEU J 454 -8.50 -9.01 33.93
C LEU J 454 -7.10 -9.51 34.32
N PRO K 78 -12.50 7.99 -12.89
CA PRO K 78 -11.27 8.69 -13.20
C PRO K 78 -11.50 9.63 -14.40
N GLU K 79 -12.05 10.83 -14.13
CA GLU K 79 -12.34 11.87 -15.12
C GLU K 79 -11.34 12.99 -14.99
N TRP K 80 -11.41 13.95 -15.88
CA TRP K 80 -10.44 15.03 -15.91
C TRP K 80 -10.60 16.04 -14.76
N THR K 81 -9.48 16.58 -14.27
CA THR K 81 -9.52 17.59 -13.20
C THR K 81 -9.90 18.97 -13.63
N TYR K 82 -11.13 19.17 -14.04
CA TYR K 82 -11.52 20.51 -14.40
C TYR K 82 -11.37 21.32 -13.13
N PRO K 83 -11.01 22.60 -13.18
CA PRO K 83 -10.91 23.45 -12.02
C PRO K 83 -12.31 23.62 -11.53
N ARG K 84 -12.47 23.84 -10.24
CA ARG K 84 -13.76 24.01 -9.61
C ARG K 84 -13.77 25.24 -8.75
N LEU K 85 -14.94 25.68 -8.31
CA LEU K 85 -14.96 26.84 -7.44
C LEU K 85 -14.28 26.47 -6.13
N SER K 86 -13.66 27.47 -5.55
CA SER K 86 -12.94 27.34 -4.30
C SER K 86 -13.87 27.12 -3.13
N CYS K 87 -13.34 26.43 -2.11
CA CYS K 87 -13.95 26.18 -0.81
C CYS K 87 -14.10 27.49 -0.06
N PRO K 88 -15.26 27.77 0.54
CA PRO K 88 -15.54 29.02 1.20
C PRO K 88 -14.56 29.21 2.32
N GLY K 89 -14.16 30.45 2.49
CA GLY K 89 -13.24 30.89 3.50
C GLY K 89 -12.71 32.23 3.06
N SER K 90 -12.04 32.93 3.95
CA SER K 90 -11.50 34.23 3.61
C SER K 90 -10.11 34.46 4.15
N THR K 91 -9.54 33.47 4.81
CA THR K 91 -8.20 33.73 5.32
C THR K 91 -7.32 32.54 5.21
N PHE K 92 -6.03 32.75 5.37
CA PHE K 92 -5.08 31.66 5.37
C PHE K 92 -4.50 31.41 6.73
N GLN K 93 -4.26 30.14 7.05
CA GLN K 93 -3.67 29.75 8.31
C GLN K 93 -2.57 28.75 8.11
N LYS K 94 -1.61 28.71 9.02
CA LYS K 94 -0.57 27.71 8.87
C LYS K 94 -1.18 26.36 9.04
N ALA K 95 -1.02 25.53 8.04
CA ALA K 95 -1.60 24.23 8.04
C ALA K 95 -0.65 23.17 8.53
N LEU K 96 0.52 23.14 7.91
CA LEU K 96 1.47 22.06 8.13
C LEU K 96 2.93 22.42 7.91
N LEU K 97 3.83 21.98 8.79
CA LEU K 97 5.24 22.20 8.50
C LEU K 97 6.04 20.93 8.36
N ILE K 98 6.74 20.81 7.25
CA ILE K 98 7.60 19.67 7.04
C ILE K 98 9.01 20.17 7.26
N SER K 99 9.62 19.75 8.35
CA SER K 99 10.95 20.23 8.68
C SER K 99 11.86 19.15 9.28
N PRO K 100 12.76 18.46 8.49
CA PRO K 100 13.67 17.39 8.96
C PRO K 100 14.51 17.87 10.16
N ILE K 115 16.87 18.39 0.58
CA ILE K 115 16.19 18.71 -0.66
C ILE K 115 16.21 20.22 -0.90
N ARG K 116 15.97 20.63 -2.17
CA ARG K 116 15.87 22.03 -2.61
C ARG K 116 14.73 22.25 -3.59
N GLU K 117 14.27 23.49 -3.68
CA GLU K 117 13.23 23.94 -4.59
C GLU K 117 11.97 23.09 -4.53
N PRO K 118 11.30 22.96 -3.39
CA PRO K 118 10.13 22.17 -3.18
C PRO K 118 8.92 22.80 -3.82
N PHE K 119 7.95 21.97 -4.12
CA PHE K 119 6.63 22.40 -4.55
C PHE K 119 5.63 21.30 -4.22
N VAL K 120 4.36 21.61 -4.27
CA VAL K 120 3.34 20.61 -4.04
C VAL K 120 2.38 20.58 -5.18
N ALA K 121 1.96 19.38 -5.54
CA ALA K 121 0.97 19.20 -6.58
C ALA K 121 -0.05 18.24 -6.02
N CYS K 122 -1.36 18.41 -6.34
CA CYS K 122 -2.43 17.53 -5.82
C CYS K 122 -3.34 17.03 -6.93
N GLY K 123 -3.70 15.77 -6.81
CA GLY K 123 -4.62 15.11 -7.70
C GLY K 123 -5.95 14.98 -6.97
N PRO K 124 -6.95 14.30 -7.55
CA PRO K 124 -8.28 14.13 -7.02
C PRO K 124 -8.37 13.64 -5.58
N ASN K 125 -7.44 12.79 -5.14
CA ASN K 125 -7.49 12.30 -3.79
C ASN K 125 -6.15 12.17 -3.10
N GLU K 126 -5.13 12.87 -3.57
CA GLU K 126 -3.81 12.77 -2.92
C GLU K 126 -2.96 13.97 -3.25
N CYS K 127 -2.00 14.32 -2.38
CA CYS K 127 -1.01 15.37 -2.63
C CYS K 127 0.35 14.80 -2.47
N LYS K 128 1.23 15.25 -3.31
CA LYS K 128 2.61 14.84 -3.27
C LYS K 128 3.49 16.03 -3.12
N HIS K 129 4.53 15.83 -2.37
CA HIS K 129 5.49 16.86 -2.10
C HIS K 129 6.69 16.58 -2.94
N PHE K 130 6.95 17.47 -3.85
CA PHE K 130 8.02 17.29 -4.80
C PHE K 130 9.15 18.19 -4.47
N ALA K 131 10.34 17.72 -4.76
CA ALA K 131 11.50 18.55 -4.56
C ALA K 131 12.64 17.98 -5.33
N LEU K 132 13.71 18.72 -5.43
CA LEU K 132 14.84 18.15 -6.08
C LEU K 132 15.86 17.63 -5.09
N THR K 133 16.47 16.53 -5.47
CA THR K 133 17.55 15.93 -4.71
C THR K 133 18.80 16.71 -5.05
N HIS K 134 19.55 17.15 -4.00
CA HIS K 134 20.78 17.93 -4.09
C HIS K 134 21.92 17.06 -4.69
N ARG K 154 21.40 15.60 -9.99
CA ARG K 154 20.20 16.16 -9.38
C ARG K 154 19.01 15.31 -9.84
N HIS K 155 17.98 15.13 -8.99
CA HIS K 155 16.78 14.30 -9.30
C HIS K 155 15.47 14.88 -8.86
N LEU K 156 14.44 14.59 -9.62
CA LEU K 156 13.08 14.96 -9.23
C LEU K 156 12.51 13.81 -8.48
N ILE K 157 12.16 14.09 -7.22
CA ILE K 157 11.66 13.09 -6.30
C ILE K 157 10.37 13.49 -5.62
N SER K 158 9.67 12.51 -5.08
CA SER K 158 8.49 12.84 -4.29
C SER K 158 8.13 11.92 -3.14
N VAL K 159 7.41 12.49 -2.17
CA VAL K 159 6.81 11.73 -1.07
C VAL K 159 5.37 12.14 -0.91
N LYS K 160 4.57 11.30 -0.28
CA LYS K 160 3.22 11.74 -0.06
C LYS K 160 3.26 12.94 0.86
N LEU K 161 2.46 13.95 0.58
CA LEU K 161 2.49 15.12 1.41
C LEU K 161 2.12 14.72 2.80
N GLY K 162 2.92 15.17 3.75
CA GLY K 162 2.70 14.84 5.15
C GLY K 162 3.80 13.93 5.65
N LYS K 163 4.59 13.36 4.75
CA LYS K 163 5.68 12.54 5.22
C LYS K 163 6.92 13.39 5.20
N ILE K 164 7.91 13.02 5.98
CA ILE K 164 9.15 13.76 5.97
C ILE K 164 10.00 13.09 4.92
N PRO K 165 10.52 13.78 3.91
CA PRO K 165 11.36 13.19 2.90
C PRO K 165 12.61 12.56 3.48
N THR K 166 12.84 11.31 3.09
CA THR K 166 14.00 10.49 3.47
C THR K 166 14.46 9.76 2.23
N VAL K 167 15.58 9.08 2.32
CA VAL K 167 16.07 8.30 1.19
C VAL K 167 15.13 7.14 0.91
N GLU K 168 14.70 6.50 1.97
CA GLU K 168 13.80 5.36 1.93
C GLU K 168 12.39 5.72 1.50
N ASN K 169 11.91 6.90 1.91
CA ASN K 169 10.54 7.32 1.61
C ASN K 169 10.36 7.92 0.21
N SER K 170 11.38 8.58 -0.32
CA SER K 170 11.30 9.24 -1.63
C SER K 170 11.38 8.34 -2.86
N ILE K 171 10.50 8.59 -3.82
CA ILE K 171 10.49 7.89 -5.11
C ILE K 171 11.13 8.81 -6.13
N PHE K 172 12.01 8.29 -6.97
CA PHE K 172 12.69 9.07 -8.00
C PHE K 172 11.95 9.00 -9.32
N HIS K 173 11.54 10.15 -9.84
CA HIS K 173 10.78 10.16 -11.09
C HIS K 173 11.65 10.33 -12.30
N MET K 174 12.70 11.14 -12.18
CA MET K 174 13.63 11.38 -13.30
C MET K 174 14.80 12.21 -12.86
N ALA K 175 15.93 12.12 -13.56
CA ALA K 175 17.03 13.01 -13.27
C ALA K 175 16.65 14.40 -13.75
N ALA K 176 16.93 15.44 -12.96
CA ALA K 176 16.58 16.81 -13.34
C ALA K 176 17.23 17.86 -12.43
N TRP K 177 17.52 19.06 -12.93
CA TRP K 177 17.91 20.17 -12.03
C TRP K 177 16.77 21.15 -11.84
N SER K 178 15.69 20.91 -12.55
CA SER K 178 14.48 21.71 -12.54
C SER K 178 13.36 20.85 -13.00
N GLY K 179 12.20 21.02 -12.42
CA GLY K 179 11.08 20.20 -12.85
C GLY K 179 9.77 20.61 -12.25
N SER K 180 8.74 19.86 -12.58
CA SER K 180 7.38 20.14 -12.15
C SER K 180 6.58 18.87 -12.17
N ALA K 181 5.37 18.90 -11.62
CA ALA K 181 4.51 17.74 -11.67
C ALA K 181 3.08 18.21 -11.61
N CYS K 182 2.17 17.45 -12.25
CA CYS K 182 0.75 17.85 -12.37
C CYS K 182 -0.12 16.61 -12.39
N HIS K 183 -1.43 16.77 -12.24
CA HIS K 183 -2.28 15.60 -12.36
C HIS K 183 -3.42 16.00 -13.23
N ASP K 184 -3.78 15.16 -14.20
CA ASP K 184 -4.86 15.54 -15.09
C ASP K 184 -6.22 14.94 -14.77
N GLY K 185 -6.34 14.18 -13.69
CA GLY K 185 -7.56 13.51 -13.29
C GLY K 185 -7.54 12.03 -13.58
N LYS K 186 -6.64 11.61 -14.43
CA LYS K 186 -6.50 10.21 -14.71
C LYS K 186 -5.15 9.74 -14.22
N GLU K 187 -4.11 10.57 -14.41
CA GLU K 187 -2.77 10.20 -13.99
C GLU K 187 -1.84 11.40 -13.73
N TRP K 188 -0.64 11.12 -13.25
CA TRP K 188 0.39 12.12 -12.99
C TRP K 188 1.30 12.40 -14.15
N THR K 189 1.63 13.66 -14.31
CA THR K 189 2.57 14.07 -15.33
C THR K 189 3.80 14.57 -14.61
N TYR K 190 4.97 14.11 -15.03
CA TYR K 190 6.19 14.56 -14.38
C TYR K 190 7.06 15.21 -15.42
N ILE K 191 7.64 16.33 -15.05
CA ILE K 191 8.43 17.13 -15.95
C ILE K 191 9.81 17.45 -15.44
N GLY K 192 10.82 17.39 -16.30
CA GLY K 192 12.11 17.85 -15.79
C GLY K 192 13.19 17.98 -16.81
N VAL K 193 14.19 18.75 -16.47
CA VAL K 193 15.28 19.04 -17.39
C VAL K 193 16.71 18.80 -16.89
N ASP K 194 17.56 18.24 -17.81
CA ASP K 194 19.01 18.01 -17.65
C ASP K 194 19.61 17.53 -18.97
N ASN K 199 23.15 23.47 -22.61
CA ASN K 199 22.16 22.71 -23.35
C ASN K 199 21.65 21.55 -22.47
N ALA K 200 20.31 21.39 -22.42
CA ALA K 200 19.60 20.37 -21.66
C ALA K 200 18.30 20.06 -22.32
N LEU K 201 17.79 18.89 -22.06
CA LEU K 201 16.53 18.47 -22.62
C LEU K 201 15.44 18.38 -21.58
N LEU K 202 14.24 18.83 -21.94
CA LEU K 202 13.11 18.70 -21.07
C LEU K 202 12.45 17.35 -21.36
N LYS K 203 12.28 16.54 -20.36
CA LYS K 203 11.65 15.24 -20.54
C LYS K 203 10.27 15.27 -19.96
N VAL K 204 9.37 14.53 -20.55
CA VAL K 204 8.03 14.43 -20.04
C VAL K 204 7.71 12.98 -19.77
N LYS K 205 7.19 12.70 -18.58
CA LYS K 205 6.81 11.36 -18.20
C LYS K 205 5.34 11.36 -17.81
N TYR K 206 4.63 10.29 -18.12
CA TYR K 206 3.24 10.20 -17.73
C TYR K 206 3.03 8.88 -17.05
N GLY K 207 2.69 8.93 -15.79
CA GLY K 207 2.59 7.72 -15.04
C GLY K 207 3.97 7.09 -14.98
N GLU K 208 4.07 5.83 -15.42
CA GLU K 208 5.33 5.11 -15.42
C GLU K 208 6.18 5.32 -16.67
N ALA K 209 5.54 5.66 -17.79
CA ALA K 209 6.20 5.72 -19.09
C ALA K 209 6.73 7.08 -19.42
N TYR K 210 7.83 7.11 -20.12
CA TYR K 210 8.35 8.36 -20.60
C TYR K 210 7.66 8.60 -21.90
N THR K 211 7.36 9.84 -22.21
CA THR K 211 6.65 10.13 -23.42
C THR K 211 7.43 11.09 -24.29
N ASP K 212 7.03 12.34 -24.36
CA ASP K 212 7.78 13.26 -25.20
C ASP K 212 8.89 13.98 -24.51
N THR K 213 9.59 14.77 -25.29
CA THR K 213 10.64 15.63 -24.83
C THR K 213 10.55 16.95 -25.56
N TYR K 214 11.23 17.96 -25.04
CA TYR K 214 11.30 19.23 -25.71
C TYR K 214 12.73 19.76 -25.62
N HIS K 215 13.32 20.04 -26.76
CA HIS K 215 14.69 20.51 -26.83
C HIS K 215 14.83 21.95 -26.47
N SER K 216 16.03 22.32 -26.04
CA SER K 216 16.26 23.71 -25.70
C SER K 216 15.90 24.54 -26.90
N TYR K 217 15.24 25.69 -26.65
CA TYR K 217 14.71 26.55 -27.68
C TYR K 217 15.64 27.71 -27.99
N ALA K 218 16.07 28.40 -26.94
CA ALA K 218 16.97 29.57 -27.04
C ALA K 218 18.43 29.15 -26.94
N ASN K 219 18.62 27.85 -26.77
CA ASN K 219 19.90 27.16 -26.61
C ASN K 219 20.77 27.65 -25.45
N ASN K 220 20.12 27.92 -24.31
CA ASN K 220 20.86 28.37 -23.11
C ASN K 220 20.45 27.50 -21.91
N ILE K 221 19.99 28.12 -20.82
CA ILE K 221 19.60 27.36 -19.60
C ILE K 221 18.10 27.04 -19.65
N LEU K 222 17.74 25.76 -19.69
CA LEU K 222 16.31 25.36 -19.75
C LEU K 222 15.76 25.24 -18.32
N ARG K 223 14.74 26.02 -17.98
CA ARG K 223 14.10 25.94 -16.67
C ARG K 223 12.60 25.74 -16.81
N THR K 224 11.95 25.16 -15.81
CA THR K 224 10.49 25.08 -15.82
C THR K 224 9.88 25.75 -14.60
N GLN K 225 8.58 25.64 -14.47
CA GLN K 225 7.92 26.23 -13.34
C GLN K 225 8.22 25.38 -12.17
N GLU K 226 8.72 25.93 -11.09
CA GLU K 226 8.94 25.07 -9.94
C GLU K 226 7.66 25.07 -9.13
N SER K 227 6.65 24.47 -9.72
CA SER K 227 5.32 24.45 -9.21
C SER K 227 4.45 23.45 -9.88
N ALA K 228 3.30 23.23 -9.33
CA ALA K 228 2.36 22.44 -10.06
C ALA K 228 1.99 23.27 -11.27
N CYS K 229 1.69 22.62 -12.41
CA CYS K 229 1.20 23.25 -13.64
C CYS K 229 -0.31 23.11 -13.62
N ASN K 230 -0.96 23.62 -14.64
CA ASN K 230 -2.41 23.62 -14.61
C ASN K 230 -3.10 22.84 -15.73
N CYS K 231 -3.75 21.72 -15.36
CA CYS K 231 -4.38 20.77 -16.28
C CYS K 231 -5.89 20.95 -16.30
N ILE K 232 -6.44 21.11 -17.49
CA ILE K 232 -7.88 21.19 -17.66
C ILE K 232 -8.31 20.21 -18.72
N GLY K 233 -9.26 19.36 -18.40
CA GLY K 233 -9.60 18.39 -19.40
C GLY K 233 -8.33 17.58 -19.41
N GLY K 234 -7.92 17.06 -20.53
CA GLY K 234 -6.70 16.27 -20.53
C GLY K 234 -5.47 17.11 -20.88
N ASN K 235 -5.64 18.41 -21.00
CA ASN K 235 -4.56 19.29 -21.44
C ASN K 235 -3.83 20.01 -20.30
N CYS K 236 -2.54 19.70 -20.08
CA CYS K 236 -1.71 20.32 -19.04
C CYS K 236 -0.95 21.48 -19.62
N TYR K 237 -1.07 22.64 -18.98
CA TYR K 237 -0.36 23.81 -19.46
C TYR K 237 0.85 24.10 -18.62
N LEU K 238 1.98 23.88 -19.24
CA LEU K 238 3.28 24.00 -18.60
C LEU K 238 4.10 25.17 -19.09
N MET K 239 4.62 25.97 -18.20
CA MET K 239 5.45 27.09 -18.63
C MET K 239 6.94 26.71 -18.64
N ILE K 240 7.61 26.95 -19.77
CA ILE K 240 9.03 26.68 -19.99
C ILE K 240 9.83 27.90 -20.40
N THR K 241 11.01 28.11 -19.81
CA THR K 241 11.81 29.26 -20.25
C THR K 241 13.21 28.90 -20.57
N ASP K 242 13.83 29.73 -21.37
CA ASP K 242 15.24 29.58 -21.59
C ASP K 242 15.89 30.85 -22.11
N GLY K 243 17.20 30.80 -22.35
CA GLY K 243 17.89 31.97 -22.94
C GLY K 243 18.93 32.72 -22.11
N SER K 244 19.01 32.45 -20.81
CA SER K 244 19.97 33.03 -19.83
C SER K 244 19.33 34.09 -18.98
N ALA K 245 19.56 34.02 -17.68
CA ALA K 245 18.94 34.96 -16.74
C ALA K 245 19.37 36.42 -16.90
N SER K 246 20.63 36.69 -17.21
CA SER K 246 21.06 38.09 -17.29
C SER K 246 20.78 38.71 -18.64
N GLY K 247 19.50 38.83 -18.96
CA GLY K 247 19.09 39.33 -20.27
C GLY K 247 17.72 38.81 -20.64
N VAL K 248 17.47 38.72 -21.93
CA VAL K 248 16.18 38.25 -22.41
C VAL K 248 16.12 36.74 -22.29
N SER K 249 15.04 36.26 -21.67
CA SER K 249 14.77 34.86 -21.43
C SER K 249 13.29 34.69 -21.67
N GLU K 250 12.95 34.19 -22.84
CA GLU K 250 11.56 34.13 -23.18
C GLU K 250 10.90 32.88 -22.67
N CYS K 251 9.63 32.99 -22.36
CA CYS K 251 8.87 31.84 -21.93
C CYS K 251 7.98 31.34 -23.03
N ARG K 252 7.68 30.06 -22.95
CA ARG K 252 6.76 29.40 -23.85
C ARG K 252 5.85 28.50 -23.07
N PHE K 253 4.62 28.38 -23.51
CA PHE K 253 3.77 27.42 -22.83
C PHE K 253 3.59 26.19 -23.66
N LEU K 254 3.63 25.06 -23.03
CA LEU K 254 3.42 23.83 -23.76
C LEU K 254 2.13 23.21 -23.34
N LYS K 255 1.34 22.80 -24.31
CA LYS K 255 0.13 22.11 -24.00
C LYS K 255 0.44 20.63 -24.13
N ILE K 256 0.36 19.93 -23.02
CA ILE K 256 0.71 18.53 -22.95
C ILE K 256 -0.48 17.61 -22.71
N ARG K 257 -0.64 16.64 -23.59
CA ARG K 257 -1.77 15.72 -23.52
C ARG K 257 -1.31 14.29 -23.40
N GLU K 258 -1.59 13.69 -22.26
CA GLU K 258 -1.17 12.33 -21.93
C GLU K 258 0.32 12.15 -22.13
N GLY K 259 1.06 13.16 -21.72
CA GLY K 259 2.51 13.17 -21.81
C GLY K 259 3.06 13.61 -23.17
N ARG K 260 2.19 13.88 -24.15
CA ARG K 260 2.68 14.27 -25.45
C ARG K 260 2.63 15.79 -25.59
N ILE K 261 3.57 16.37 -26.29
CA ILE K 261 3.51 17.81 -26.45
C ILE K 261 2.81 18.08 -27.75
N ILE K 262 1.62 18.66 -27.65
CA ILE K 262 0.80 18.87 -28.81
C ILE K 262 0.84 20.28 -29.34
N LYS K 263 0.99 21.26 -28.46
CA LYS K 263 1.05 22.62 -28.95
C LYS K 263 2.01 23.51 -28.19
N GLU K 264 2.73 24.33 -28.93
CA GLU K 264 3.57 25.33 -28.30
C GLU K 264 2.89 26.69 -28.44
N ILE K 265 2.76 27.38 -27.32
CA ILE K 265 2.11 28.67 -27.21
C ILE K 265 3.11 29.80 -27.01
N PHE K 266 3.04 30.74 -27.94
CA PHE K 266 3.93 31.87 -28.01
C PHE K 266 3.24 33.12 -27.48
N PRO K 267 3.71 33.74 -26.39
CA PRO K 267 3.12 34.89 -25.77
C PRO K 267 3.34 36.15 -26.53
N THR K 268 2.40 37.07 -26.37
CA THR K 268 2.49 38.44 -26.86
C THR K 268 2.69 39.31 -25.65
N GLY K 269 2.92 40.59 -25.84
CA GLY K 269 3.14 41.47 -24.71
C GLY K 269 4.59 41.50 -24.33
N ARG K 270 4.85 41.88 -23.10
CA ARG K 270 6.19 42.04 -22.62
C ARG K 270 6.76 40.68 -22.41
N VAL K 271 7.95 40.43 -22.86
CA VAL K 271 8.48 39.11 -22.57
C VAL K 271 9.80 39.23 -21.86
N LYS K 272 10.77 39.77 -22.62
CA LYS K 272 12.15 39.88 -22.11
C LYS K 272 12.32 38.78 -21.07
N HIS K 273 12.51 39.11 -19.79
CA HIS K 273 12.82 38.05 -18.81
C HIS K 273 11.53 37.64 -18.12
N THR K 274 11.06 36.42 -18.38
CA THR K 274 9.87 35.91 -17.68
C THR K 274 10.16 34.51 -17.16
N GLU K 275 10.29 34.32 -15.83
CA GLU K 275 10.70 32.98 -15.31
C GLU K 275 10.04 32.40 -14.06
N GLU K 276 10.12 31.07 -13.94
CA GLU K 276 9.64 30.40 -12.73
C GLU K 276 8.27 30.88 -12.32
N CYS K 277 7.32 30.78 -13.25
CA CYS K 277 5.95 31.27 -13.14
C CYS K 277 5.09 30.37 -12.26
N THR K 278 4.39 30.99 -11.33
CA THR K 278 3.50 30.27 -10.47
C THR K 278 2.15 30.46 -11.11
N CYS K 279 1.47 29.37 -11.50
CA CYS K 279 0.24 29.39 -12.27
C CYS K 279 -0.94 28.78 -11.53
N GLY K 280 -2.12 29.23 -11.88
CA GLY K 280 -3.35 28.64 -11.36
C GLY K 280 -4.54 29.05 -12.21
N PHE K 281 -5.68 28.44 -11.98
CA PHE K 281 -6.82 28.79 -12.80
C PHE K 281 -7.58 29.94 -12.24
N ALA K 282 -7.82 30.92 -13.07
CA ALA K 282 -8.61 32.01 -12.57
C ALA K 282 -10.04 31.64 -12.81
N SER K 283 -10.26 30.88 -13.87
CA SER K 283 -11.60 30.45 -14.22
C SER K 283 -11.45 29.27 -15.15
N ASN K 284 -12.57 28.63 -15.56
CA ASN K 284 -12.59 27.52 -16.52
C ASN K 284 -12.00 27.91 -17.90
N LYS K 285 -11.96 29.23 -18.23
CA LYS K 285 -11.48 29.81 -19.47
C LYS K 285 -10.05 30.31 -19.40
N THR K 286 -9.43 30.34 -18.24
CA THR K 286 -8.07 30.89 -18.24
C THR K 286 -7.18 30.55 -17.08
N ILE K 287 -5.90 30.53 -17.39
CA ILE K 287 -4.82 30.29 -16.47
C ILE K 287 -4.03 31.54 -16.32
N GLU K 288 -3.78 31.95 -15.11
CA GLU K 288 -3.02 33.15 -14.92
C GLU K 288 -1.75 32.77 -14.19
N CYS K 289 -0.63 33.51 -14.43
CA CYS K 289 0.64 33.20 -13.77
C CYS K 289 1.41 34.43 -13.26
N ALA K 290 1.92 34.34 -12.03
CA ALA K 290 2.75 35.38 -11.42
C ALA K 290 4.20 34.96 -11.57
N CYS K 291 4.98 35.64 -12.44
CA CYS K 291 6.36 35.26 -12.85
C CYS K 291 7.46 36.10 -12.23
N ARG K 292 8.67 35.56 -12.23
CA ARG K 292 9.85 36.28 -11.82
C ARG K 292 10.32 37.16 -12.90
N ASP K 293 11.04 38.21 -12.52
CA ASP K 293 11.70 39.02 -13.52
C ASP K 293 13.09 39.32 -13.04
N ASN K 294 14.07 38.71 -13.67
CA ASN K 294 15.41 38.99 -13.22
C ASN K 294 15.84 40.08 -14.13
N ARG K 295 17.04 40.60 -13.95
CA ARG K 295 17.64 41.63 -14.80
C ARG K 295 16.98 43.02 -14.77
N TYR K 296 15.65 43.11 -14.82
CA TYR K 296 15.04 44.41 -14.96
C TYR K 296 14.29 44.95 -13.74
N THR K 297 13.24 44.27 -13.26
CA THR K 297 12.40 44.87 -12.19
C THR K 297 11.97 44.02 -11.02
N ALA K 298 11.25 44.66 -10.11
CA ALA K 298 10.66 44.00 -8.96
C ALA K 298 9.21 43.66 -9.22
N LYS K 299 8.64 44.28 -10.24
CA LYS K 299 7.25 43.99 -10.53
C LYS K 299 7.19 42.64 -11.19
N ARG K 300 6.29 41.78 -10.77
CA ARG K 300 6.20 40.51 -11.44
C ARG K 300 5.40 40.65 -12.72
N PRO K 301 5.81 40.04 -13.84
CA PRO K 301 5.04 39.89 -15.04
C PRO K 301 3.87 39.03 -14.70
N PHE K 302 2.77 39.33 -15.30
CA PHE K 302 1.60 38.55 -15.05
C PHE K 302 1.06 38.06 -16.36
N VAL K 303 0.97 36.75 -16.45
CA VAL K 303 0.56 36.09 -17.67
C VAL K 303 -0.88 35.76 -17.67
N LYS K 304 -1.57 36.08 -18.74
CA LYS K 304 -2.92 35.63 -18.86
C LYS K 304 -2.97 34.70 -20.04
N LEU K 305 -3.17 33.42 -19.77
CA LEU K 305 -3.20 32.39 -20.78
C LEU K 305 -4.60 31.90 -21.03
N ASN K 306 -5.08 31.99 -22.26
CA ASN K 306 -6.41 31.50 -22.47
C ASN K 306 -6.25 30.01 -22.64
N VAL K 307 -7.34 29.29 -22.81
CA VAL K 307 -7.25 27.85 -23.01
C VAL K 307 -8.14 27.53 -24.16
N GLU K 308 -8.99 28.47 -24.50
CA GLU K 308 -9.90 28.24 -25.60
C GLU K 308 -9.24 28.62 -26.89
N THR K 309 -8.32 29.58 -26.80
CA THR K 309 -7.59 30.09 -27.93
C THR K 309 -6.09 29.83 -27.83
N ASP K 310 -5.65 29.19 -26.74
CA ASP K 310 -4.23 28.89 -26.53
C ASP K 310 -3.35 30.09 -26.78
N THR K 311 -3.77 31.22 -26.29
CA THR K 311 -3.05 32.44 -26.48
C THR K 311 -2.61 33.06 -25.19
N ALA K 312 -1.33 33.40 -25.13
CA ALA K 312 -0.82 34.01 -23.93
C ALA K 312 -0.47 35.45 -24.17
N GLU K 313 -0.66 36.26 -23.14
CA GLU K 313 -0.29 37.67 -23.16
C GLU K 313 0.32 38.06 -21.84
N ILE K 314 1.41 38.80 -21.89
CA ILE K 314 2.10 39.18 -20.67
C ILE K 314 2.25 40.66 -20.43
N ARG K 315 1.88 41.13 -19.26
CA ARG K 315 2.10 42.53 -18.96
C ARG K 315 2.55 42.62 -17.51
N LEU K 316 3.17 43.70 -17.09
CA LEU K 316 3.53 43.77 -15.68
C LEU K 316 2.33 44.05 -14.82
N MET K 317 2.37 43.56 -13.60
CA MET K 317 1.32 43.91 -12.65
C MET K 317 1.49 45.39 -12.33
N CYS K 318 0.37 46.16 -12.23
CA CYS K 318 0.39 47.58 -11.90
C CYS K 318 0.47 47.81 -10.40
N THR K 319 0.26 46.78 -9.63
CA THR K 319 0.12 47.00 -8.19
C THR K 319 1.40 47.46 -7.53
N ASP K 320 1.27 48.46 -6.67
CA ASP K 320 2.43 48.94 -5.94
C ASP K 320 2.79 48.11 -4.75
N THR K 321 3.19 46.89 -5.01
CA THR K 321 3.67 46.00 -3.97
C THR K 321 5.07 45.48 -4.29
N TYR K 322 5.50 45.61 -5.55
CA TYR K 322 6.85 45.20 -5.93
C TYR K 322 7.21 43.85 -5.34
N LEU K 323 6.46 42.85 -5.74
CA LEU K 323 6.50 41.51 -5.18
C LEU K 323 7.81 40.70 -5.33
N ASP K 324 8.71 41.04 -6.25
CA ASP K 324 9.92 40.21 -6.33
C ASP K 324 10.91 40.73 -5.27
N THR K 325 12.08 40.10 -5.16
CA THR K 325 13.09 40.53 -4.18
C THR K 325 14.48 40.46 -4.77
N PRO K 326 15.34 41.48 -4.66
CA PRO K 326 15.23 42.79 -4.04
C PRO K 326 14.19 43.68 -4.68
N ARG K 327 13.65 44.58 -3.88
CA ARG K 327 12.65 45.50 -4.38
C ARG K 327 12.86 46.93 -3.83
N PRO K 328 12.33 47.95 -4.51
CA PRO K 328 12.24 49.32 -4.09
C PRO K 328 11.14 49.43 -3.08
N ASN K 329 10.90 50.62 -2.57
CA ASN K 329 9.84 50.81 -1.61
C ASN K 329 8.54 50.73 -2.37
N ASP K 330 7.41 50.86 -1.70
CA ASP K 330 6.14 50.63 -2.37
C ASP K 330 5.65 51.78 -3.25
N GLY K 331 6.25 51.95 -4.41
CA GLY K 331 5.77 52.99 -5.33
C GLY K 331 6.94 53.89 -5.67
N SER K 332 8.15 53.51 -5.28
CA SER K 332 9.36 54.30 -5.61
C SER K 332 9.39 54.48 -7.13
N ILE K 333 8.66 53.66 -7.86
CA ILE K 333 8.52 53.79 -9.34
C ILE K 333 7.88 55.14 -9.65
N THR K 334 7.68 55.42 -10.93
CA THR K 334 6.95 56.64 -11.33
C THR K 334 6.73 56.40 -12.81
N GLY K 335 6.20 55.23 -13.15
CA GLY K 335 6.06 54.88 -14.56
C GLY K 335 4.65 54.48 -14.91
N PRO K 336 4.26 54.65 -16.18
CA PRO K 336 2.94 54.31 -16.66
C PRO K 336 2.63 52.85 -16.51
N CYS K 337 2.68 52.32 -15.28
CA CYS K 337 2.39 50.88 -14.97
C CYS K 337 3.32 49.90 -15.70
N GLU K 338 3.66 50.13 -16.97
CA GLU K 338 4.58 49.24 -17.72
C GLU K 338 6.03 49.73 -17.59
N SER K 339 6.40 50.29 -16.44
CA SER K 339 7.77 50.84 -16.28
C SER K 339 8.54 49.77 -15.55
N ASP K 340 9.86 49.67 -15.73
CA ASP K 340 10.51 48.55 -15.08
C ASP K 340 11.90 48.79 -14.51
N GLY K 341 12.19 49.99 -14.03
CA GLY K 341 13.50 50.22 -13.43
C GLY K 341 13.42 49.98 -11.94
N ASP K 342 14.52 50.32 -11.23
CA ASP K 342 14.67 50.18 -9.78
C ASP K 342 14.94 48.74 -9.32
N LYS K 343 16.16 48.54 -8.81
CA LYS K 343 16.66 47.23 -8.41
C LYS K 343 16.60 46.28 -9.61
N GLY K 344 16.02 45.09 -9.44
CA GLY K 344 15.91 44.13 -10.54
C GLY K 344 17.02 43.09 -10.64
N SER K 345 18.11 43.28 -9.91
CA SER K 345 19.18 42.30 -9.98
C SER K 345 18.94 41.23 -8.94
N GLY K 346 18.64 40.02 -9.39
CA GLY K 346 18.27 38.95 -8.50
C GLY K 346 16.76 38.85 -8.46
N GLY K 347 16.24 37.81 -7.85
CA GLY K 347 14.80 37.61 -7.80
C GLY K 347 14.47 36.24 -7.24
N ILE K 348 13.18 36.01 -7.03
CA ILE K 348 12.68 34.76 -6.51
C ILE K 348 11.22 34.48 -6.84
N LYS K 349 10.90 33.20 -7.03
CA LYS K 349 9.55 32.72 -7.33
C LYS K 349 8.58 33.11 -6.23
N GLY K 350 7.44 33.67 -6.60
CA GLY K 350 6.46 34.09 -5.62
C GLY K 350 5.32 33.11 -5.49
N GLY K 351 4.66 33.11 -4.34
CA GLY K 351 3.52 32.26 -4.16
C GLY K 351 2.38 32.94 -4.85
N PHE K 352 1.46 32.17 -5.34
CA PHE K 352 0.31 32.71 -5.99
C PHE K 352 -0.77 31.70 -6.21
N VAL K 353 -1.94 32.00 -5.67
CA VAL K 353 -3.10 31.15 -5.85
C VAL K 353 -4.33 31.97 -6.16
N HIS K 354 -5.32 31.33 -6.75
CA HIS K 354 -6.57 31.99 -7.00
C HIS K 354 -7.64 31.45 -6.12
N GLN K 355 -8.54 32.33 -5.76
CA GLN K 355 -9.71 31.91 -5.06
C GLN K 355 -10.87 32.15 -5.99
N ARG K 356 -11.46 31.08 -6.48
CA ARG K 356 -12.52 31.19 -7.45
C ARG K 356 -13.88 31.13 -6.80
N MET K 357 -14.53 32.26 -6.70
CA MET K 357 -15.80 32.34 -6.05
C MET K 357 -16.85 32.47 -7.11
N LYS K 358 -18.09 32.23 -6.79
CA LYS K 358 -19.12 32.32 -7.81
C LYS K 358 -19.13 33.65 -8.56
N SER K 359 -18.94 34.76 -7.84
CA SER K 359 -18.98 36.06 -8.48
C SER K 359 -17.67 36.83 -8.59
N LYS K 360 -16.65 36.44 -7.84
CA LYS K 360 -15.39 37.17 -7.82
C LYS K 360 -14.17 36.28 -7.88
N ILE K 361 -13.07 36.84 -8.37
CA ILE K 361 -11.83 36.08 -8.32
C ILE K 361 -10.86 36.76 -7.37
N GLY K 362 -10.46 36.03 -6.35
CA GLY K 362 -9.52 36.56 -5.38
C GLY K 362 -8.13 36.18 -5.83
N ARG K 363 -7.17 37.03 -5.55
CA ARG K 363 -5.80 36.69 -5.90
C ARG K 363 -4.89 36.86 -4.69
N TRP K 364 -4.23 35.78 -4.31
CA TRP K 364 -3.38 35.79 -3.14
C TRP K 364 -1.93 35.67 -3.55
N TYR K 365 -1.06 36.51 -3.00
CA TYR K 365 0.36 36.54 -3.37
C TYR K 365 1.32 36.53 -2.20
N SER K 366 2.51 35.96 -2.38
CA SER K 366 3.48 36.11 -1.28
C SER K 366 4.55 37.11 -1.65
N ARG K 367 5.19 37.69 -0.63
CA ARG K 367 6.33 38.60 -0.79
C ARG K 367 7.31 38.38 0.35
N THR K 368 8.60 38.58 0.18
CA THR K 368 9.46 38.40 1.36
C THR K 368 9.22 39.59 2.26
N MET K 369 9.65 39.51 3.51
CA MET K 369 9.42 40.66 4.35
C MET K 369 10.52 41.65 4.10
N SER K 370 11.72 41.13 3.92
CA SER K 370 12.88 41.96 3.63
C SER K 370 12.85 42.43 2.19
N LYS K 371 13.38 43.63 1.97
CA LYS K 371 13.48 44.21 0.65
C LYS K 371 14.76 43.83 -0.03
N THR K 372 15.70 43.29 0.75
CA THR K 372 17.00 42.97 0.24
C THR K 372 17.41 41.50 0.35
N GLU K 373 16.73 40.76 1.21
CA GLU K 373 17.13 39.37 1.49
C GLU K 373 15.98 38.39 1.46
N ARG K 374 16.27 37.12 1.25
CA ARG K 374 15.21 36.13 1.25
C ARG K 374 14.82 35.70 2.67
N MET K 375 14.29 36.68 3.43
CA MET K 375 13.91 36.51 4.83
C MET K 375 12.46 36.89 5.07
N GLY K 376 11.82 36.05 5.87
CA GLY K 376 10.44 36.23 6.26
C GLY K 376 9.57 35.92 5.08
N MET K 377 8.28 35.98 5.28
CA MET K 377 7.39 35.87 4.14
C MET K 377 6.01 36.39 4.52
N GLY K 378 5.53 37.36 3.78
CA GLY K 378 4.23 37.96 4.03
C GLY K 378 3.20 37.51 3.04
N LEU K 379 1.93 37.57 3.43
CA LEU K 379 0.83 37.23 2.54
C LEU K 379 -0.02 38.45 2.22
N TYR K 380 -0.23 38.68 0.93
CA TYR K 380 -1.03 39.78 0.43
C TYR K 380 -2.23 39.34 -0.41
N VAL K 381 -3.32 40.09 -0.33
CA VAL K 381 -4.49 39.76 -1.12
C VAL K 381 -5.25 40.91 -1.74
N LYS K 382 -5.78 40.66 -2.92
CA LYS K 382 -6.69 41.61 -3.51
C LYS K 382 -7.81 40.86 -4.17
N TYR K 383 -9.00 41.43 -4.17
CA TYR K 383 -10.09 40.76 -4.82
C TYR K 383 -10.59 41.53 -6.00
N GLY K 384 -10.88 40.79 -7.06
CA GLY K 384 -11.42 41.36 -8.27
C GLY K 384 -10.36 42.17 -8.97
N GLY K 385 -10.79 43.05 -9.85
CA GLY K 385 -9.90 43.90 -10.60
C GLY K 385 -9.21 43.20 -11.74
N ASP K 386 -8.16 43.86 -12.21
CA ASP K 386 -7.38 43.42 -13.35
C ASP K 386 -5.95 43.86 -13.11
N PRO K 387 -5.02 42.96 -12.71
CA PRO K 387 -3.65 43.25 -12.36
C PRO K 387 -2.89 44.00 -13.42
N TRP K 388 -3.35 43.95 -14.67
CA TRP K 388 -2.63 44.65 -15.71
C TRP K 388 -3.02 46.11 -15.82
N ALA K 389 -4.06 46.50 -15.10
CA ALA K 389 -4.58 47.86 -15.13
C ALA K 389 -5.16 48.23 -13.78
N ASP K 390 -4.44 47.95 -12.71
CA ASP K 390 -4.92 48.20 -11.35
C ASP K 390 -3.77 48.43 -10.38
N SER K 391 -3.52 49.68 -10.03
CA SER K 391 -2.38 50.02 -9.20
C SER K 391 -2.61 49.87 -7.70
N ASP K 392 -3.84 49.62 -7.29
CA ASP K 392 -4.06 49.59 -5.86
C ASP K 392 -3.22 48.54 -5.21
N ALA K 393 -2.65 48.89 -4.06
CA ALA K 393 -1.80 47.95 -3.36
C ALA K 393 -2.62 46.79 -2.87
N LEU K 394 -2.00 45.64 -2.80
CA LEU K 394 -2.65 44.45 -2.31
C LEU K 394 -2.78 44.62 -0.81
N ALA K 395 -3.85 44.13 -0.22
CA ALA K 395 -4.03 44.22 1.21
C ALA K 395 -3.09 43.30 1.92
N PHE K 396 -2.63 43.69 3.09
CA PHE K 396 -1.77 42.80 3.85
C PHE K 396 -2.60 41.90 4.74
N SER K 397 -2.42 40.59 4.60
CA SER K 397 -3.19 39.64 5.39
C SER K 397 -2.45 39.18 6.61
N GLY K 398 -1.13 39.15 6.53
CA GLY K 398 -0.37 38.69 7.68
C GLY K 398 1.00 38.14 7.33
N VAL K 399 1.71 37.70 8.35
CA VAL K 399 3.06 37.17 8.17
C VAL K 399 3.06 35.68 8.24
N MET K 400 3.51 35.03 7.19
CA MET K 400 3.55 33.58 7.17
C MET K 400 4.81 33.11 7.88
N VAL K 401 5.91 33.81 7.62
CA VAL K 401 7.21 33.49 8.19
C VAL K 401 7.86 34.74 8.83
N PRO K 402 8.32 34.67 10.09
CA PRO K 402 8.99 35.71 10.85
C PRO K 402 10.22 36.19 10.15
N MET K 403 10.58 37.45 10.37
CA MET K 403 11.72 38.05 9.68
C MET K 403 13.07 37.51 10.06
N LYS K 404 13.14 36.75 11.14
CA LYS K 404 14.41 36.17 11.56
C LYS K 404 14.61 34.80 10.94
N GLU K 405 13.61 34.31 10.23
CA GLU K 405 13.68 33.00 9.63
C GLU K 405 13.76 33.14 8.11
N PRO K 406 14.50 32.28 7.41
CA PRO K 406 14.57 32.24 5.98
C PRO K 406 13.20 32.04 5.40
N GLY K 407 12.93 32.70 4.31
CA GLY K 407 11.66 32.58 3.60
C GLY K 407 11.99 32.80 2.15
N TRP K 408 12.25 31.72 1.46
CA TRP K 408 12.73 31.85 0.12
C TRP K 408 11.65 31.69 -0.93
N TYR K 409 11.62 30.54 -1.57
CA TYR K 409 10.72 30.33 -2.68
C TYR K 409 9.34 30.04 -2.19
N SER K 410 8.34 30.50 -2.89
CA SER K 410 7.01 30.07 -2.50
C SER K 410 6.22 29.69 -3.70
N PHE K 411 5.24 28.85 -3.49
CA PHE K 411 4.44 28.32 -4.59
C PHE K 411 3.00 28.08 -4.26
N GLY K 412 2.17 28.12 -5.26
CA GLY K 412 0.79 27.81 -5.03
C GLY K 412 0.47 26.38 -5.37
N PHE K 413 -0.58 25.87 -4.78
CA PHE K 413 -1.13 24.57 -5.12
C PHE K 413 -2.56 24.55 -4.67
N GLU K 414 -3.34 23.58 -5.12
CA GLU K 414 -4.70 23.54 -4.60
C GLU K 414 -5.04 22.16 -4.16
N ILE K 415 -5.68 22.03 -3.02
CA ILE K 415 -6.03 20.72 -2.51
C ILE K 415 -7.43 20.38 -2.94
N LYS K 416 -7.61 19.19 -3.48
CA LYS K 416 -8.96 18.85 -3.92
C LYS K 416 -9.80 18.27 -2.80
N ASP K 417 -10.91 18.93 -2.49
CA ASP K 417 -11.85 18.47 -1.49
C ASP K 417 -12.88 17.66 -2.24
N LYS K 418 -13.86 17.11 -1.58
CA LYS K 418 -14.82 16.31 -2.33
C LYS K 418 -15.64 17.15 -3.29
N LYS K 419 -16.05 18.33 -2.85
CA LYS K 419 -16.90 19.21 -3.68
C LYS K 419 -16.28 20.50 -4.22
N CYS K 420 -15.14 20.95 -3.68
CA CYS K 420 -14.51 22.24 -3.95
C CYS K 420 -12.97 22.18 -3.84
N ASP K 421 -12.29 23.23 -4.30
CA ASP K 421 -10.83 23.26 -4.21
C ASP K 421 -10.32 24.22 -3.12
N VAL K 422 -9.21 23.87 -2.46
CA VAL K 422 -8.66 24.77 -1.44
C VAL K 422 -7.34 25.37 -1.85
N PRO K 423 -7.23 26.66 -2.12
CA PRO K 423 -5.98 27.26 -2.51
C PRO K 423 -5.05 27.23 -1.30
N CYS K 424 -3.76 26.92 -1.54
CA CYS K 424 -2.69 26.86 -0.55
C CYS K 424 -1.38 27.44 -1.10
N ILE K 425 -0.59 28.04 -0.23
CA ILE K 425 0.74 28.52 -0.58
C ILE K 425 1.82 27.89 0.27
N GLY K 426 2.83 27.32 -0.36
CA GLY K 426 3.92 26.75 0.39
C GLY K 426 5.15 27.65 0.36
N ILE K 427 5.97 27.59 1.40
CA ILE K 427 7.20 28.38 1.48
C ILE K 427 8.45 27.57 1.77
N GLU K 428 9.51 27.76 1.00
CA GLU K 428 10.80 27.09 1.23
C GLU K 428 11.61 27.79 2.29
N MET K 429 12.17 27.03 3.21
CA MET K 429 13.05 27.60 4.22
C MET K 429 14.37 26.82 4.23
N VAL K 430 15.51 27.54 4.18
CA VAL K 430 16.87 26.99 4.14
C VAL K 430 17.48 27.14 5.54
N ALA K 442 13.18 22.73 4.56
CA ALA K 442 11.86 22.64 5.17
C ALA K 442 10.84 23.41 4.32
N THR K 443 9.56 22.97 4.36
CA THR K 443 8.43 23.62 3.66
C THR K 443 7.26 23.92 4.58
N ALA K 444 6.81 25.17 4.57
CA ALA K 444 5.66 25.52 5.40
C ALA K 444 4.47 25.72 4.51
N ILE K 445 3.34 25.16 4.88
CA ILE K 445 2.13 25.31 4.11
C ILE K 445 1.06 26.09 4.81
N TYR K 446 0.54 27.09 4.10
CA TYR K 446 -0.56 27.91 4.56
C TYR K 446 -1.72 27.66 3.62
N CYS K 447 -2.96 27.57 4.15
CA CYS K 447 -4.16 27.29 3.33
C CYS K 447 -5.36 28.12 3.69
N LEU K 448 -6.26 28.27 2.71
CA LEU K 448 -7.47 29.03 2.91
C LEU K 448 -8.53 28.25 3.67
N MET K 449 -8.37 28.17 4.96
CA MET K 449 -9.29 27.41 5.79
C MET K 449 -10.05 28.35 6.72
N GLY K 450 -11.36 28.41 6.56
CA GLY K 450 -12.16 29.27 7.42
C GLY K 450 -11.96 30.75 7.14
N SER K 451 -12.15 31.57 8.17
CA SER K 451 -12.11 33.03 8.10
C SER K 451 -11.51 33.62 9.38
N GLY K 452 -11.06 34.87 9.32
CA GLY K 452 -10.46 35.58 10.47
C GLY K 452 -9.00 35.90 10.19
N GLN K 453 -8.29 36.42 11.15
CA GLN K 453 -6.91 36.81 10.89
C GLN K 453 -5.98 35.57 10.85
N LEU K 454 -4.86 35.68 10.09
CA LEU K 454 -3.81 34.66 9.94
C LEU K 454 -2.98 34.55 11.23
N PRO L 78 -8.04 -8.19 -15.67
CA PRO L 78 -6.73 -8.34 -16.29
C PRO L 78 -6.81 -9.26 -17.52
N GLU L 79 -5.84 -9.10 -18.44
CA GLU L 79 -5.72 -9.88 -19.69
C GLU L 79 -4.24 -10.05 -19.98
N TRP L 80 -3.91 -10.77 -21.02
CA TRP L 80 -2.52 -11.08 -21.33
C TRP L 80 -1.75 -9.91 -21.96
N THR L 81 -0.45 -9.81 -21.64
CA THR L 81 0.39 -8.73 -22.21
C THR L 81 0.86 -8.97 -23.61
N TYR L 82 -0.01 -8.90 -24.57
CA TYR L 82 0.46 -9.05 -25.93
C TYR L 82 1.37 -7.86 -26.17
N PRO L 83 2.45 -7.97 -26.95
CA PRO L 83 3.34 -6.88 -27.30
C PRO L 83 2.60 -5.94 -28.23
N ARG L 84 2.93 -4.65 -28.20
CA ARG L 84 2.28 -3.66 -29.03
C ARG L 84 3.28 -2.82 -29.80
N LEU L 85 2.81 -2.01 -30.73
CA LEU L 85 3.73 -1.13 -31.43
C LEU L 85 4.24 -0.12 -30.44
N SER L 86 5.45 0.33 -30.63
CA SER L 86 6.04 1.27 -29.72
C SER L 86 5.54 2.70 -29.88
N CYS L 87 5.82 3.50 -28.84
CA CYS L 87 5.59 4.92 -28.70
C CYS L 87 6.58 5.67 -29.59
N PRO L 88 6.13 6.61 -30.43
CA PRO L 88 6.97 7.28 -31.40
C PRO L 88 8.04 8.07 -30.73
N GLY L 89 9.18 8.15 -31.38
CA GLY L 89 10.36 8.88 -30.99
C GLY L 89 11.49 8.36 -31.84
N SER L 90 12.61 9.06 -31.83
CA SER L 90 13.76 8.64 -32.63
C SER L 90 15.00 8.43 -31.81
N THR L 91 15.03 8.94 -30.60
CA THR L 91 16.25 8.78 -29.83
C THR L 91 16.08 8.52 -28.36
N PHE L 92 17.20 8.29 -27.71
CA PHE L 92 17.23 8.01 -26.29
C PHE L 92 17.98 9.03 -25.45
N GLN L 93 17.54 9.21 -24.22
CA GLN L 93 18.29 10.00 -23.23
C GLN L 93 18.11 9.40 -21.85
N LYS L 94 18.76 9.98 -20.82
CA LYS L 94 18.55 9.36 -19.52
C LYS L 94 17.16 9.58 -19.07
N ALA L 95 16.52 8.50 -18.75
CA ALA L 95 15.19 8.52 -18.29
C ALA L 95 15.19 8.56 -16.77
N LEU L 96 16.14 7.84 -16.20
CA LEU L 96 16.24 7.69 -14.74
C LEU L 96 17.58 7.13 -14.30
N LEU L 97 18.19 7.69 -13.28
CA LEU L 97 19.39 7.06 -12.75
C LEU L 97 19.17 6.71 -11.29
N ILE L 98 19.59 5.51 -10.90
CA ILE L 98 19.46 5.08 -9.51
C ILE L 98 20.81 4.73 -8.92
N SER L 99 21.19 5.43 -7.85
CA SER L 99 22.49 5.19 -7.27
C SER L 99 22.54 5.67 -5.81
N PRO L 100 23.18 4.95 -4.82
CA PRO L 100 23.41 5.37 -3.43
C PRO L 100 24.05 6.78 -3.34
N ILE L 114 25.32 -5.59 -0.85
CA ILE L 114 26.07 -5.84 -2.08
C ILE L 114 25.06 -6.35 -3.12
N ILE L 115 24.78 -5.51 -4.14
CA ILE L 115 23.84 -5.73 -5.25
C ILE L 115 24.59 -5.86 -6.58
N ARG L 116 24.26 -6.90 -7.34
CA ARG L 116 24.91 -7.15 -8.63
C ARG L 116 23.96 -7.64 -9.73
N GLU L 117 24.38 -7.46 -10.99
CA GLU L 117 23.66 -7.94 -12.16
C GLU L 117 22.20 -7.51 -12.18
N PRO L 118 21.92 -6.19 -12.20
CA PRO L 118 20.60 -5.62 -12.22
C PRO L 118 19.93 -5.80 -13.55
N PHE L 119 18.63 -5.80 -13.51
CA PHE L 119 17.78 -5.80 -14.68
C PHE L 119 16.45 -5.25 -14.31
N VAL L 120 15.62 -4.85 -15.25
CA VAL L 120 14.32 -4.40 -14.80
C VAL L 120 13.30 -5.08 -15.66
N ALA L 121 12.06 -5.11 -15.22
CA ALA L 121 10.99 -5.63 -16.06
C ALA L 121 9.73 -4.86 -15.72
N CYS L 122 8.79 -4.72 -16.69
CA CYS L 122 7.53 -4.00 -16.48
C CYS L 122 6.34 -4.83 -16.94
N GLY L 123 5.28 -4.72 -16.16
CA GLY L 123 3.98 -5.31 -16.47
C GLY L 123 3.03 -4.14 -16.57
N PRO L 124 1.73 -4.36 -16.73
CA PRO L 124 0.78 -3.29 -16.83
C PRO L 124 0.85 -2.51 -15.54
N ASN L 125 0.96 -1.20 -15.63
CA ASN L 125 0.97 -0.29 -14.50
C ASN L 125 2.09 -0.48 -13.47
N GLU L 126 3.12 -1.27 -13.76
CA GLU L 126 4.15 -1.47 -12.75
C GLU L 126 5.51 -1.87 -13.29
N CYS L 127 6.60 -1.25 -12.78
CA CYS L 127 7.97 -1.60 -13.14
C CYS L 127 8.73 -1.92 -11.89
N LYS L 128 9.50 -2.97 -11.96
CA LYS L 128 10.31 -3.42 -10.86
C LYS L 128 11.74 -3.51 -11.24
N HIS L 129 12.58 -3.18 -10.30
CA HIS L 129 13.99 -3.25 -10.47
C HIS L 129 14.49 -4.49 -9.79
N PHE L 130 15.14 -5.34 -10.55
CA PHE L 130 15.59 -6.61 -10.04
C PHE L 130 17.07 -6.68 -9.97
N ALA L 131 17.57 -7.44 -9.02
CA ALA L 131 18.99 -7.64 -8.91
C ALA L 131 19.29 -8.81 -8.04
N LEU L 132 20.53 -9.24 -8.03
CA LEU L 132 20.89 -10.30 -7.12
C LEU L 132 21.68 -9.79 -5.96
N THR L 133 21.54 -10.45 -4.82
CA THR L 133 22.37 -10.12 -3.68
C THR L 133 23.63 -10.99 -3.76
N HIS L 134 24.68 -10.59 -3.02
CA HIS L 134 25.92 -11.35 -2.86
C HIS L 134 25.95 -11.90 -1.42
N ARG L 154 22.49 -15.24 -1.17
CA ARG L 154 22.40 -14.95 -2.59
C ARG L 154 20.94 -15.19 -3.06
N HIS L 155 20.19 -14.08 -3.24
CA HIS L 155 18.78 -14.04 -3.63
C HIS L 155 18.45 -13.11 -4.73
N LEU L 156 17.36 -13.43 -5.39
CA LEU L 156 16.80 -12.54 -6.34
C LEU L 156 15.94 -11.63 -5.55
N ILE L 157 16.21 -10.35 -5.68
CA ILE L 157 15.52 -9.33 -4.94
C ILE L 157 14.83 -8.38 -5.86
N SER L 158 13.88 -7.68 -5.30
CA SER L 158 13.12 -6.72 -6.06
C SER L 158 12.71 -5.49 -5.27
N VAL L 159 12.86 -4.33 -5.90
CA VAL L 159 12.46 -3.03 -5.35
C VAL L 159 11.66 -2.32 -6.44
N LYS L 160 10.61 -1.57 -6.10
CA LYS L 160 9.90 -0.90 -7.18
C LYS L 160 10.84 0.05 -7.91
N LEU L 161 10.75 0.07 -9.24
CA LEU L 161 11.64 0.93 -10.00
C LEU L 161 11.40 2.35 -9.59
N GLY L 162 12.47 3.05 -9.28
CA GLY L 162 12.38 4.42 -8.82
C GLY L 162 12.79 4.50 -7.36
N LYS L 163 12.86 3.38 -6.66
CA LYS L 163 13.33 3.47 -5.29
C LYS L 163 14.72 2.92 -5.27
N ILE L 164 15.55 3.44 -4.40
CA ILE L 164 16.90 2.93 -4.29
C ILE L 164 16.83 1.61 -3.56
N PRO L 165 17.41 0.52 -4.10
CA PRO L 165 17.40 -0.76 -3.45
C PRO L 165 17.98 -0.64 -2.07
N THR L 166 17.31 -1.25 -1.11
CA THR L 166 17.72 -1.26 0.28
C THR L 166 17.07 -2.43 0.96
N VAL L 167 17.04 -2.45 2.28
CA VAL L 167 16.36 -3.56 2.92
C VAL L 167 14.88 -3.28 3.05
N GLU L 168 14.56 -2.10 3.55
CA GLU L 168 13.19 -1.71 3.83
C GLU L 168 12.25 -1.68 2.63
N ASN L 169 12.77 -1.30 1.47
CA ASN L 169 11.95 -1.22 0.26
C ASN L 169 12.09 -2.43 -0.64
N SER L 170 12.80 -3.45 -0.20
CA SER L 170 13.03 -4.58 -1.05
C SER L 170 12.38 -5.83 -0.55
N ILE L 171 12.25 -6.79 -1.44
CA ILE L 171 11.81 -8.11 -1.03
C ILE L 171 12.81 -9.12 -1.52
N PHE L 172 12.83 -10.26 -0.87
CA PHE L 172 13.64 -11.39 -1.29
C PHE L 172 12.66 -12.31 -1.92
N HIS L 173 12.68 -12.37 -3.23
CA HIS L 173 11.59 -13.08 -3.84
C HIS L 173 11.90 -14.56 -3.88
N MET L 174 13.15 -14.91 -4.23
CA MET L 174 13.51 -16.35 -4.30
C MET L 174 15.01 -16.55 -4.22
N ALA L 175 15.46 -17.67 -3.64
CA ALA L 175 16.93 -17.91 -3.59
C ALA L 175 17.50 -18.14 -4.96
N ALA L 176 18.61 -17.45 -5.30
CA ALA L 176 19.23 -17.59 -6.62
C ALA L 176 20.55 -16.84 -6.74
N TRP L 177 21.45 -17.31 -7.61
CA TRP L 177 22.62 -16.53 -8.00
C TRP L 177 22.60 -16.13 -9.47
N SER L 178 21.47 -16.35 -10.10
CA SER L 178 21.17 -16.00 -11.49
C SER L 178 19.67 -16.05 -11.61
N GLY L 179 19.07 -15.10 -12.32
CA GLY L 179 17.62 -15.15 -12.46
C GLY L 179 17.06 -14.13 -13.41
N SER L 180 15.75 -14.14 -13.53
CA SER L 180 15.03 -13.27 -14.46
C SER L 180 13.59 -13.09 -14.02
N ALA L 181 12.89 -12.16 -14.66
CA ALA L 181 11.48 -11.99 -14.33
C ALA L 181 10.69 -11.41 -15.51
N CYS L 182 9.36 -11.63 -15.50
CA CYS L 182 8.39 -11.14 -16.47
C CYS L 182 6.98 -11.08 -15.93
N HIS L 183 6.09 -10.48 -16.68
CA HIS L 183 4.71 -10.42 -16.25
C HIS L 183 3.91 -10.84 -17.43
N ASP L 184 2.94 -11.71 -17.23
CA ASP L 184 2.17 -12.17 -18.36
C ASP L 184 0.87 -11.42 -18.60
N GLY L 185 0.59 -10.38 -17.82
CA GLY L 185 -0.65 -9.61 -17.91
C GLY L 185 -1.58 -9.94 -16.77
N LYS L 186 -1.34 -11.06 -16.11
CA LYS L 186 -2.14 -11.40 -14.98
C LYS L 186 -1.29 -11.47 -13.72
N GLU L 187 -0.07 -11.98 -13.83
CA GLU L 187 0.82 -12.15 -12.68
C GLU L 187 2.32 -12.13 -13.05
N TRP L 188 3.15 -11.80 -12.07
CA TRP L 188 4.60 -11.82 -12.24
C TRP L 188 5.18 -13.21 -12.15
N THR L 189 6.12 -13.51 -13.02
CA THR L 189 6.81 -14.78 -13.01
C THR L 189 8.25 -14.53 -12.63
N TYR L 190 8.74 -15.31 -11.69
CA TYR L 190 10.09 -15.14 -11.20
C TYR L 190 10.89 -16.40 -11.43
N ILE L 191 12.07 -16.21 -11.94
CA ILE L 191 12.95 -17.29 -12.30
C ILE L 191 14.29 -17.22 -11.61
N GLY L 192 14.79 -18.35 -11.12
CA GLY L 192 16.14 -18.28 -10.59
C GLY L 192 16.78 -19.62 -10.31
N VAL L 193 18.10 -19.63 -10.27
CA VAL L 193 18.84 -20.86 -10.08
C VAL L 193 19.91 -20.88 -8.97
N ASP L 194 19.99 -22.04 -8.25
CA ASP L 194 20.97 -22.35 -7.18
C ASP L 194 20.81 -23.77 -6.63
N ASN L 199 25.83 -28.43 -10.03
CA ASN L 199 24.51 -28.97 -10.34
C ASN L 199 23.40 -28.16 -9.64
N ALA L 200 23.13 -26.94 -10.13
CA ALA L 200 22.07 -26.05 -9.65
C ALA L 200 20.76 -26.38 -10.30
N LEU L 201 19.69 -26.07 -9.60
CA LEU L 201 18.35 -26.26 -10.11
C LEU L 201 17.67 -24.95 -10.39
N LEU L 202 16.99 -24.87 -11.52
CA LEU L 202 16.24 -23.68 -11.85
C LEU L 202 14.85 -23.78 -11.28
N LYS L 203 14.45 -22.80 -10.52
CA LYS L 203 13.15 -22.78 -9.91
C LYS L 203 12.27 -21.79 -10.63
N VAL L 204 11.00 -22.09 -10.69
CA VAL L 204 10.03 -21.18 -11.26
C VAL L 204 8.97 -20.87 -10.23
N LYS L 205 8.75 -19.58 -10.00
CA LYS L 205 7.78 -19.10 -9.05
C LYS L 205 6.78 -18.16 -9.71
N TYR L 206 5.51 -18.37 -9.49
CA TYR L 206 4.49 -17.55 -10.12
C TYR L 206 3.76 -16.83 -9.03
N GLY L 207 3.89 -15.52 -9.02
CA GLY L 207 3.33 -14.80 -7.91
C GLY L 207 4.07 -15.27 -6.67
N GLU L 208 3.31 -15.75 -5.68
CA GLU L 208 3.87 -16.23 -4.41
C GLU L 208 4.12 -17.74 -4.36
N ALA L 209 3.69 -18.50 -5.37
CA ALA L 209 3.80 -19.94 -5.31
C ALA L 209 4.93 -20.49 -6.12
N TYR L 210 5.58 -21.51 -5.62
CA TYR L 210 6.61 -22.15 -6.40
C TYR L 210 5.87 -23.12 -7.26
N THR L 211 6.08 -23.04 -8.55
CA THR L 211 5.30 -23.83 -9.45
C THR L 211 6.02 -24.90 -10.22
N ASP L 212 7.29 -24.71 -10.48
CA ASP L 212 7.98 -25.76 -11.21
C ASP L 212 9.48 -25.65 -11.08
N THR L 213 10.16 -26.63 -11.66
CA THR L 213 11.61 -26.62 -11.73
C THR L 213 12.14 -27.17 -13.02
N TYR L 214 13.38 -26.85 -13.30
CA TYR L 214 14.07 -27.43 -14.42
C TYR L 214 15.47 -27.85 -13.97
N HIS L 215 15.79 -29.11 -14.18
CA HIS L 215 17.09 -29.64 -13.78
C HIS L 215 18.17 -29.32 -14.73
N SER L 216 19.39 -29.66 -14.39
CA SER L 216 20.46 -29.40 -15.30
C SER L 216 20.29 -30.35 -16.48
N TYR L 217 20.89 -29.97 -17.60
CA TYR L 217 20.91 -30.70 -18.87
C TYR L 217 22.30 -31.15 -19.21
N ALA L 218 23.20 -30.18 -19.21
CA ALA L 218 24.60 -30.41 -19.52
C ALA L 218 25.35 -30.71 -18.25
N ASN L 219 24.62 -30.62 -17.16
CA ASN L 219 25.08 -30.77 -15.80
C ASN L 219 26.20 -29.81 -15.50
N ASN L 220 26.02 -28.57 -15.91
CA ASN L 220 26.98 -27.53 -15.75
C ASN L 220 26.40 -26.36 -14.98
N ILE L 221 26.97 -25.17 -15.15
CA ILE L 221 26.49 -24.08 -14.36
C ILE L 221 25.30 -23.51 -15.05
N LEU L 222 24.13 -23.93 -14.62
CA LEU L 222 22.93 -23.46 -15.24
C LEU L 222 22.76 -22.00 -14.88
N ARG L 223 22.52 -21.17 -15.89
CA ARG L 223 22.32 -19.73 -15.76
C ARG L 223 21.18 -19.28 -16.65
N THR L 224 20.65 -18.10 -16.40
CA THR L 224 19.60 -17.61 -17.29
C THR L 224 19.85 -16.21 -17.80
N GLN L 225 18.79 -15.53 -18.19
CA GLN L 225 18.86 -14.21 -18.76
C GLN L 225 18.69 -13.11 -17.75
N GLU L 226 19.75 -12.47 -17.28
CA GLU L 226 19.56 -11.41 -16.29
C GLU L 226 19.19 -10.12 -17.00
N SER L 227 18.00 -10.15 -17.57
CA SER L 227 17.40 -9.11 -18.37
C SER L 227 15.91 -9.16 -18.22
N ALA L 228 15.26 -9.84 -19.14
CA ALA L 228 13.84 -9.96 -19.03
C ALA L 228 13.33 -11.19 -19.80
N CYS L 229 12.24 -11.74 -19.28
CA CYS L 229 11.43 -12.82 -19.79
C CYS L 229 10.32 -12.22 -20.68
N ASN L 230 10.11 -12.83 -21.84
CA ASN L 230 9.14 -12.28 -22.80
C ASN L 230 7.85 -13.08 -22.96
N CYS L 231 6.70 -12.50 -22.52
CA CYS L 231 5.41 -13.18 -22.49
C CYS L 231 4.47 -12.69 -23.57
N ILE L 232 3.85 -13.63 -24.26
CA ILE L 232 2.82 -13.32 -25.21
C ILE L 232 1.61 -14.20 -24.93
N GLY L 233 0.47 -13.60 -24.70
CA GLY L 233 -0.64 -14.45 -24.36
C GLY L 233 -0.19 -14.95 -23.01
N GLY L 234 -0.50 -16.16 -22.64
CA GLY L 234 -0.08 -16.63 -21.34
C GLY L 234 1.26 -17.35 -21.39
N ASN L 235 1.90 -17.38 -22.55
CA ASN L 235 3.13 -18.13 -22.72
C ASN L 235 4.39 -17.26 -22.58
N CYS L 236 5.19 -17.51 -21.53
CA CYS L 236 6.41 -16.76 -21.23
C CYS L 236 7.63 -17.50 -21.74
N TYR L 237 8.45 -16.81 -22.52
CA TYR L 237 9.65 -17.42 -23.07
C TYR L 237 10.88 -17.03 -22.31
N LEU L 238 11.61 -18.03 -21.90
CA LEU L 238 12.81 -17.87 -21.12
C LEU L 238 14.02 -18.59 -21.67
N MET L 239 15.14 -17.90 -21.85
CA MET L 239 16.34 -18.57 -22.32
C MET L 239 17.13 -19.10 -21.14
N ILE L 240 17.59 -20.35 -21.22
CA ILE L 240 18.49 -20.89 -20.20
C ILE L 240 19.79 -21.39 -20.86
N THR L 241 20.91 -21.21 -20.18
CA THR L 241 22.23 -21.63 -20.65
C THR L 241 22.85 -22.66 -19.74
N ASP L 242 23.42 -23.71 -20.30
CA ASP L 242 24.01 -24.73 -19.42
C ASP L 242 25.29 -25.30 -20.01
N GLY L 243 26.45 -24.90 -19.49
CA GLY L 243 27.70 -25.43 -20.07
C GLY L 243 28.97 -24.62 -19.84
N SER L 244 29.79 -25.05 -18.89
CA SER L 244 31.06 -24.43 -18.58
C SER L 244 31.04 -22.92 -18.67
N ALA L 245 32.10 -22.40 -19.26
CA ALA L 245 32.25 -21.01 -19.64
C ALA L 245 33.17 -21.02 -20.84
N SER L 246 34.38 -21.54 -20.64
CA SER L 246 35.36 -21.61 -21.69
C SER L 246 35.15 -22.86 -22.54
N GLY L 247 34.03 -22.90 -23.26
CA GLY L 247 33.72 -24.09 -24.05
C GLY L 247 32.32 -24.08 -24.63
N VAL L 248 31.88 -25.25 -25.09
CA VAL L 248 30.57 -25.40 -25.70
C VAL L 248 29.47 -25.33 -24.66
N SER L 249 28.46 -24.50 -24.93
CA SER L 249 27.34 -24.31 -24.03
C SER L 249 26.04 -24.07 -24.76
N GLU L 250 25.16 -25.03 -24.73
CA GLU L 250 23.90 -24.88 -25.45
C GLU L 250 22.91 -24.10 -24.65
N CYS L 251 22.04 -23.38 -25.35
CA CYS L 251 20.94 -22.72 -24.71
C CYS L 251 19.66 -23.33 -25.15
N ARG L 252 18.65 -23.26 -24.31
CA ARG L 252 17.32 -23.69 -24.67
C ARG L 252 16.31 -22.68 -24.27
N PHE L 253 15.19 -22.67 -24.95
CA PHE L 253 14.13 -21.78 -24.53
C PHE L 253 13.01 -22.54 -23.87
N LEU L 254 12.63 -22.10 -22.69
CA LEU L 254 11.55 -22.76 -22.02
C LEU L 254 10.30 -21.97 -22.24
N LYS L 255 9.20 -22.65 -22.48
CA LYS L 255 7.93 -21.97 -22.59
C LYS L 255 7.19 -22.26 -21.31
N ILE L 256 6.91 -21.21 -20.55
CA ILE L 256 6.29 -21.32 -19.25
C ILE L 256 4.88 -20.73 -19.20
N ARG L 257 3.93 -21.54 -18.77
CA ARG L 257 2.54 -21.14 -18.71
C ARG L 257 1.99 -21.21 -17.32
N GLU L 258 1.67 -20.05 -16.77
CA GLU L 258 1.17 -19.91 -15.40
C GLU L 258 2.08 -20.62 -14.42
N GLY L 259 3.37 -20.44 -14.64
CA GLY L 259 4.40 -21.00 -13.79
C GLY L 259 4.86 -22.41 -14.15
N ARG L 260 4.20 -23.08 -15.09
CA ARG L 260 4.62 -24.45 -15.38
C ARG L 260 5.43 -24.52 -16.66
N ILE L 261 6.43 -25.38 -16.71
CA ILE L 261 7.18 -25.49 -17.94
C ILE L 261 6.47 -26.47 -18.84
N ILE L 262 6.01 -25.98 -19.97
CA ILE L 262 5.24 -26.84 -20.86
C ILE L 262 6.02 -27.27 -22.09
N LYS L 263 7.03 -26.50 -22.48
CA LYS L 263 7.84 -26.91 -23.61
C LYS L 263 9.28 -26.48 -23.52
N GLU L 264 10.18 -27.36 -23.94
CA GLU L 264 11.58 -26.99 -24.05
C GLU L 264 11.94 -26.93 -25.53
N ILE L 265 12.41 -25.78 -25.96
CA ILE L 265 12.75 -25.48 -27.35
C ILE L 265 14.23 -25.53 -27.62
N PHE L 266 14.60 -26.42 -28.53
CA PHE L 266 15.98 -26.63 -28.88
C PHE L 266 16.28 -25.92 -30.19
N PRO L 267 17.21 -24.96 -30.21
CA PRO L 267 17.55 -24.18 -31.36
C PRO L 267 18.38 -24.95 -32.35
N THR L 268 18.30 -24.51 -33.60
CA THR L 268 19.15 -24.96 -34.69
C THR L 268 20.13 -23.85 -35.02
N GLY L 269 21.01 -24.08 -35.98
CA GLY L 269 22.00 -23.08 -36.34
C GLY L 269 23.25 -23.16 -35.47
N ARG L 270 23.84 -22.02 -35.19
CA ARG L 270 25.08 -21.97 -34.45
C ARG L 270 24.73 -21.98 -33.00
N VAL L 271 24.88 -23.13 -32.38
CA VAL L 271 24.43 -23.30 -31.03
C VAL L 271 25.56 -23.68 -30.11
N LYS L 272 26.79 -23.71 -30.63
CA LYS L 272 27.92 -24.14 -29.82
C LYS L 272 28.04 -23.32 -28.56
N HIS L 273 27.68 -22.05 -28.59
CA HIS L 273 27.79 -21.29 -27.37
C HIS L 273 26.85 -20.10 -27.33
N THR L 274 25.85 -20.17 -26.48
CA THR L 274 24.90 -19.06 -26.33
C THR L 274 24.69 -18.74 -24.86
N GLU L 275 24.99 -17.51 -24.43
CA GLU L 275 24.89 -17.22 -23.01
C GLU L 275 24.38 -15.84 -22.61
N GLU L 276 23.64 -15.74 -21.51
CA GLU L 276 23.22 -14.42 -21.03
C GLU L 276 22.62 -13.55 -22.12
N CYS L 277 21.49 -14.00 -22.70
CA CYS L 277 20.78 -13.37 -23.81
C CYS L 277 19.91 -12.21 -23.33
N THR L 278 19.74 -11.23 -24.19
CA THR L 278 18.79 -10.16 -23.93
C THR L 278 17.74 -10.30 -24.99
N CYS L 279 16.48 -10.53 -24.58
CA CYS L 279 15.35 -10.84 -25.45
C CYS L 279 14.30 -9.74 -25.48
N GLY L 280 13.61 -9.65 -26.61
CA GLY L 280 12.47 -8.76 -26.78
C GLY L 280 11.67 -9.14 -28.01
N PHE L 281 10.52 -8.54 -28.18
CA PHE L 281 9.69 -8.90 -29.33
C PHE L 281 9.96 -8.11 -30.57
N ALA L 282 10.12 -8.82 -31.66
CA ALA L 282 10.28 -8.15 -32.93
C ALA L 282 8.92 -7.90 -33.47
N SER L 283 8.03 -8.79 -33.08
CA SER L 283 6.61 -8.65 -33.53
C SER L 283 5.75 -9.60 -32.71
N ASN L 284 4.47 -9.66 -33.03
CA ASN L 284 3.59 -10.63 -32.32
C ASN L 284 4.12 -12.03 -32.59
N LYS L 285 4.62 -12.30 -33.79
CA LYS L 285 5.01 -13.69 -34.11
C LYS L 285 6.53 -13.89 -34.07
N THR L 286 7.26 -13.02 -33.37
CA THR L 286 8.70 -13.30 -33.28
C THR L 286 9.39 -12.68 -32.07
N ILE L 287 10.23 -13.47 -31.42
CA ILE L 287 11.08 -13.02 -30.34
C ILE L 287 12.50 -13.08 -30.80
N GLU L 288 13.26 -12.05 -30.57
CA GLU L 288 14.65 -12.09 -30.98
C GLU L 288 15.50 -11.84 -29.75
N CYS L 289 16.75 -12.40 -29.70
CA CYS L 289 17.64 -12.16 -28.55
C CYS L 289 19.09 -11.95 -29.00
N ALA L 290 19.76 -11.01 -28.35
CA ALA L 290 21.17 -10.74 -28.62
C ALA L 290 21.96 -11.36 -27.48
N CYS L 291 22.78 -12.39 -27.78
CA CYS L 291 23.42 -13.27 -26.78
C CYS L 291 24.91 -13.09 -26.65
N ARG L 292 25.45 -13.37 -25.47
CA ARG L 292 26.87 -13.27 -25.24
C ARG L 292 27.57 -14.48 -25.77
N ASP L 293 28.82 -14.29 -26.16
CA ASP L 293 29.61 -15.43 -26.58
C ASP L 293 30.96 -15.41 -25.93
N ASN L 294 31.19 -16.37 -25.05
CA ASN L 294 32.48 -16.49 -24.40
C ASN L 294 33.25 -17.43 -25.30
N ARG L 295 34.56 -17.45 -25.16
CA ARG L 295 35.44 -18.38 -25.86
C ARG L 295 35.60 -18.27 -27.38
N TYR L 296 34.52 -18.21 -28.13
CA TYR L 296 34.66 -18.31 -29.57
C TYR L 296 34.71 -17.01 -30.37
N THR L 297 33.92 -16.01 -30.04
CA THR L 297 33.96 -14.81 -30.87
C THR L 297 33.53 -13.52 -30.25
N ALA L 298 34.06 -12.44 -30.77
CA ALA L 298 33.64 -11.14 -30.31
C ALA L 298 32.33 -10.73 -30.94
N LYS L 299 31.93 -11.39 -32.00
CA LYS L 299 30.67 -11.02 -32.58
C LYS L 299 29.59 -11.57 -31.69
N ARG L 300 28.49 -10.86 -31.59
CA ARG L 300 27.39 -11.32 -30.77
C ARG L 300 26.45 -12.22 -31.58
N PRO L 301 26.11 -13.46 -31.12
CA PRO L 301 25.10 -14.34 -31.69
C PRO L 301 23.73 -13.77 -31.57
N PHE L 302 22.89 -14.08 -32.53
CA PHE L 302 21.54 -13.57 -32.51
C PHE L 302 20.56 -14.68 -32.74
N VAL L 303 19.58 -14.77 -31.86
CA VAL L 303 18.59 -15.82 -31.97
C VAL L 303 17.27 -15.31 -32.39
N LYS L 304 16.69 -16.00 -33.31
CA LYS L 304 15.38 -15.66 -33.75
C LYS L 304 14.49 -16.80 -33.34
N LEU L 305 13.48 -16.51 -32.55
CA LEU L 305 12.55 -17.48 -32.04
C LEU L 305 11.13 -17.27 -32.50
N ASN L 306 10.54 -18.27 -33.10
CA ASN L 306 9.17 -18.08 -33.52
C ASN L 306 8.33 -18.38 -32.31
N VAL L 307 7.02 -18.23 -32.40
CA VAL L 307 6.18 -18.53 -31.28
C VAL L 307 5.03 -19.30 -31.80
N GLU L 308 4.89 -19.27 -33.10
CA GLU L 308 3.79 -19.99 -33.71
C GLU L 308 4.20 -21.44 -33.90
N THR L 309 5.50 -21.64 -34.08
CA THR L 309 6.07 -22.94 -34.30
C THR L 309 7.07 -23.32 -33.22
N ASP L 310 7.29 -22.43 -32.23
CA ASP L 310 8.24 -22.69 -31.15
C ASP L 310 9.57 -23.17 -31.66
N THR L 311 10.04 -22.56 -32.71
CA THR L 311 11.28 -22.93 -33.31
C THR L 311 12.29 -21.84 -33.24
N ALA L 312 13.47 -22.18 -32.78
CA ALA L 312 14.54 -21.21 -32.66
C ALA L 312 15.68 -21.53 -33.58
N GLU L 313 16.33 -20.49 -34.05
CA GLU L 313 17.53 -20.60 -34.86
C GLU L 313 18.53 -19.54 -34.49
N ILE L 314 19.79 -19.93 -34.41
CA ILE L 314 20.82 -18.97 -34.08
C ILE L 314 21.85 -18.78 -35.15
N ARG L 315 22.13 -17.56 -35.50
CA ARG L 315 23.19 -17.32 -36.43
C ARG L 315 24.01 -16.20 -35.85
N LEU L 316 25.24 -16.06 -36.24
CA LEU L 316 26.05 -14.99 -35.68
C LEU L 316 25.60 -13.65 -36.25
N MET L 317 25.55 -12.57 -35.45
CA MET L 317 25.17 -11.33 -36.09
C MET L 317 26.24 -11.06 -37.12
N CYS L 318 25.81 -10.71 -38.34
CA CYS L 318 26.67 -10.39 -39.46
C CYS L 318 27.32 -9.02 -39.28
N THR L 319 26.56 -8.12 -38.68
CA THR L 319 26.88 -6.73 -38.52
C THR L 319 28.24 -6.42 -37.90
N ASP L 320 28.99 -5.56 -38.61
CA ASP L 320 30.33 -5.20 -38.22
C ASP L 320 30.43 -4.14 -37.16
N THR L 321 29.83 -4.42 -36.03
CA THR L 321 29.93 -3.60 -34.85
C THR L 321 30.60 -4.38 -33.74
N TYR L 322 30.65 -5.72 -33.89
CA TYR L 322 31.35 -6.50 -32.88
C TYR L 322 30.92 -6.16 -31.47
N LEU L 323 29.63 -6.31 -31.19
CA LEU L 323 29.03 -5.85 -29.95
C LEU L 323 29.35 -6.65 -28.69
N ASP L 324 30.62 -6.69 -28.32
CA ASP L 324 31.04 -7.39 -27.12
C ASP L 324 32.38 -6.82 -26.67
N THR L 325 32.93 -7.34 -25.58
CA THR L 325 34.25 -6.90 -25.14
C THR L 325 34.96 -7.95 -24.27
N PRO L 326 36.27 -8.14 -24.45
CA PRO L 326 37.18 -7.61 -25.44
C PRO L 326 36.82 -8.00 -26.86
N ARG L 327 37.03 -7.06 -27.76
CA ARG L 327 36.72 -7.25 -29.16
C ARG L 327 37.87 -6.73 -30.02
N PRO L 328 37.99 -7.19 -31.26
CA PRO L 328 38.89 -6.71 -32.27
C PRO L 328 38.31 -5.47 -32.86
N ASN L 329 39.07 -4.85 -33.72
CA ASN L 329 38.56 -3.77 -34.51
C ASN L 329 37.76 -4.49 -35.56
N ASP L 330 37.13 -3.80 -36.49
CA ASP L 330 36.30 -4.49 -37.45
C ASP L 330 37.05 -5.13 -38.61
N GLY L 331 38.34 -5.33 -38.29
CA GLY L 331 39.19 -6.07 -39.22
C GLY L 331 39.16 -7.53 -38.85
N SER L 332 38.10 -7.99 -38.21
CA SER L 332 37.94 -9.44 -37.95
C SER L 332 37.28 -10.04 -39.19
N ILE L 333 35.99 -10.32 -39.10
CA ILE L 333 35.28 -10.79 -40.31
C ILE L 333 36.32 -11.43 -41.21
N THR L 334 36.59 -10.81 -42.34
CA THR L 334 37.47 -11.51 -43.29
C THR L 334 36.97 -12.94 -43.20
N GLY L 335 35.65 -13.15 -43.12
CA GLY L 335 35.03 -14.46 -43.01
C GLY L 335 33.57 -14.23 -43.26
N PRO L 336 32.75 -15.20 -43.67
CA PRO L 336 31.40 -14.90 -44.04
C PRO L 336 30.81 -14.46 -42.69
N CYS L 337 29.64 -13.83 -42.68
CA CYS L 337 29.07 -13.50 -41.35
C CYS L 337 29.37 -14.64 -40.38
N GLU L 338 29.15 -15.90 -40.77
CA GLU L 338 29.42 -17.09 -39.91
C GLU L 338 30.90 -17.28 -39.60
N SER L 339 31.59 -16.30 -39.03
CA SER L 339 33.01 -16.41 -38.76
C SER L 339 33.30 -16.07 -37.34
N ASP L 340 33.81 -17.04 -36.60
CA ASP L 340 34.13 -16.85 -35.21
C ASP L 340 35.60 -16.50 -35.14
N GLY L 341 35.88 -15.21 -35.10
CA GLY L 341 37.25 -14.73 -35.21
C GLY L 341 37.87 -14.32 -33.88
N ASP L 342 38.61 -13.23 -33.93
CA ASP L 342 39.39 -12.75 -32.80
C ASP L 342 38.62 -12.38 -31.53
N LYS L 343 39.29 -12.67 -30.42
CA LYS L 343 38.91 -12.44 -29.03
C LYS L 343 37.58 -13.09 -28.65
N GLY L 344 36.72 -12.39 -27.88
CA GLY L 344 35.48 -13.03 -27.42
C GLY L 344 35.66 -13.67 -26.04
N SER L 345 36.88 -13.78 -25.57
CA SER L 345 37.09 -14.38 -24.26
C SER L 345 36.37 -13.56 -23.22
N GLY L 346 35.73 -14.20 -22.27
CA GLY L 346 34.99 -13.43 -21.30
C GLY L 346 33.74 -12.88 -21.99
N GLY L 347 33.64 -11.58 -22.09
CA GLY L 347 32.50 -10.97 -22.72
C GLY L 347 31.67 -10.20 -21.73
N ILE L 348 30.75 -9.43 -22.25
CA ILE L 348 29.86 -8.57 -21.49
C ILE L 348 28.42 -8.86 -21.84
N LYS L 349 27.53 -8.74 -20.89
CA LYS L 349 26.16 -8.99 -21.22
C LYS L 349 25.56 -7.77 -21.84
N GLY L 350 25.62 -7.69 -23.15
CA GLY L 350 25.07 -6.54 -23.83
C GLY L 350 23.58 -6.76 -24.03
N GLY L 351 22.93 -5.84 -24.70
CA GLY L 351 21.51 -6.00 -24.89
C GLY L 351 20.96 -5.04 -25.88
N PHE L 352 19.68 -5.20 -26.18
CA PHE L 352 19.12 -4.38 -27.18
C PHE L 352 17.62 -4.38 -26.99
N VAL L 353 16.95 -3.44 -27.64
CA VAL L 353 15.50 -3.46 -27.67
C VAL L 353 14.98 -3.28 -29.08
N HIS L 354 13.74 -3.68 -29.30
CA HIS L 354 13.12 -3.47 -30.57
C HIS L 354 12.24 -2.27 -30.55
N GLN L 355 12.19 -1.56 -31.65
CA GLN L 355 11.31 -0.43 -31.67
C GLN L 355 9.93 -0.77 -32.19
N ARG L 356 9.77 -1.81 -33.00
CA ARG L 356 8.45 -2.17 -33.51
C ARG L 356 7.55 -1.04 -34.00
N MET L 357 7.81 -0.52 -35.18
CA MET L 357 6.99 0.52 -35.73
C MET L 357 6.04 -0.11 -36.71
N LYS L 358 5.00 0.59 -37.10
CA LYS L 358 4.08 -0.01 -38.04
C LYS L 358 4.74 -0.51 -39.33
N SER L 359 5.68 0.28 -39.87
CA SER L 359 6.30 -0.09 -41.14
C SER L 359 7.63 -0.84 -41.08
N LYS L 360 8.36 -0.73 -39.97
CA LYS L 360 9.67 -1.37 -39.90
C LYS L 360 10.09 -1.65 -38.47
N ILE L 361 11.03 -2.55 -38.31
CA ILE L 361 11.57 -2.85 -36.99
C ILE L 361 12.89 -2.16 -36.76
N GLY L 362 12.93 -1.29 -35.77
CA GLY L 362 14.19 -0.65 -35.44
C GLY L 362 14.86 -1.55 -34.45
N ARG L 363 16.18 -1.61 -34.44
CA ARG L 363 16.86 -2.40 -33.44
C ARG L 363 17.96 -1.57 -32.77
N TRP L 364 17.80 -1.36 -31.49
CA TRP L 364 18.69 -0.52 -30.69
C TRP L 364 19.61 -1.33 -29.84
N TYR L 365 20.92 -1.21 -30.02
CA TYR L 365 21.91 -2.05 -29.32
C TYR L 365 22.92 -1.28 -28.52
N SER L 366 23.39 -1.86 -27.43
CA SER L 366 24.46 -1.20 -26.71
C SER L 366 25.80 -1.88 -26.96
N ARG L 367 26.88 -1.12 -26.88
CA ARG L 367 28.24 -1.65 -27.02
C ARG L 367 29.19 -0.96 -26.08
N THR L 368 30.05 -1.69 -25.41
CA THR L 368 30.98 -1.03 -24.52
C THR L 368 31.82 -0.11 -25.35
N MET L 369 32.02 1.13 -24.94
CA MET L 369 32.84 1.98 -25.78
C MET L 369 34.22 1.40 -25.94
N SER L 370 34.80 0.93 -24.85
CA SER L 370 36.12 0.34 -24.92
C SER L 370 36.12 -1.06 -25.50
N LYS L 371 37.11 -1.32 -26.33
CA LYS L 371 37.30 -2.62 -26.93
C LYS L 371 38.08 -3.57 -26.04
N THR L 372 38.55 -3.07 -24.89
CA THR L 372 39.35 -3.84 -23.96
C THR L 372 38.59 -4.11 -22.67
N GLU L 373 38.67 -3.20 -21.69
CA GLU L 373 37.98 -3.40 -20.43
C GLU L 373 36.52 -2.94 -20.49
N ARG L 374 35.78 -3.11 -19.40
CA ARG L 374 34.37 -2.72 -19.42
C ARG L 374 34.14 -1.26 -19.07
N MET L 375 34.63 -0.37 -19.94
CA MET L 375 34.52 1.07 -19.71
C MET L 375 33.66 1.80 -20.73
N GLY L 376 32.81 2.67 -20.20
CA GLY L 376 31.95 3.50 -21.00
C GLY L 376 30.83 2.63 -21.55
N MET L 377 29.95 3.24 -22.33
CA MET L 377 28.89 2.50 -23.03
C MET L 377 28.27 3.36 -24.12
N GLY L 378 28.24 2.86 -25.36
CA GLY L 378 27.64 3.61 -26.45
C GLY L 378 26.33 3.00 -26.90
N LEU L 379 25.50 3.80 -27.55
CA LEU L 379 24.25 3.34 -28.12
C LEU L 379 24.29 3.38 -29.64
N TYR L 380 23.94 2.25 -30.26
CA TYR L 380 23.90 2.07 -31.70
C TYR L 380 22.55 1.65 -32.25
N VAL L 381 22.22 2.10 -33.45
CA VAL L 381 20.95 1.69 -34.03
C VAL L 381 20.96 1.40 -35.51
N LYS L 382 20.17 0.43 -35.90
CA LYS L 382 19.94 0.20 -37.31
C LYS L 382 18.49 -0.08 -37.51
N TYR L 383 17.94 0.32 -38.63
CA TYR L 383 16.55 0.04 -38.87
C TYR L 383 16.35 -0.90 -40.02
N GLY L 384 15.45 -1.84 -39.81
CA GLY L 384 15.07 -2.78 -40.84
C GLY L 384 16.11 -3.85 -41.03
N GLY L 385 15.90 -4.65 -42.07
CA GLY L 385 16.80 -5.73 -42.41
C GLY L 385 16.70 -6.90 -41.47
N ASP L 386 17.74 -7.73 -41.53
CA ASP L 386 17.87 -8.95 -40.79
C ASP L 386 19.34 -9.11 -40.42
N PRO L 387 19.73 -8.99 -39.14
CA PRO L 387 21.09 -8.94 -38.64
C PRO L 387 21.87 -10.19 -38.93
N TRP L 388 21.19 -11.26 -39.29
CA TRP L 388 21.89 -12.47 -39.62
C TRP L 388 22.63 -12.36 -40.93
N ALA L 389 22.21 -11.44 -41.81
CA ALA L 389 22.90 -11.34 -43.08
C ALA L 389 23.01 -9.91 -43.55
N ASP L 390 23.45 -9.04 -42.67
CA ASP L 390 23.64 -7.65 -42.98
C ASP L 390 24.84 -7.09 -42.22
N SER L 391 25.94 -6.96 -42.95
CA SER L 391 27.22 -6.55 -42.38
C SER L 391 27.30 -5.06 -42.12
N ASP L 392 26.38 -4.28 -42.65
CA ASP L 392 26.52 -2.84 -42.49
C ASP L 392 26.53 -2.50 -41.03
N ALA L 393 27.42 -1.60 -40.65
CA ALA L 393 27.54 -1.21 -39.27
C ALA L 393 26.31 -0.46 -38.82
N LEU L 394 26.03 -0.55 -37.54
CA LEU L 394 24.91 0.12 -36.92
C LEU L 394 25.30 1.59 -36.79
N ALA L 395 24.34 2.49 -36.87
CA ALA L 395 24.61 3.89 -36.72
C ALA L 395 24.93 4.23 -35.29
N PHE L 396 25.80 5.19 -35.06
CA PHE L 396 26.08 5.60 -33.70
C PHE L 396 25.14 6.69 -33.25
N SER L 397 24.42 6.46 -32.15
CA SER L 397 23.46 7.43 -31.65
C SER L 397 24.04 8.34 -30.59
N GLY L 398 24.98 7.82 -29.82
CA GLY L 398 25.58 8.61 -28.76
C GLY L 398 26.15 7.79 -27.61
N VAL L 399 26.68 8.48 -26.61
CA VAL L 399 27.31 7.85 -25.45
C VAL L 399 26.42 7.82 -24.23
N MET L 400 26.15 6.63 -23.72
CA MET L 400 25.31 6.50 -22.55
C MET L 400 26.13 6.67 -21.28
N VAL L 401 27.34 6.14 -21.32
CA VAL L 401 28.27 6.23 -20.20
C VAL L 401 29.64 6.70 -20.70
N PRO L 402 30.21 7.79 -20.21
CA PRO L 402 31.51 8.32 -20.58
C PRO L 402 32.58 7.32 -20.28
N MET L 403 33.66 7.32 -21.05
CA MET L 403 34.71 6.34 -20.79
C MET L 403 35.64 6.79 -19.68
N LYS L 404 35.08 6.90 -18.50
CA LYS L 404 35.73 7.28 -17.27
C LYS L 404 35.05 6.45 -16.22
N GLU L 405 33.84 6.05 -16.57
CA GLU L 405 32.96 5.32 -15.69
C GLU L 405 32.81 3.91 -16.24
N PRO L 406 32.61 2.91 -15.41
CA PRO L 406 32.39 1.55 -15.80
C PRO L 406 31.05 1.43 -16.45
N GLY L 407 30.92 0.47 -17.34
CA GLY L 407 29.66 0.18 -18.00
C GLY L 407 29.62 -1.30 -18.26
N TRP L 408 28.90 -2.03 -17.42
CA TRP L 408 28.90 -3.47 -17.48
C TRP L 408 27.62 -4.08 -18.09
N TYR L 409 26.79 -4.75 -17.31
CA TYR L 409 25.66 -5.38 -17.96
C TYR L 409 24.66 -4.37 -18.47
N SER L 410 24.11 -4.62 -19.65
CA SER L 410 23.11 -3.73 -20.22
C SER L 410 21.89 -4.47 -20.71
N PHE L 411 20.78 -4.29 -20.01
CA PHE L 411 19.56 -5.00 -20.32
C PHE L 411 18.54 -4.19 -21.04
N GLY L 412 17.71 -4.86 -21.80
CA GLY L 412 16.62 -4.19 -22.45
C GLY L 412 15.36 -4.47 -21.67
N PHE L 413 14.41 -3.56 -21.75
CA PHE L 413 13.11 -3.75 -21.16
C PHE L 413 12.16 -2.80 -21.84
N GLU L 414 10.87 -2.93 -21.60
CA GLU L 414 9.97 -1.97 -22.20
C GLU L 414 9.03 -1.45 -21.16
N ILE L 415 8.71 -0.17 -21.22
CA ILE L 415 7.76 0.38 -20.26
C ILE L 415 6.42 0.46 -20.92
N LYS L 416 5.40 -0.05 -20.28
CA LYS L 416 4.12 0.01 -20.94
C LYS L 416 3.36 1.30 -20.67
N ASP L 417 3.00 1.99 -21.73
CA ASP L 417 2.22 3.20 -21.67
C ASP L 417 0.78 2.78 -21.81
N LYS L 418 -0.16 3.71 -21.78
CA LYS L 418 -1.55 3.32 -21.89
C LYS L 418 -1.86 2.67 -23.24
N LYS L 419 -1.38 3.27 -24.32
CA LYS L 419 -1.65 2.77 -25.67
C LYS L 419 -0.48 2.13 -26.45
N CYS L 420 0.77 2.29 -25.99
CA CYS L 420 1.98 1.87 -26.69
C CYS L 420 3.12 1.46 -25.75
N ASP L 421 4.14 0.85 -26.32
CA ASP L 421 5.28 0.42 -25.52
C ASP L 421 6.49 1.35 -25.67
N VAL L 422 7.28 1.53 -24.61
CA VAL L 422 8.49 2.37 -24.74
C VAL L 422 9.77 1.58 -24.60
N PRO L 423 10.53 1.37 -25.67
CA PRO L 423 11.78 0.66 -25.62
C PRO L 423 12.72 1.41 -24.71
N CYS L 424 13.41 0.70 -23.78
CA CYS L 424 14.39 1.25 -22.85
C CYS L 424 15.58 0.30 -22.69
N ILE L 425 16.76 0.88 -22.54
CA ILE L 425 18.00 0.14 -22.32
C ILE L 425 18.66 0.61 -21.07
N GLY L 426 19.03 -0.29 -20.18
CA GLY L 426 19.71 0.18 -19.00
C GLY L 426 21.15 -0.27 -18.98
N ILE L 427 21.82 0.08 -17.89
CA ILE L 427 23.20 -0.29 -17.68
C ILE L 427 23.66 -0.32 -16.24
N GLU L 428 24.54 -1.27 -15.95
CA GLU L 428 25.20 -1.44 -14.66
C GLU L 428 26.51 -0.67 -14.50
N MET L 429 26.62 0.07 -13.39
CA MET L 429 27.83 0.78 -12.97
C MET L 429 28.32 0.11 -11.68
N VAL L 430 29.67 -0.02 -11.49
CA VAL L 430 30.27 -0.61 -10.29
C VAL L 430 31.42 0.29 -9.84
N ALA L 441 26.90 -1.37 -6.37
CA ALA L 441 26.66 -1.10 -7.79
C ALA L 441 25.48 -0.09 -7.90
N ALA L 442 25.25 0.41 -9.13
CA ALA L 442 24.23 1.42 -9.49
C ALA L 442 23.76 1.21 -10.90
N THR L 443 22.60 1.74 -11.26
CA THR L 443 22.20 1.59 -12.66
C THR L 443 21.63 2.84 -13.27
N ALA L 444 21.46 2.80 -14.58
CA ALA L 444 20.84 3.91 -15.28
C ALA L 444 19.99 3.42 -16.40
N ILE L 445 18.93 4.14 -16.63
CA ILE L 445 17.99 3.83 -17.67
C ILE L 445 17.94 4.86 -18.76
N TYR L 446 18.07 4.42 -19.99
CA TYR L 446 17.89 5.26 -21.15
C TYR L 446 16.62 4.82 -21.85
N CYS L 447 15.79 5.78 -22.33
CA CYS L 447 14.53 5.46 -23.02
C CYS L 447 14.33 6.23 -24.30
N LEU L 448 13.57 5.62 -25.21
CA LEU L 448 13.23 6.24 -26.48
C LEU L 448 12.21 7.33 -26.28
N MET L 449 12.70 8.53 -26.01
CA MET L 449 11.84 9.67 -25.68
C MET L 449 11.99 10.82 -26.67
N GLY L 450 11.00 11.04 -27.51
CA GLY L 450 11.09 12.14 -28.46
C GLY L 450 12.20 11.92 -29.49
N SER L 451 12.72 13.02 -30.03
CA SER L 451 13.75 13.03 -31.08
C SER L 451 15.00 13.78 -30.67
N GLY L 452 15.84 14.10 -31.66
CA GLY L 452 17.12 14.73 -31.42
C GLY L 452 18.21 13.72 -31.18
N GLN L 453 19.20 14.09 -30.37
CA GLN L 453 20.37 13.27 -30.14
C GLN L 453 20.52 12.90 -28.67
N LEU L 454 21.19 11.80 -28.42
CA LEU L 454 21.43 11.42 -27.04
C LEU L 454 22.44 12.43 -26.47
N LEU L 455 22.20 12.91 -25.24
CA LEU L 455 23.01 13.92 -24.54
C LEU L 455 23.73 13.24 -23.38
C1 NAG M . -13.48 -29.36 -1.13
C2 NAG M . -12.55 -29.67 -2.38
C3 NAG M . -12.50 -28.38 -3.27
C4 NAG M . -13.95 -27.99 -3.72
C5 NAG M . -14.84 -27.76 -2.45
C6 NAG M . -16.29 -27.47 -2.80
C7 NAG M . -10.65 -31.21 -1.81
C8 NAG M . -9.25 -31.42 -1.29
N2 NAG M . -11.16 -29.97 -1.90
O3 NAG M . -11.70 -28.63 -4.44
O4 NAG M . -13.88 -26.81 -4.51
O5 NAG M . -14.82 -28.98 -1.60
O6 NAG M . -16.41 -26.32 -3.66
O7 NAG M . -11.32 -32.20 -2.15
C1 NAG N . -28.95 1.99 15.95
C2 NAG N . -28.68 2.38 14.50
C3 NAG N . -28.58 1.13 13.63
C4 NAG N . -27.50 0.21 14.20
C5 NAG N . -27.83 -0.11 15.65
C6 NAG N . -26.78 -0.96 16.32
C7 NAG N . -29.59 4.54 13.82
C8 NAG N . -30.42 5.15 12.74
N2 NAG N . -29.74 3.23 14.00
O3 NAG N . -28.28 1.49 12.30
O4 NAG N . -27.50 -1.00 13.44
O5 NAG N . -27.93 1.11 16.42
O6 NAG N . -26.52 -2.15 15.56
O7 NAG N . -28.82 5.21 14.50
C1 NAG O . -15.93 23.97 -15.11
C2 NAG O . -16.49 24.33 -13.66
C3 NAG O . -16.85 22.99 -12.94
C4 NAG O . -17.90 22.19 -13.77
C5 NAG O . -17.31 21.90 -15.19
C6 NAG O . -18.29 21.17 -16.11
C7 NAG O . -15.22 26.34 -12.87
C8 NAG O . -14.07 26.92 -12.10
N2 NAG O . -15.42 25.01 -12.88
O3 NAG O . -17.39 23.27 -11.65
O4 NAG O . -18.17 20.95 -13.09
O5 NAG O . -16.94 23.19 -15.86
O6 NAG O . -18.68 19.92 -15.57
O7 NAG O . -15.98 27.11 -13.48
C1 NAG P . -0.67 -8.41 -31.33
C2 NAG P . -0.39 -6.92 -31.51
C3 NAG P . -1.04 -6.16 -30.37
C4 NAG P . -2.53 -6.48 -30.33
C5 NAG P . -2.74 -7.98 -30.21
C6 NAG P . -4.19 -8.39 -30.27
C7 NAG P . 1.63 -5.56 -31.99
C8 NAG P . 3.13 -5.60 -32.08
N2 NAG P . 1.05 -6.68 -31.56
O3 NAG P . -0.83 -4.76 -30.51
O4 NAG P . -3.12 -5.84 -29.20
O5 NAG P . -2.07 -8.67 -31.29
O6 NAG P . -4.96 -7.73 -29.26
O7 NAG P . 0.99 -4.57 -32.30
#